data_7PBZ
#
_entry.id   7PBZ
#
_cell.length_a   1.00
_cell.length_b   1.00
_cell.length_c   1.00
_cell.angle_alpha   90.00
_cell.angle_beta   90.00
_cell.angle_gamma   90.00
#
_symmetry.space_group_name_H-M   'P 1'
#
loop_
_entity.id
_entity.type
_entity.pdbx_description
1 polymer 'Megabody 25'
2 polymer 'Gamma-aminobutyric acid receptor subunit alpha-1'
3 polymer 'Gamma-aminobutyric acid receptor subunit beta-3'
4 polymer 'Gamma-aminobutyric acid receptor subunit alpha-1'
5 branched 2-acetamido-2-deoxy-beta-D-glucopyranose-(1-4)-2-acetamido-2-deoxy-beta-D-glucopyranose
6 branched alpha-D-mannopyranose-(1-6)-beta-D-mannopyranose-(1-4)-2-acetamido-2-deoxy-beta-D-glucopyranose-(1-4)-2-acetamido-2-deoxy-beta-D-glucopyranose
7 branched alpha-D-mannopyranose-(1-3)-[alpha-D-mannopyranose-(1-6)]beta-D-mannopyranose-(1-4)-2-acetamido-2-deoxy-beta-D-glucopyranose-(1-4)-2-acetamido-2-deoxy-beta-D-glucopyranose
8 non-polymer 2-acetamido-2-deoxy-beta-D-glucopyranose
9 non-polymer UNDECANE
10 non-polymer N-OCTANE
11 non-polymer HEXANE
12 non-polymer 'GAMMA-AMINO-BUTANOIC ACID'
13 non-polymer 'ZINC ION'
14 non-polymer HISTAMINE
15 non-polymer DECANE
#
loop_
_entity_poly.entity_id
_entity_poly.type
_entity_poly.pdbx_seq_one_letter_code
_entity_poly.pdbx_strand_id
1 'polypeptide(L)'
;QVQLQESGGGLVQTKTTTSVIDTTNDAQNLLTQAQTIVNTLKDYCPILIAKSSSSNGGTNNANTPSWQTAGGGKNSCATF
GAEFSAASDMINNAQKIVQETQQLSANQPKNITQPHNLNLNSPSSLTALAQKMLKNAQSQAEILKLANQVESDFNKLSSG
HLKDYIGKCDASAISSANMTMQNQKNNWGNGCAGVEETQSLLKTSAADFNNQTPQINQAQNLANTLIQELGNNTYEQLSR
LLTNDNGTNSKTSAQAINQAVNNLNERAKTLAGGTTNSPAYQATLLALRSVLGLWNSMGYAVICGGYTKSPGENNQKDFH
YTDENGNGTTINCGGSTNSNGTHSYNGTNTLKADKNVSLSIEQYEKIHEAYQILSKALKQAGLAPLNSKGEKLEAHVTTS
KYGSLRLSCAASGHTFNYPIMGWFRQAPGKEREFVGAISWSGGSTSYADSVKDRFTISRDNAKNTVYLEMNNLKPEDTAV
YYCAAKGRYSGGLYYPTNYDYWGQGTQVTVSSHHHHHHEPEA
;
F
2 'polypeptide(L)'
;QPSQDELKDNTTVFTRILDRLLDGYDNRLRPGLGERVTEVKTDIFVTSFGPVSDHDMEYTIDVFFRQSWKDERLKFKGPM
TVLRLNNLMASKIWTPDTFFHNGKKSVAHNMTMPNKLLRITEDGTLLYTMRLTVRAECPMHLEDFPMDAHACPLKFGSYA
YTRAEVVYEWTREPARSVVVAEDGSRLNQYDLLGQTVDSGIVQSSTGEYVVMTTHFHLKRKIGYFVIQTYLPCIMTVILS
QVSFWLNRESVPARTVFGVTTVLTMTTLSISARNSLPKVAYATAMDWFIAVCYAFVFSALIEFATVNYFTKSQPARAAKI
DRLSRIAFPLLFGIFNLVYWATYLNREPQLKAPTPHQGTTESTQVAPA
;
A
3 'polypeptide(L)'
;QSVNDPGNMSFVKETVDKLLKGYDIRLRPDFGGPPVCVGMNIDIASIDMVSEVNMDYTLTMYFQQYWRDKRLAYSGIPLN
LTLDNRVADQLWVPDTYFLNDKKSFVHGVTVKNRMIRLHPDGTVLYGLRITTTAACMMDLRRYPLDEQNCTLEIESYGYT
TDDIEFYWRGGDKAVTGVERIELPQFSIVEHRLVSRNVVFATGAYPRLSLSFRLKRNIGYFILQTYMPSILITILSWVSF
WINYDASAARVALGITTVLTMTTINTHLRETLPKIPYVKAIDMYLMGCFVFVFLALLEYAFVNYIFFSQPAGTADLEDNW
ETLNDNLKVIEKADNAAQVKDALTKMRAAALDAQKATPPKLEDKSPDSPEMKDFRHGFDILVGQIDDALKLANEGKVKEA
QAAAEQLKTTRNAYIQKYLTGRAAAIDRWSRIVFPFTFSLFNLVYWLYYVN
;
B,C,E
4 'polypeptide(L)'
;MDEKTTGWRGGHVVEGLAGELEQLRARLEHHPQGQREPDYDIPTTENLYFQGTGQPSQDELKDNTTVFTRILDRLLDGYD
NRLRPGLGERVTEVKTDIFVTSFGPVSDHDMEYTIDVFFRQSWKDERLKFKGPMTVLRLNNLMASKIWTPDTFFHNGKKS
VAHNMTMPNKLLRITEDGTLLYTMRLTVRAECPMHLEDFPMDAHACPLKFGSYAYTRAEVVYEWTREPARSVVVAEDGSR
LNQYDLLGQTVDSGIVQSSTGEYVVMTTHFHLKRKIGYFVIQTYLPCIMTVILSQVSFWLNRESVPARTVFGVTTVLTMT
TLSISARNSLPKVAYATAMDWFIAVCYAFVFSALIEFATVNYFTKSQPARAAKIDRLSRIAFPLLFGIFNLVYWATYLNR
EPQLKAPTPHQ
;
D
#
loop_
_chem_comp.id
_chem_comp.type
_chem_comp.name
_chem_comp.formula
ABU non-polymer 'GAMMA-AMINO-BUTANOIC ACID' 'C4 H9 N O2'
BMA D-saccharide, beta linking beta-D-mannopyranose 'C6 H12 O6'
D10 non-polymer DECANE 'C10 H22'
HEX non-polymer HEXANE 'C6 H14'
HSM non-polymer HISTAMINE 'C5 H9 N3'
MAN D-saccharide, alpha linking alpha-D-mannopyranose 'C6 H12 O6'
NAG D-saccharide, beta linking 2-acetamido-2-deoxy-beta-D-glucopyranose 'C8 H15 N O6'
OCT non-polymer N-OCTANE 'C8 H18'
UND non-polymer UNDECANE 'C11 H24'
ZN non-polymer 'ZINC ION' 'Zn 2'
#
# COMPACT_ATOMS: atom_id res chain seq x y z
N GLN A 1 16.06 -31.54 -1.43
CA GLN A 1 15.80 -33.00 -1.42
C GLN A 1 15.07 -33.38 -0.14
N VAL A 2 14.28 -34.45 -0.20
CA VAL A 2 13.50 -34.93 0.93
C VAL A 2 13.72 -36.44 1.05
N GLN A 3 14.18 -36.86 2.23
CA GLN A 3 14.36 -38.27 2.55
C GLN A 3 13.20 -38.75 3.41
N LEU A 4 12.65 -39.91 3.05
CA LEU A 4 11.44 -40.45 3.67
C LEU A 4 11.72 -41.84 4.22
N GLN A 5 11.23 -42.10 5.43
CA GLN A 5 11.25 -43.42 6.03
C GLN A 5 9.86 -43.74 6.53
N GLU A 6 9.53 -45.04 6.58
CA GLU A 6 8.22 -45.51 7.00
C GLU A 6 8.39 -46.56 8.09
N SER A 7 7.63 -46.39 9.18
CA SER A 7 7.60 -47.35 10.29
C SER A 7 6.20 -47.96 10.34
N GLY A 8 6.14 -49.28 10.20
CA GLY A 8 4.87 -50.00 10.18
C GLY A 8 4.06 -49.84 11.45
N LEU A 405 -4.49 -50.58 14.68
CA LEU A 405 -3.18 -50.56 14.04
C LEU A 405 -2.71 -49.11 13.85
N ARG A 406 -1.42 -48.94 13.60
CA ARG A 406 -0.82 -47.61 13.53
C ARG A 406 0.41 -47.70 12.62
N LEU A 407 0.62 -46.66 11.83
CA LEU A 407 1.77 -46.58 10.92
C LEU A 407 2.20 -45.13 10.86
N SER A 408 3.47 -44.89 10.50
CA SER A 408 3.98 -43.54 10.47
C SER A 408 5.01 -43.39 9.37
N CYS A 409 5.24 -42.14 8.96
CA CYS A 409 6.23 -41.80 7.95
C CYS A 409 6.96 -40.54 8.41
N ALA A 410 8.28 -40.66 8.54
CA ALA A 410 9.14 -39.55 8.91
C ALA A 410 9.80 -38.98 7.67
N ALA A 411 9.93 -37.65 7.63
CA ALA A 411 10.54 -36.95 6.51
C ALA A 411 11.62 -36.01 7.04
N SER A 412 12.64 -35.81 6.21
CA SER A 412 13.75 -34.94 6.57
C SER A 412 14.29 -34.27 5.32
N GLY A 413 14.98 -33.15 5.51
CA GLY A 413 15.56 -32.39 4.42
C GLY A 413 14.81 -31.12 4.12
N HIS A 414 14.58 -30.83 2.84
CA HIS A 414 13.88 -29.61 2.41
C HIS A 414 12.38 -29.84 2.53
N THR A 415 11.92 -29.96 3.78
CA THR A 415 10.51 -30.21 4.03
C THR A 415 9.63 -29.02 3.64
N PHE A 416 10.19 -27.81 3.63
CA PHE A 416 9.38 -26.64 3.31
C PHE A 416 8.98 -26.60 1.84
N ASN A 417 9.88 -27.03 0.96
CA ASN A 417 9.58 -27.02 -0.47
C ASN A 417 8.47 -28.00 -0.84
N TYR A 418 8.22 -29.02 -0.01
CA TYR A 418 7.26 -30.08 -0.30
C TYR A 418 6.35 -30.21 0.91
N PRO A 419 5.35 -29.31 1.06
CA PRO A 419 4.58 -29.29 2.30
C PRO A 419 3.54 -30.40 2.41
N ILE A 420 3.10 -30.96 1.29
CA ILE A 420 2.03 -31.95 1.28
C ILE A 420 2.64 -33.35 1.29
N MET A 421 2.20 -34.16 2.26
CA MET A 421 2.59 -35.56 2.38
C MET A 421 1.39 -36.40 2.00
N GLY A 422 1.57 -37.28 1.02
CA GLY A 422 0.51 -38.10 0.48
C GLY A 422 0.73 -39.56 0.80
N TRP A 423 -0.35 -40.24 1.16
CA TRP A 423 -0.37 -41.66 1.42
C TRP A 423 -1.10 -42.35 0.28
N PHE A 424 -0.44 -43.31 -0.35
CA PHE A 424 -0.98 -44.07 -1.47
C PHE A 424 -0.96 -45.55 -1.14
N ARG A 425 -1.79 -46.31 -1.85
CA ARG A 425 -1.95 -47.74 -1.65
C ARG A 425 -1.88 -48.46 -2.99
N GLN A 426 -1.34 -49.67 -2.98
CA GLN A 426 -1.22 -50.47 -4.20
C GLN A 426 -1.37 -51.94 -3.85
N ALA A 427 -2.34 -52.59 -4.48
CA ALA A 427 -2.52 -54.03 -4.40
C ALA A 427 -1.76 -54.70 -5.53
N PRO A 428 -1.63 -56.03 -5.51
CA PRO A 428 -0.95 -56.71 -6.61
C PRO A 428 -1.61 -56.49 -7.96
N GLY A 429 -2.93 -56.33 -8.00
CA GLY A 429 -3.64 -56.16 -9.25
C GLY A 429 -3.80 -54.72 -9.69
N LYS A 430 -4.32 -53.88 -8.79
CA LYS A 430 -4.60 -52.49 -9.13
C LYS A 430 -3.32 -51.66 -9.07
N GLU A 431 -3.39 -50.48 -9.69
CA GLU A 431 -2.28 -49.55 -9.70
C GLU A 431 -2.27 -48.74 -8.39
N ARG A 432 -1.37 -47.77 -8.29
CA ARG A 432 -1.31 -46.94 -7.11
C ARG A 432 -2.53 -46.05 -7.01
N GLU A 433 -3.20 -46.09 -5.86
CA GLU A 433 -4.40 -45.30 -5.59
C GLU A 433 -4.14 -44.35 -4.42
N PHE A 434 -4.99 -43.34 -4.33
CA PHE A 434 -4.85 -42.30 -3.33
C PHE A 434 -5.55 -42.72 -2.04
N VAL A 435 -4.83 -42.65 -0.92
CA VAL A 435 -5.39 -42.94 0.40
C VAL A 435 -5.65 -41.65 1.17
N GLY A 436 -4.67 -40.76 1.23
CA GLY A 436 -4.86 -39.55 2.01
C GLY A 436 -3.78 -38.53 1.73
N ALA A 437 -3.96 -37.35 2.32
CA ALA A 437 -3.00 -36.26 2.16
C ALA A 437 -3.08 -35.35 3.37
N ILE A 438 -1.93 -34.81 3.76
CA ILE A 438 -1.82 -33.94 4.94
C ILE A 438 -0.81 -32.84 4.64
N SER A 439 -1.16 -31.61 5.03
CA SER A 439 -0.25 -30.49 4.89
C SER A 439 0.74 -30.47 6.05
N TRP A 440 2.02 -30.20 5.73
CA TRP A 440 3.02 -30.08 6.78
C TRP A 440 2.74 -28.88 7.67
N SER A 441 2.12 -27.84 7.14
CA SER A 441 1.75 -26.65 7.89
C SER A 441 0.23 -26.54 7.95
N GLY A 442 -0.31 -26.44 9.16
CA GLY A 442 -1.73 -26.33 9.38
C GLY A 442 -2.44 -27.64 9.66
N GLY A 443 -1.85 -28.77 9.27
CA GLY A 443 -2.44 -30.06 9.57
C GLY A 443 -3.82 -30.27 8.95
N SER A 444 -4.02 -29.78 7.73
CA SER A 444 -5.27 -29.97 7.02
C SER A 444 -5.23 -31.28 6.25
N THR A 445 -6.27 -32.10 6.41
CA THR A 445 -6.28 -33.47 5.91
C THR A 445 -7.31 -33.63 4.81
N SER A 446 -6.97 -34.45 3.82
CA SER A 446 -7.89 -34.87 2.76
C SER A 446 -7.85 -36.37 2.65
N TYR A 447 -9.02 -36.96 2.36
CA TYR A 447 -9.21 -38.41 2.43
C TYR A 447 -9.79 -38.92 1.12
N ALA A 448 -9.55 -40.20 0.86
CA ALA A 448 -10.27 -40.89 -0.20
C ALA A 448 -11.65 -41.31 0.31
N ASP A 449 -12.57 -41.53 -0.64
CA ASP A 449 -13.94 -41.86 -0.28
C ASP A 449 -14.03 -43.18 0.48
N SER A 450 -13.26 -44.18 0.05
CA SER A 450 -13.35 -45.50 0.68
C SER A 450 -12.86 -45.48 2.12
N VAL A 451 -11.87 -44.64 2.43
CA VAL A 451 -11.23 -44.61 3.74
C VAL A 451 -11.50 -43.27 4.41
N LYS A 452 -12.65 -42.68 4.13
CA LYS A 452 -12.95 -41.35 4.67
C LYS A 452 -13.01 -41.35 6.19
N ASP A 453 -13.60 -42.40 6.78
CA ASP A 453 -13.74 -42.52 8.23
C ASP A 453 -12.93 -43.64 8.83
N ARG A 454 -12.59 -44.68 8.06
CA ARG A 454 -11.87 -45.81 8.62
C ARG A 454 -10.42 -45.45 8.96
N PHE A 455 -9.77 -44.68 8.08
CA PHE A 455 -8.38 -44.27 8.27
C PHE A 455 -8.33 -42.79 8.62
N THR A 456 -7.25 -42.40 9.29
CA THR A 456 -7.01 -41.02 9.67
C THR A 456 -5.53 -40.71 9.47
N ILE A 457 -5.23 -39.49 9.03
CA ILE A 457 -3.86 -39.01 8.89
C ILE A 457 -3.72 -37.77 9.78
N SER A 458 -2.66 -37.76 10.58
CA SER A 458 -2.37 -36.65 11.49
C SER A 458 -0.90 -36.27 11.35
N ARG A 459 -0.56 -35.12 11.95
CA ARG A 459 0.71 -34.45 11.75
C ARG A 459 1.40 -34.26 13.10
N ASP A 460 2.73 -34.42 13.10
CA ASP A 460 3.55 -34.10 14.28
C ASP A 460 4.83 -33.45 13.75
N ASN A 461 4.86 -32.11 13.81
CA ASN A 461 5.95 -31.37 13.19
C ASN A 461 7.21 -31.32 14.05
N ALA A 462 7.11 -31.61 15.35
CA ALA A 462 8.30 -31.62 16.21
C ALA A 462 9.28 -32.68 15.75
N LYS A 463 8.78 -33.88 15.46
CA LYS A 463 9.59 -34.96 14.92
C LYS A 463 9.57 -35.00 13.39
N ASN A 464 8.76 -34.15 12.76
CA ASN A 464 8.58 -34.14 11.30
C ASN A 464 8.09 -35.51 10.82
N THR A 465 6.88 -35.86 11.27
CA THR A 465 6.27 -37.15 10.97
C THR A 465 4.79 -36.96 10.66
N VAL A 466 4.27 -37.92 9.88
CA VAL A 466 2.85 -38.02 9.59
C VAL A 466 2.39 -39.42 10.00
N TYR A 467 1.33 -39.48 10.81
CA TYR A 467 0.84 -40.72 11.39
C TYR A 467 -0.44 -41.13 10.68
N LEU A 468 -0.46 -42.34 10.12
CA LEU A 468 -1.65 -42.93 9.54
C LEU A 468 -2.19 -43.96 10.53
N GLU A 469 -3.35 -43.66 11.10
CA GLU A 469 -4.04 -44.56 12.03
C GLU A 469 -5.11 -45.31 11.25
N MET A 470 -5.15 -46.62 11.42
CA MET A 470 -6.06 -47.51 10.70
C MET A 470 -7.04 -48.15 11.67
N ASN A 471 -8.32 -48.15 11.29
CA ASN A 471 -9.38 -48.75 12.09
C ASN A 471 -10.34 -49.47 11.17
N ASN A 472 -11.02 -50.48 11.72
CA ASN A 472 -12.02 -51.25 10.98
C ASN A 472 -11.39 -51.89 9.74
N LEU A 473 -10.42 -52.76 9.99
CA LEU A 473 -9.62 -53.33 8.91
C LEU A 473 -10.40 -54.41 8.17
N LYS A 474 -10.31 -54.37 6.84
CA LYS A 474 -10.86 -55.37 5.94
C LYS A 474 -9.74 -56.10 5.21
N PRO A 475 -10.00 -57.31 4.69
CA PRO A 475 -8.97 -57.97 3.89
C PRO A 475 -8.63 -57.23 2.60
N GLU A 476 -9.55 -56.41 2.08
CA GLU A 476 -9.24 -55.62 0.89
C GLU A 476 -8.14 -54.59 1.15
N ASP A 477 -7.92 -54.20 2.41
CA ASP A 477 -6.85 -53.29 2.74
C ASP A 477 -5.47 -53.91 2.58
N THR A 478 -5.37 -55.23 2.39
CA THR A 478 -4.09 -55.89 2.20
C THR A 478 -3.40 -55.34 0.95
N ALA A 479 -2.29 -54.63 1.14
CA ALA A 479 -1.65 -53.91 0.06
C ALA A 479 -0.34 -53.31 0.59
N VAL A 480 0.42 -52.70 -0.32
CA VAL A 480 1.64 -51.96 0.04
C VAL A 480 1.31 -50.48 0.05
N TYR A 481 1.75 -49.80 1.11
CA TYR A 481 1.47 -48.39 1.32
C TYR A 481 2.74 -47.58 1.06
N TYR A 482 2.56 -46.44 0.39
CA TYR A 482 3.65 -45.56 -0.02
C TYR A 482 3.45 -44.18 0.58
N CYS A 483 4.53 -43.62 1.09
CA CYS A 483 4.59 -42.24 1.57
C CYS A 483 5.32 -41.40 0.53
N ALA A 484 4.71 -40.29 0.11
CA ALA A 484 5.28 -39.44 -0.92
C ALA A 484 5.10 -37.99 -0.53
N ALA A 485 5.84 -37.11 -1.20
CA ALA A 485 5.82 -35.68 -0.95
C ALA A 485 5.56 -34.94 -2.24
N LYS A 486 4.74 -33.89 -2.17
CA LYS A 486 4.33 -33.11 -3.33
C LYS A 486 4.80 -31.66 -3.18
N GLY A 487 5.17 -31.06 -4.30
CA GLY A 487 5.59 -29.68 -4.30
C GLY A 487 4.43 -28.73 -4.09
N ARG A 488 4.78 -27.45 -3.93
CA ARG A 488 3.77 -26.44 -3.65
C ARG A 488 2.82 -26.26 -4.84
N TYR A 489 3.36 -26.23 -6.06
CA TYR A 489 2.59 -26.05 -7.28
C TYR A 489 2.76 -27.31 -8.12
N SER A 490 1.91 -28.31 -7.87
CA SER A 490 1.97 -29.57 -8.61
C SER A 490 0.58 -30.16 -8.87
N GLY A 491 -0.48 -29.36 -8.82
CA GLY A 491 -1.78 -29.85 -9.19
C GLY A 491 -2.49 -30.60 -8.06
N GLY A 492 -3.35 -31.54 -8.45
CA GLY A 492 -4.20 -32.21 -7.52
C GLY A 492 -3.48 -33.21 -6.65
N LEU A 493 -4.17 -33.64 -5.59
CA LEU A 493 -3.60 -34.58 -4.64
C LEU A 493 -3.75 -36.02 -5.10
N TYR A 494 -4.74 -36.32 -5.92
CA TYR A 494 -5.16 -37.70 -6.17
C TYR A 494 -4.29 -38.43 -7.17
N TYR A 495 -3.33 -37.75 -7.81
CA TYR A 495 -2.60 -38.31 -8.94
C TYR A 495 -1.18 -38.65 -8.52
N PRO A 496 -0.73 -39.91 -8.56
CA PRO A 496 0.65 -40.22 -8.11
C PRO A 496 1.73 -39.52 -8.92
N THR A 497 1.45 -39.16 -10.18
CA THR A 497 2.47 -38.56 -11.03
C THR A 497 2.94 -37.22 -10.48
N ASN A 498 2.06 -36.47 -9.81
CA ASN A 498 2.41 -35.16 -9.29
C ASN A 498 3.42 -35.24 -8.15
N TYR A 499 3.53 -36.38 -7.48
CA TYR A 499 4.38 -36.53 -6.31
C TYR A 499 5.79 -36.87 -6.73
N ASP A 500 6.76 -36.11 -6.23
CA ASP A 500 8.14 -36.24 -6.68
C ASP A 500 8.89 -37.35 -5.95
N TYR A 501 9.02 -37.23 -4.63
CA TYR A 501 9.79 -38.16 -3.83
C TYR A 501 8.88 -39.27 -3.30
N TRP A 502 9.28 -40.51 -3.52
CA TRP A 502 8.51 -41.68 -3.12
C TRP A 502 9.29 -42.51 -2.11
N GLY A 503 8.67 -42.75 -0.95
CA GLY A 503 9.30 -43.57 0.06
C GLY A 503 9.19 -45.04 -0.23
N GLN A 504 9.86 -45.83 0.60
CA GLN A 504 9.83 -47.29 0.44
C GLN A 504 8.47 -47.83 0.87
N GLY A 505 7.99 -48.82 0.12
CA GLY A 505 6.69 -49.39 0.42
C GLY A 505 6.68 -50.14 1.73
N THR A 506 5.49 -50.27 2.30
CA THR A 506 5.25 -51.02 3.53
C THR A 506 4.08 -51.95 3.29
N GLN A 507 4.34 -53.25 3.28
CA GLN A 507 3.30 -54.24 3.01
C GLN A 507 2.51 -54.54 4.28
N VAL A 508 1.18 -54.51 4.18
CA VAL A 508 0.30 -54.84 5.29
C VAL A 508 -0.79 -55.78 4.78
N THR A 509 -1.32 -56.59 5.68
CA THR A 509 -2.36 -57.56 5.35
C THR A 509 -3.29 -57.79 6.53
N THR B 11 -38.61 -19.20 -28.23
CA THR B 11 -37.36 -19.60 -28.88
C THR B 11 -36.83 -18.49 -29.76
N THR B 12 -37.45 -18.29 -30.92
CA THR B 12 -37.06 -17.26 -31.87
C THR B 12 -38.00 -16.06 -31.88
N VAL B 13 -39.15 -16.15 -31.22
CA VAL B 13 -40.08 -15.01 -31.15
C VAL B 13 -39.43 -13.85 -30.42
N PHE B 14 -38.71 -14.15 -29.34
CA PHE B 14 -38.11 -13.08 -28.54
C PHE B 14 -37.01 -12.36 -29.31
N THR B 15 -36.24 -13.10 -30.12
CA THR B 15 -35.24 -12.46 -30.96
C THR B 15 -35.90 -11.49 -31.94
N ARG B 16 -37.01 -11.91 -32.54
CA ARG B 16 -37.72 -11.02 -33.46
C ARG B 16 -38.24 -9.80 -32.73
N ILE B 17 -38.74 -9.97 -31.50
CA ILE B 17 -39.25 -8.83 -30.73
C ILE B 17 -38.11 -7.86 -30.44
N LEU B 18 -36.97 -8.38 -29.99
CA LEU B 18 -35.84 -7.51 -29.66
C LEU B 18 -35.33 -6.78 -30.91
N ASP B 19 -35.31 -7.46 -32.05
CA ASP B 19 -34.93 -6.79 -33.29
C ASP B 19 -35.93 -5.71 -33.65
N ARG B 20 -37.22 -5.97 -33.44
CA ARG B 20 -38.24 -4.99 -33.73
C ARG B 20 -38.16 -3.79 -32.78
N LEU B 21 -37.60 -3.97 -31.59
CA LEU B 21 -37.45 -2.84 -30.67
C LEU B 21 -36.27 -1.95 -31.04
N LEU B 22 -35.20 -2.51 -31.59
CA LEU B 22 -33.94 -1.80 -31.79
C LEU B 22 -33.69 -1.39 -33.24
N ASP B 23 -34.74 -1.25 -34.04
CA ASP B 23 -34.64 -0.66 -35.37
C ASP B 23 -35.42 0.67 -35.35
N GLY B 24 -34.73 1.75 -35.71
CA GLY B 24 -35.28 3.08 -35.53
C GLY B 24 -35.10 3.66 -34.16
N TYR B 25 -34.67 2.86 -33.19
CA TYR B 25 -34.40 3.38 -31.85
C TYR B 25 -33.12 4.21 -31.86
N ASP B 26 -33.16 5.33 -31.13
CA ASP B 26 -32.00 6.21 -30.97
C ASP B 26 -31.74 6.37 -29.48
N ASN B 27 -30.70 5.70 -28.98
CA ASN B 27 -30.32 5.82 -27.58
C ASN B 27 -29.79 7.20 -27.23
N ARG B 28 -29.44 8.02 -28.22
CA ARG B 28 -28.97 9.38 -27.94
C ARG B 28 -30.09 10.25 -27.41
N LEU B 29 -31.33 10.01 -27.83
CA LEU B 29 -32.47 10.84 -27.47
C LEU B 29 -33.21 10.21 -26.30
N ARG B 30 -33.53 11.02 -25.30
CA ARG B 30 -34.24 10.52 -24.14
C ARG B 30 -35.71 10.28 -24.49
N PRO B 31 -36.43 9.52 -23.68
CA PRO B 31 -37.88 9.40 -23.89
C PRO B 31 -38.57 10.74 -23.74
N GLY B 32 -39.45 11.06 -24.68
CA GLY B 32 -40.14 12.33 -24.68
C GLY B 32 -39.18 13.50 -24.76
N LEU B 33 -38.40 13.57 -25.84
CA LEU B 33 -37.38 14.60 -25.95
C LEU B 33 -37.98 15.99 -26.05
N GLY B 34 -39.15 16.12 -26.66
CA GLY B 34 -39.83 17.40 -26.78
C GLY B 34 -41.32 17.31 -26.50
N GLU B 35 -41.71 16.33 -25.68
CA GLU B 35 -43.10 16.07 -25.34
C GLU B 35 -43.36 16.20 -23.84
N ARG B 36 -42.49 15.64 -23.01
CA ARG B 36 -42.73 15.58 -21.58
C ARG B 36 -41.39 15.52 -20.87
N VAL B 37 -41.45 15.48 -19.53
CA VAL B 37 -40.27 15.40 -18.68
C VAL B 37 -40.09 13.94 -18.26
N THR B 38 -38.91 13.40 -18.51
CA THR B 38 -38.63 12.01 -18.16
C THR B 38 -38.57 11.87 -16.65
N GLU B 39 -39.51 11.12 -16.08
CA GLU B 39 -39.61 10.91 -14.64
C GLU B 39 -38.92 9.60 -14.29
N VAL B 40 -37.81 9.70 -13.56
CA VAL B 40 -37.03 8.54 -13.15
C VAL B 40 -37.30 8.27 -11.67
N LYS B 41 -37.74 7.07 -11.36
CA LYS B 41 -38.05 6.67 -9.99
C LYS B 41 -36.87 5.87 -9.44
N THR B 42 -36.23 6.38 -8.40
CA THR B 42 -34.99 5.84 -7.87
C THR B 42 -35.22 5.13 -6.55
N ASP B 43 -34.40 4.12 -6.30
CA ASP B 43 -34.44 3.36 -5.06
C ASP B 43 -33.03 2.84 -4.80
N ILE B 44 -32.65 2.80 -3.52
CA ILE B 44 -31.33 2.35 -3.10
C ILE B 44 -31.49 1.29 -2.02
N PHE B 45 -30.70 0.23 -2.13
CA PHE B 45 -30.59 -0.81 -1.09
C PHE B 45 -29.12 -0.87 -0.69
N VAL B 46 -28.81 -0.31 0.48
CA VAL B 46 -27.42 -0.23 0.94
C VAL B 46 -27.01 -1.61 1.43
N THR B 47 -26.26 -2.33 0.59
CA THR B 47 -25.77 -3.65 1.00
C THR B 47 -24.76 -3.53 2.13
N SER B 48 -23.97 -2.46 2.15
CA SER B 48 -23.03 -2.27 3.24
C SER B 48 -22.68 -0.79 3.35
N PHE B 49 -22.42 -0.36 4.58
CA PHE B 49 -21.99 1.01 4.87
C PHE B 49 -20.51 0.92 5.26
N GLY B 50 -19.64 1.10 4.28
CA GLY B 50 -18.22 0.85 4.45
C GLY B 50 -17.57 1.71 5.51
N PRO B 51 -16.26 1.54 5.70
CA PRO B 51 -15.58 2.27 6.77
C PRO B 51 -15.61 3.78 6.52
N VAL B 52 -15.72 4.52 7.62
CA VAL B 52 -15.74 5.98 7.59
C VAL B 52 -14.35 6.47 7.97
N SER B 53 -13.71 7.22 7.08
CA SER B 53 -12.33 7.64 7.23
C SER B 53 -12.31 9.12 7.62
N ASP B 54 -11.99 9.40 8.89
CA ASP B 54 -11.87 10.78 9.34
C ASP B 54 -10.64 11.46 8.74
N HIS B 55 -9.57 10.70 8.50
CA HIS B 55 -8.35 11.30 7.94
C HIS B 55 -8.61 11.85 6.54
N ASP B 56 -9.28 11.07 5.69
CA ASP B 56 -9.62 11.50 4.35
C ASP B 56 -10.99 12.16 4.25
N MET B 57 -11.74 12.23 5.35
CA MET B 57 -13.04 12.90 5.39
C MET B 57 -13.99 12.31 4.34
N GLU B 58 -14.05 10.98 4.33
CA GLU B 58 -14.79 10.24 3.31
C GLU B 58 -15.38 8.98 3.94
N TYR B 59 -16.36 8.41 3.26
CA TYR B 59 -16.95 7.15 3.65
C TYR B 59 -17.32 6.34 2.42
N THR B 60 -17.28 5.02 2.55
CA THR B 60 -17.58 4.09 1.48
C THR B 60 -18.93 3.45 1.73
N ILE B 61 -19.67 3.22 0.65
CA ILE B 61 -21.01 2.62 0.73
C ILE B 61 -21.22 1.75 -0.50
N ASP B 62 -21.58 0.49 -0.28
CA ASP B 62 -21.85 -0.47 -1.35
C ASP B 62 -23.36 -0.66 -1.44
N VAL B 63 -23.91 -0.36 -2.62
CA VAL B 63 -25.35 -0.25 -2.81
C VAL B 63 -25.80 -0.95 -4.09
N PHE B 64 -27.07 -1.35 -4.10
CA PHE B 64 -27.82 -1.67 -5.32
C PHE B 64 -28.60 -0.41 -5.69
N PHE B 65 -28.12 0.30 -6.70
CA PHE B 65 -28.76 1.51 -7.18
C PHE B 65 -29.79 1.13 -8.24
N ARG B 66 -31.06 1.37 -7.94
CA ARG B 66 -32.17 1.01 -8.81
C ARG B 66 -32.75 2.28 -9.45
N GLN B 67 -33.04 2.20 -10.75
CA GLN B 67 -33.69 3.28 -11.47
C GLN B 67 -34.82 2.69 -12.28
N SER B 68 -35.87 3.49 -12.51
CA SER B 68 -37.02 3.02 -13.25
C SER B 68 -37.64 4.18 -14.01
N TRP B 69 -38.01 3.92 -15.26
CA TRP B 69 -38.64 4.95 -16.07
C TRP B 69 -39.44 4.30 -17.18
N LYS B 70 -40.31 5.09 -17.80
CA LYS B 70 -41.18 4.63 -18.87
C LYS B 70 -40.63 5.10 -20.22
N ASP B 71 -40.42 4.15 -21.13
CA ASP B 71 -39.95 4.41 -22.48
C ASP B 71 -40.97 3.81 -23.45
N GLU B 72 -41.74 4.68 -24.10
CA GLU B 72 -42.78 4.21 -25.00
C GLU B 72 -42.23 3.57 -26.27
N ARG B 73 -40.97 3.86 -26.61
CA ARG B 73 -40.38 3.25 -27.79
C ARG B 73 -40.12 1.76 -27.61
N LEU B 74 -40.12 1.27 -26.37
CA LEU B 74 -39.83 -0.13 -26.06
C LEU B 74 -41.09 -0.92 -25.69
N LYS B 75 -42.26 -0.44 -26.10
CA LYS B 75 -43.48 -1.21 -25.90
C LYS B 75 -43.46 -2.44 -26.82
N PHE B 76 -44.03 -3.53 -26.32
CA PHE B 76 -44.09 -4.76 -27.10
C PHE B 76 -45.26 -5.60 -26.61
N LYS B 77 -45.62 -6.59 -27.42
CA LYS B 77 -46.61 -7.60 -27.06
C LYS B 77 -46.01 -8.96 -27.34
N GLY B 78 -46.08 -9.86 -26.38
CA GLY B 78 -45.48 -11.16 -26.50
C GLY B 78 -45.96 -12.14 -25.44
N PRO B 79 -45.44 -13.36 -25.47
CA PRO B 79 -45.86 -14.36 -24.47
C PRO B 79 -45.56 -13.95 -23.04
N MET B 80 -44.45 -13.25 -22.80
CA MET B 80 -44.00 -12.91 -21.47
C MET B 80 -44.34 -11.45 -21.17
N THR B 81 -44.88 -11.20 -19.97
CA THR B 81 -45.19 -9.84 -19.56
C THR B 81 -43.92 -9.00 -19.44
N VAL B 82 -42.86 -9.58 -18.88
CA VAL B 82 -41.61 -8.88 -18.60
C VAL B 82 -40.46 -9.66 -19.23
N LEU B 83 -39.62 -8.95 -19.98
CA LEU B 83 -38.38 -9.50 -20.50
C LEU B 83 -37.25 -9.15 -19.53
N ARG B 84 -36.65 -10.18 -18.93
CA ARG B 84 -35.54 -10.04 -17.99
C ARG B 84 -34.25 -10.17 -18.77
N LEU B 85 -33.87 -9.08 -19.45
CA LEU B 85 -32.74 -9.14 -20.36
C LEU B 85 -31.43 -8.91 -19.61
N ASN B 86 -30.35 -9.36 -20.22
CA ASN B 86 -29.04 -9.21 -19.60
C ASN B 86 -28.55 -7.77 -19.78
N ASN B 87 -27.37 -7.49 -19.23
CA ASN B 87 -26.83 -6.13 -19.24
C ASN B 87 -26.34 -5.69 -20.61
N LEU B 88 -26.11 -6.63 -21.54
CA LEU B 88 -25.70 -6.25 -22.89
C LEU B 88 -26.74 -5.34 -23.55
N MET B 89 -28.02 -5.60 -23.27
CA MET B 89 -29.08 -4.76 -23.81
C MET B 89 -29.01 -3.34 -23.27
N ALA B 90 -28.44 -3.15 -22.07
CA ALA B 90 -28.47 -1.84 -21.43
C ALA B 90 -27.68 -0.81 -22.23
N SER B 91 -26.63 -1.24 -22.93
CA SER B 91 -25.82 -0.30 -23.69
C SER B 91 -26.51 0.17 -24.98
N LYS B 92 -27.51 -0.56 -25.45
CA LYS B 92 -28.16 -0.27 -26.72
C LYS B 92 -29.42 0.59 -26.56
N ILE B 93 -29.74 1.05 -25.36
CA ILE B 93 -30.92 1.87 -25.11
C ILE B 93 -30.51 3.07 -24.27
N TRP B 94 -31.38 4.06 -24.23
CA TRP B 94 -31.14 5.24 -23.41
C TRP B 94 -31.32 4.88 -21.94
N THR B 95 -30.37 5.32 -21.11
CA THR B 95 -30.43 5.20 -19.67
C THR B 95 -30.06 6.54 -19.05
N PRO B 96 -30.58 6.87 -17.87
CA PRO B 96 -30.26 8.16 -17.28
C PRO B 96 -28.79 8.27 -16.92
N ASP B 97 -28.25 9.48 -17.05
CA ASP B 97 -26.85 9.75 -16.76
C ASP B 97 -26.66 10.17 -15.30
N THR B 98 -27.16 9.35 -14.39
CA THR B 98 -27.08 9.66 -12.97
C THR B 98 -25.63 9.65 -12.49
N PHE B 99 -25.31 10.57 -11.59
CA PHE B 99 -23.99 10.67 -11.01
C PHE B 99 -24.12 11.19 -9.59
N PHE B 100 -23.12 10.90 -8.77
CA PHE B 100 -23.10 11.29 -7.38
C PHE B 100 -22.33 12.59 -7.23
N HIS B 101 -23.00 13.62 -6.72
CA HIS B 101 -22.38 14.94 -6.64
C HIS B 101 -21.17 14.93 -5.72
N ASN B 102 -21.27 14.24 -4.60
CA ASN B 102 -20.22 14.20 -3.59
C ASN B 102 -19.33 12.97 -3.70
N GLY B 103 -19.43 12.20 -4.79
CA GLY B 103 -18.56 11.06 -4.96
C GLY B 103 -17.12 11.47 -5.25
N LYS B 104 -16.19 10.66 -4.77
CA LYS B 104 -14.75 10.85 -5.00
C LYS B 104 -14.21 9.86 -6.02
N LYS B 105 -14.38 8.57 -5.77
CA LYS B 105 -13.96 7.54 -6.73
C LYS B 105 -14.88 6.34 -6.51
N SER B 106 -15.96 6.30 -7.27
CA SER B 106 -16.86 5.15 -7.28
C SER B 106 -16.42 4.16 -8.33
N VAL B 107 -16.92 2.94 -8.21
CA VAL B 107 -16.61 1.86 -9.15
C VAL B 107 -17.86 1.01 -9.34
N ALA B 108 -18.24 0.81 -10.60
CA ALA B 108 -19.30 -0.11 -10.96
C ALA B 108 -18.69 -1.49 -11.13
N HIS B 109 -19.08 -2.42 -10.26
CA HIS B 109 -18.40 -3.71 -10.19
C HIS B 109 -18.60 -4.51 -11.47
N ASN B 110 -17.58 -5.31 -11.80
CA ASN B 110 -17.49 -6.03 -13.07
C ASN B 110 -17.09 -7.48 -12.84
N MET B 111 -17.61 -8.08 -11.76
CA MET B 111 -17.29 -9.48 -11.43
C MET B 111 -17.92 -10.41 -12.44
N THR B 112 -17.14 -10.81 -13.43
CA THR B 112 -17.43 -11.74 -14.51
C THR B 112 -18.35 -11.15 -15.58
N MET B 113 -19.02 -10.04 -15.30
CA MET B 113 -19.83 -9.26 -16.23
C MET B 113 -20.11 -7.92 -15.55
N PRO B 114 -20.55 -6.92 -16.30
CA PRO B 114 -21.07 -5.71 -15.63
C PRO B 114 -22.24 -6.07 -14.73
N ASN B 115 -22.12 -5.74 -13.45
CA ASN B 115 -23.14 -6.08 -12.46
C ASN B 115 -24.34 -5.14 -12.64
N LYS B 116 -25.10 -5.42 -13.69
CA LYS B 116 -26.29 -4.66 -14.04
C LYS B 116 -27.39 -5.64 -14.41
N LEU B 117 -28.64 -5.20 -14.25
CA LEU B 117 -29.77 -5.95 -14.75
C LEU B 117 -30.79 -5.00 -15.37
N LEU B 118 -31.43 -5.48 -16.43
CA LEU B 118 -32.39 -4.72 -17.22
C LEU B 118 -33.67 -5.55 -17.33
N ARG B 119 -34.81 -4.94 -17.04
CA ARG B 119 -36.10 -5.60 -17.13
C ARG B 119 -37.08 -4.68 -17.82
N ILE B 120 -37.66 -5.14 -18.93
CA ILE B 120 -38.56 -4.33 -19.75
C ILE B 120 -39.95 -4.95 -19.68
N THR B 121 -40.93 -4.16 -19.23
CA THR B 121 -42.32 -4.59 -19.17
C THR B 121 -43.02 -4.25 -20.49
N GLU B 122 -44.12 -4.96 -20.75
CA GLU B 122 -44.82 -4.80 -22.02
C GLU B 122 -45.37 -3.39 -22.19
N ASP B 123 -45.70 -2.71 -21.10
CA ASP B 123 -46.29 -1.37 -21.17
C ASP B 123 -45.25 -0.27 -21.39
N GLY B 124 -43.99 -0.62 -21.63
CA GLY B 124 -42.93 0.34 -21.82
C GLY B 124 -42.13 0.65 -20.56
N THR B 125 -42.61 0.23 -19.40
CA THR B 125 -41.88 0.45 -18.16
C THR B 125 -40.55 -0.29 -18.21
N LEU B 126 -39.56 0.24 -17.50
CA LEU B 126 -38.19 -0.23 -17.62
C LEU B 126 -37.48 -0.06 -16.29
N LEU B 127 -37.01 -1.17 -15.73
CA LEU B 127 -36.22 -1.18 -14.51
C LEU B 127 -34.77 -1.48 -14.87
N TYR B 128 -33.86 -0.74 -14.25
CA TYR B 128 -32.44 -0.82 -14.53
C TYR B 128 -31.71 -0.70 -13.20
N THR B 129 -31.09 -1.80 -12.75
CA THR B 129 -30.41 -1.81 -11.46
C THR B 129 -28.92 -2.10 -11.67
N MET B 130 -28.12 -1.54 -10.77
CA MET B 130 -26.67 -1.52 -10.87
C MET B 130 -26.08 -1.75 -9.49
N ARG B 131 -24.89 -2.32 -9.44
CA ARG B 131 -24.17 -2.54 -8.19
C ARG B 131 -22.99 -1.58 -8.15
N LEU B 132 -22.93 -0.75 -7.10
CA LEU B 132 -21.94 0.32 -7.02
C LEU B 132 -21.28 0.30 -5.65
N THR B 133 -20.03 0.77 -5.63
CA THR B 133 -19.28 1.04 -4.41
C THR B 133 -18.86 2.50 -4.48
N VAL B 134 -19.65 3.36 -3.87
CA VAL B 134 -19.43 4.81 -3.92
C VAL B 134 -18.56 5.21 -2.74
N ARG B 135 -17.45 5.87 -3.03
CA ARG B 135 -16.55 6.41 -2.01
C ARG B 135 -16.80 7.92 -1.96
N ALA B 136 -17.79 8.31 -1.16
CA ALA B 136 -18.23 9.69 -1.11
C ALA B 136 -17.44 10.47 -0.07
N GLU B 137 -17.49 11.80 -0.19
CA GLU B 137 -16.79 12.71 0.71
C GLU B 137 -17.77 13.21 1.77
N CYS B 138 -17.34 13.15 3.03
CA CYS B 138 -18.16 13.56 4.17
C CYS B 138 -17.51 14.77 4.83
N PRO B 139 -18.00 15.99 4.65
CA PRO B 139 -17.41 17.12 5.39
C PRO B 139 -17.68 16.99 6.87
N MET B 140 -16.61 16.98 7.66
CA MET B 140 -16.67 16.69 9.09
C MET B 140 -16.16 17.89 9.87
N HIS B 141 -16.88 18.26 10.91
CA HIS B 141 -16.45 19.25 11.89
C HIS B 141 -16.07 18.51 13.17
N LEU B 142 -14.78 18.47 13.47
CA LEU B 142 -14.23 17.59 14.49
C LEU B 142 -13.82 18.33 15.76
N GLU B 143 -14.53 19.40 16.11
CA GLU B 143 -14.20 20.13 17.33
C GLU B 143 -14.44 19.26 18.56
N ASP B 144 -15.53 18.48 18.56
CA ASP B 144 -15.89 17.63 19.69
C ASP B 144 -15.28 16.23 19.58
N PHE B 145 -14.21 16.07 18.82
CA PHE B 145 -13.55 14.78 18.71
C PHE B 145 -13.02 14.35 20.08
N PRO B 146 -13.20 13.09 20.49
CA PRO B 146 -13.84 11.93 19.87
C PRO B 146 -15.34 11.81 20.17
N MET B 147 -15.95 12.83 20.76
CA MET B 147 -17.36 12.84 21.07
C MET B 147 -18.23 13.39 19.94
N ASP B 148 -17.64 13.70 18.80
CA ASP B 148 -18.37 14.31 17.70
C ASP B 148 -19.38 13.34 17.08
N ALA B 149 -20.35 13.92 16.37
CA ALA B 149 -21.32 13.18 15.59
C ALA B 149 -21.52 13.89 14.26
N HIS B 150 -21.69 13.11 13.20
CA HIS B 150 -21.74 13.62 11.83
C HIS B 150 -23.04 13.20 11.15
N ALA B 151 -23.33 13.90 10.04
CA ALA B 151 -24.43 13.57 9.14
C ALA B 151 -23.84 13.55 7.73
N CYS B 152 -23.30 12.40 7.35
CA CYS B 152 -22.58 12.31 6.08
C CYS B 152 -23.58 12.28 4.92
N PRO B 153 -23.39 13.10 3.88
CA PRO B 153 -24.39 13.16 2.81
C PRO B 153 -24.12 12.18 1.67
N LEU B 154 -25.17 11.92 0.91
CA LEU B 154 -25.10 11.18 -0.35
C LEU B 154 -26.05 11.89 -1.31
N LYS B 155 -25.49 12.63 -2.25
CA LYS B 155 -26.26 13.43 -3.21
C LYS B 155 -26.05 12.86 -4.60
N PHE B 156 -27.15 12.68 -5.34
CA PHE B 156 -27.04 12.20 -6.71
C PHE B 156 -28.10 12.86 -7.59
N GLY B 157 -27.81 12.90 -8.88
CA GLY B 157 -28.72 13.50 -9.84
C GLY B 157 -28.16 13.36 -11.24
N SER B 158 -28.92 13.86 -12.20
CA SER B 158 -28.49 13.78 -13.59
C SER B 158 -27.37 14.77 -13.85
N TYR B 159 -26.43 14.38 -14.70
CA TYR B 159 -25.29 15.23 -15.04
C TYR B 159 -25.62 16.23 -16.13
N ALA B 160 -26.29 15.80 -17.19
CA ALA B 160 -26.53 16.62 -18.37
C ALA B 160 -27.94 17.19 -18.44
N TYR B 161 -28.95 16.42 -18.06
CA TYR B 161 -30.34 16.83 -18.24
C TYR B 161 -30.79 17.69 -17.08
N THR B 162 -31.37 18.84 -17.39
CA THR B 162 -31.76 19.83 -16.39
C THR B 162 -33.10 19.41 -15.77
N ARG B 163 -33.66 20.31 -14.95
CA ARG B 163 -34.94 20.03 -14.30
C ARG B 163 -36.06 19.89 -15.30
N ALA B 164 -35.99 20.60 -16.43
CA ALA B 164 -37.04 20.56 -17.43
C ALA B 164 -36.97 19.35 -18.34
N GLU B 165 -35.94 18.52 -18.22
CA GLU B 165 -35.75 17.35 -19.07
C GLU B 165 -35.85 16.04 -18.32
N VAL B 166 -35.12 15.90 -17.22
CA VAL B 166 -35.14 14.69 -16.40
C VAL B 166 -35.42 15.10 -14.95
N VAL B 167 -36.39 14.44 -14.34
CA VAL B 167 -36.78 14.68 -12.95
C VAL B 167 -36.69 13.37 -12.20
N TYR B 168 -36.06 13.40 -11.03
CA TYR B 168 -35.88 12.21 -10.21
C TYR B 168 -36.92 12.18 -9.09
N GLU B 169 -37.33 10.97 -8.74
CA GLU B 169 -38.29 10.76 -7.67
C GLU B 169 -37.94 9.48 -6.93
N TRP B 170 -38.49 9.34 -5.74
CA TRP B 170 -38.32 8.14 -4.93
C TRP B 170 -39.40 7.12 -5.29
N THR B 171 -39.02 5.85 -5.30
CA THR B 171 -39.90 4.82 -5.86
C THR B 171 -41.20 4.70 -5.07
N ARG B 172 -41.10 4.54 -3.75
CA ARG B 172 -42.26 4.31 -2.90
C ARG B 172 -42.46 5.38 -1.85
N GLU B 173 -41.40 5.85 -1.21
CA GLU B 173 -41.49 6.86 -0.17
C GLU B 173 -40.09 7.38 0.10
N PRO B 174 -39.90 8.65 0.51
CA PRO B 174 -38.55 9.09 0.86
C PRO B 174 -37.93 8.29 1.99
N ALA B 175 -38.71 7.96 3.02
CA ALA B 175 -38.15 7.26 4.17
C ALA B 175 -37.88 5.80 3.85
N ARG B 176 -38.80 5.14 3.15
CA ARG B 176 -38.70 3.71 2.90
C ARG B 176 -37.93 3.36 1.63
N SER B 177 -37.40 4.36 0.91
CA SER B 177 -36.65 4.07 -0.30
C SER B 177 -35.25 3.56 0.03
N VAL B 178 -34.44 4.38 0.70
CA VAL B 178 -33.10 3.96 1.08
C VAL B 178 -33.23 2.92 2.19
N VAL B 179 -32.90 1.68 1.88
CA VAL B 179 -32.98 0.56 2.82
C VAL B 179 -31.57 0.07 3.10
N VAL B 180 -31.25 -0.15 4.37
CA VAL B 180 -29.95 -0.60 4.81
C VAL B 180 -30.07 -2.04 5.27
N ALA B 181 -29.19 -2.91 4.76
CA ALA B 181 -29.19 -4.30 5.17
C ALA B 181 -28.87 -4.42 6.65
N GLU B 182 -29.53 -5.36 7.33
CA GLU B 182 -29.34 -5.52 8.76
C GLU B 182 -27.93 -5.98 9.09
N ASP B 183 -27.34 -6.82 8.24
CA ASP B 183 -26.01 -7.36 8.48
C ASP B 183 -24.89 -6.52 7.88
N GLY B 184 -25.20 -5.55 7.03
CA GLY B 184 -24.20 -4.73 6.39
C GLY B 184 -23.82 -3.50 7.20
N SER B 185 -23.09 -3.69 8.29
CA SER B 185 -22.66 -2.57 9.13
C SER B 185 -21.30 -2.03 8.68
N ARG B 186 -20.26 -2.86 8.76
CA ARG B 186 -18.91 -2.49 8.31
C ARG B 186 -18.41 -1.20 8.97
N LEU B 187 -18.86 -0.93 10.19
CA LEU B 187 -18.50 0.27 10.94
C LEU B 187 -17.85 -0.16 12.23
N ASN B 188 -16.61 0.28 12.45
CA ASN B 188 -15.85 -0.10 13.63
C ASN B 188 -16.02 0.90 14.77
N GLN B 189 -15.83 2.19 14.49
CA GLN B 189 -15.86 3.25 15.49
C GLN B 189 -17.01 4.22 15.25
N TYR B 190 -18.12 3.73 14.72
CA TYR B 190 -19.30 4.55 14.51
C TYR B 190 -20.55 3.72 14.71
N ASP B 191 -21.64 4.41 15.08
CA ASP B 191 -22.98 3.85 15.17
C ASP B 191 -23.86 4.62 14.21
N LEU B 192 -24.60 3.88 13.38
CA LEU B 192 -25.48 4.47 12.37
C LEU B 192 -26.84 4.71 13.00
N LEU B 193 -27.14 5.97 13.29
CA LEU B 193 -28.41 6.35 13.92
C LEU B 193 -29.46 6.68 12.88
N GLY B 194 -29.69 5.77 11.95
CA GLY B 194 -30.67 5.99 10.91
C GLY B 194 -30.21 7.00 9.88
N GLN B 195 -31.13 7.34 8.98
CA GLN B 195 -30.85 8.28 7.91
C GLN B 195 -32.10 9.11 7.64
N THR B 196 -31.89 10.24 6.97
CA THR B 196 -32.98 11.12 6.54
C THR B 196 -32.83 11.38 5.04
N VAL B 197 -33.93 11.25 4.31
CA VAL B 197 -33.96 11.32 2.86
C VAL B 197 -34.70 12.59 2.46
N ASP B 198 -34.23 13.23 1.38
CA ASP B 198 -34.78 14.51 0.96
C ASP B 198 -34.54 14.69 -0.52
N SER B 199 -35.24 15.67 -1.09
CA SER B 199 -35.12 16.06 -2.49
C SER B 199 -34.90 17.57 -2.56
N GLY B 200 -34.33 18.01 -3.67
CA GLY B 200 -34.13 19.43 -3.85
C GLY B 200 -33.68 19.76 -5.25
N ILE B 201 -33.39 21.05 -5.45
CA ILE B 201 -32.93 21.58 -6.72
C ILE B 201 -31.63 22.34 -6.48
N VAL B 202 -30.64 22.09 -7.32
CA VAL B 202 -29.34 22.76 -7.27
C VAL B 202 -29.19 23.58 -8.53
N GLN B 203 -28.94 24.88 -8.36
CA GLN B 203 -28.66 25.77 -9.47
C GLN B 203 -27.19 25.65 -9.85
N SER B 204 -26.90 25.83 -11.12
CA SER B 204 -25.54 25.70 -11.64
C SER B 204 -25.40 26.61 -12.85
N SER B 205 -24.18 26.68 -13.38
CA SER B 205 -23.92 27.52 -14.54
C SER B 205 -24.72 27.05 -15.75
N THR B 206 -24.79 25.73 -15.96
CA THR B 206 -25.51 25.21 -17.11
C THR B 206 -27.03 25.29 -16.92
N GLY B 207 -27.51 25.06 -15.70
CA GLY B 207 -28.94 25.16 -15.44
C GLY B 207 -29.28 24.55 -14.09
N GLU B 208 -30.59 24.45 -13.86
CA GLU B 208 -31.11 23.85 -12.63
C GLU B 208 -31.17 22.34 -12.78
N TYR B 209 -30.85 21.64 -11.69
CA TYR B 209 -30.82 20.19 -11.69
C TYR B 209 -31.51 19.66 -10.45
N VAL B 210 -32.16 18.50 -10.59
CA VAL B 210 -32.82 17.85 -9.46
C VAL B 210 -31.81 16.97 -8.75
N VAL B 211 -31.75 17.09 -7.42
CA VAL B 211 -30.77 16.38 -6.60
C VAL B 211 -31.51 15.62 -5.51
N MET B 212 -31.29 14.31 -5.45
CA MET B 212 -31.77 13.47 -4.37
C MET B 212 -30.68 13.36 -3.32
N THR B 213 -31.02 13.64 -2.06
CA THR B 213 -30.07 13.67 -0.95
C THR B 213 -30.48 12.65 0.10
N THR B 214 -29.47 12.06 0.73
CA THR B 214 -29.66 11.13 1.84
C THR B 214 -28.55 11.33 2.84
N HIS B 215 -28.89 11.78 4.05
CA HIS B 215 -27.92 12.01 5.11
C HIS B 215 -27.95 10.82 6.06
N PHE B 216 -26.79 10.21 6.26
CA PHE B 216 -26.61 9.11 7.22
C PHE B 216 -26.01 9.70 8.49
N HIS B 217 -26.71 9.50 9.61
CA HIS B 217 -26.29 10.05 10.88
C HIS B 217 -25.40 9.05 11.61
N LEU B 218 -24.18 9.48 11.94
CA LEU B 218 -23.16 8.64 12.56
C LEU B 218 -22.73 9.25 13.88
N LYS B 219 -22.49 8.39 14.87
CA LYS B 219 -21.99 8.81 16.17
C LYS B 219 -20.78 7.97 16.55
N ARG B 220 -19.69 8.63 16.92
CA ARG B 220 -18.48 7.92 17.28
C ARG B 220 -18.67 7.11 18.55
N LYS B 221 -17.90 6.03 18.67
CA LYS B 221 -17.79 5.25 19.89
C LYS B 221 -16.58 5.74 20.67
N ILE B 222 -16.76 5.91 21.98
CA ILE B 222 -15.74 6.53 22.82
C ILE B 222 -14.90 5.52 23.60
N GLY B 223 -15.27 4.24 23.60
CA GLY B 223 -14.58 3.27 24.44
C GLY B 223 -13.12 3.11 24.07
N TYR B 224 -12.81 3.14 22.77
CA TYR B 224 -11.41 3.01 22.34
C TYR B 224 -10.55 4.12 22.92
N PHE B 225 -10.98 5.36 22.75
CA PHE B 225 -10.19 6.48 23.26
C PHE B 225 -10.15 6.48 24.78
N VAL B 226 -11.26 6.14 25.43
CA VAL B 226 -11.30 6.14 26.89
C VAL B 226 -10.27 5.16 27.45
N ILE B 227 -10.21 3.95 26.88
CA ILE B 227 -9.29 2.95 27.43
C ILE B 227 -7.87 3.13 26.93
N GLN B 228 -7.65 3.85 25.82
CA GLN B 228 -6.32 3.91 25.21
C GLN B 228 -5.58 5.22 25.49
N THR B 229 -6.28 6.36 25.53
CA THR B 229 -5.65 7.68 25.65
C THR B 229 -6.03 8.40 26.93
N TYR B 230 -7.33 8.50 27.25
CA TYR B 230 -7.74 9.30 28.40
C TYR B 230 -7.25 8.68 29.71
N LEU B 231 -7.49 7.37 29.89
CA LEU B 231 -7.19 6.77 31.19
C LEU B 231 -5.69 6.78 31.49
N PRO B 232 -4.79 6.44 30.54
CA PRO B 232 -3.35 6.59 30.85
C PRO B 232 -2.95 8.01 31.24
N CYS B 233 -3.52 9.03 30.60
CA CYS B 233 -3.16 10.39 30.98
C CYS B 233 -3.63 10.71 32.40
N ILE B 234 -4.83 10.23 32.76
CA ILE B 234 -5.32 10.44 34.12
C ILE B 234 -4.43 9.74 35.13
N MET B 235 -3.99 8.51 34.81
CA MET B 235 -3.07 7.80 35.69
C MET B 235 -1.74 8.54 35.82
N THR B 236 -1.20 9.09 34.73
CA THR B 236 0.08 9.79 34.82
C THR B 236 -0.03 11.06 35.65
N VAL B 237 -1.12 11.82 35.50
CA VAL B 237 -1.24 13.03 36.32
C VAL B 237 -1.46 12.66 37.78
N ILE B 238 -2.20 11.57 38.04
CA ILE B 238 -2.35 11.11 39.42
C ILE B 238 -0.98 10.75 40.00
N LEU B 239 -0.14 10.10 39.20
CA LEU B 239 1.23 9.82 39.63
C LEU B 239 1.96 11.12 39.93
N SER B 240 1.88 12.10 39.03
CA SER B 240 2.56 13.37 39.25
C SER B 240 2.11 14.03 40.53
N GLN B 241 0.85 13.84 40.90
CA GLN B 241 0.32 14.39 42.15
C GLN B 241 0.67 13.57 43.38
N VAL B 242 1.05 12.29 43.23
CA VAL B 242 1.52 11.58 44.42
C VAL B 242 2.90 12.07 44.88
N SER B 243 3.60 12.84 44.04
CA SER B 243 4.91 13.36 44.41
C SER B 243 4.87 14.20 45.67
N PHE B 244 3.74 14.87 45.93
CA PHE B 244 3.66 15.79 47.06
C PHE B 244 3.74 15.04 48.37
N TRP B 245 3.25 13.79 48.41
CA TRP B 245 3.25 13.03 49.65
C TRP B 245 4.65 12.51 49.99
N LEU B 246 5.51 12.33 49.00
CA LEU B 246 6.87 11.88 49.27
C LEU B 246 7.63 12.92 50.09
N ASN B 247 8.59 12.44 50.88
CA ASN B 247 9.34 13.31 51.76
C ASN B 247 10.12 14.35 50.95
N ARG B 248 10.13 15.59 51.45
CA ARG B 248 10.81 16.66 50.75
C ARG B 248 12.33 16.58 50.86
N GLU B 249 12.86 15.76 51.76
CA GLU B 249 14.31 15.59 51.88
C GLU B 249 14.89 14.70 50.79
N SER B 250 14.05 13.94 50.07
CA SER B 250 14.50 13.06 48.99
C SER B 250 14.46 13.87 47.69
N VAL B 251 15.42 14.79 47.56
CA VAL B 251 15.48 15.62 46.36
C VAL B 251 15.71 14.80 45.09
N PRO B 252 16.67 13.87 45.03
CA PRO B 252 16.82 13.08 43.80
C PRO B 252 15.59 12.26 43.46
N ALA B 253 14.92 11.71 44.46
CA ALA B 253 13.74 10.88 44.19
C ALA B 253 12.62 11.70 43.57
N ARG B 254 12.31 12.84 44.16
CA ARG B 254 11.25 13.68 43.60
C ARG B 254 11.64 14.24 42.24
N THR B 255 12.93 14.58 42.05
CA THR B 255 13.36 15.10 40.75
C THR B 255 13.21 14.05 39.66
N VAL B 256 13.71 12.84 39.88
CA VAL B 256 13.58 11.80 38.86
C VAL B 256 12.12 11.46 38.66
N PHE B 257 11.33 11.45 39.73
CA PHE B 257 9.92 11.10 39.60
C PHE B 257 9.20 12.11 38.71
N GLY B 258 9.40 13.40 38.96
CA GLY B 258 8.76 14.42 38.16
C GLY B 258 9.22 14.47 36.73
N VAL B 259 10.53 14.38 36.48
CA VAL B 259 10.99 14.47 35.10
C VAL B 259 10.58 13.24 34.30
N THR B 260 10.61 12.06 34.93
CA THR B 260 10.16 10.87 34.22
C THR B 260 8.66 10.89 34.00
N THR B 261 7.90 11.52 34.91
CA THR B 261 6.48 11.70 34.66
C THR B 261 6.24 12.64 33.48
N VAL B 262 7.05 13.69 33.38
CA VAL B 262 6.94 14.59 32.23
C VAL B 262 7.23 13.84 30.93
N LEU B 263 8.25 12.97 30.96
CA LEU B 263 8.58 12.18 29.78
C LEU B 263 7.46 11.18 29.45
N THR B 264 6.85 10.58 30.49
CA THR B 264 5.74 9.67 30.26
C THR B 264 4.55 10.39 29.62
N MET B 265 4.26 11.60 30.09
CA MET B 265 3.17 12.38 29.50
C MET B 265 3.50 12.79 28.07
N THR B 266 4.76 13.11 27.79
CA THR B 266 5.15 13.42 26.41
C THR B 266 4.95 12.22 25.50
N THR B 267 5.34 11.03 25.97
CA THR B 267 5.15 9.83 25.16
C THR B 267 3.67 9.54 24.96
N LEU B 268 2.85 9.78 25.99
CA LEU B 268 1.41 9.57 25.83
C LEU B 268 0.81 10.54 24.83
N SER B 269 1.24 11.80 24.87
CA SER B 269 0.76 12.77 23.88
C SER B 269 1.18 12.36 22.48
N ILE B 270 2.40 11.85 22.33
CA ILE B 270 2.85 11.37 21.02
C ILE B 270 2.03 10.15 20.60
N SER B 271 1.65 9.31 21.56
CA SER B 271 0.79 8.16 21.24
C SER B 271 -0.55 8.63 20.71
N ALA B 272 -1.14 9.63 21.37
CA ALA B 272 -2.41 10.20 20.91
C ALA B 272 -2.24 11.06 19.66
N ARG B 273 -0.99 11.33 19.25
CA ARG B 273 -0.74 12.11 18.04
C ARG B 273 -1.40 11.49 16.82
N ASN B 274 -1.17 10.20 16.58
CA ASN B 274 -1.53 9.60 15.30
C ASN B 274 -3.03 9.41 15.16
N SER B 275 -3.74 9.18 16.28
CA SER B 275 -5.18 8.98 16.20
C SER B 275 -5.89 10.22 15.66
N LEU B 276 -5.35 11.41 15.92
CA LEU B 276 -5.98 12.63 15.44
C LEU B 276 -5.85 12.71 13.91
N PRO B 277 -6.84 13.31 13.23
CA PRO B 277 -6.59 13.82 11.88
C PRO B 277 -6.00 15.24 11.94
N LYS B 278 -5.46 15.66 10.80
CA LYS B 278 -4.78 16.95 10.73
C LYS B 278 -5.83 18.04 10.49
N VAL B 279 -6.09 18.84 11.52
CA VAL B 279 -7.02 19.96 11.45
C VAL B 279 -6.39 21.15 12.15
N ALA B 280 -6.90 22.35 11.83
CA ALA B 280 -6.32 23.60 12.30
C ALA B 280 -7.00 24.14 13.56
N TYR B 281 -7.78 23.32 14.25
CA TYR B 281 -8.47 23.72 15.47
C TYR B 281 -8.24 22.67 16.55
N ALA B 282 -8.20 23.13 17.80
CA ALA B 282 -8.01 22.22 18.91
C ALA B 282 -9.27 21.42 19.15
N THR B 283 -9.13 20.10 19.29
CA THR B 283 -10.23 19.21 19.59
C THR B 283 -10.35 19.03 21.10
N ALA B 284 -11.37 18.28 21.51
CA ALA B 284 -11.58 18.04 22.93
C ALA B 284 -10.40 17.28 23.54
N MET B 285 -9.94 16.25 22.84
CA MET B 285 -8.83 15.46 23.38
C MET B 285 -7.54 16.27 23.38
N ASP B 286 -7.39 17.21 22.44
CA ASP B 286 -6.25 18.12 22.49
C ASP B 286 -6.28 18.97 23.75
N TRP B 287 -7.46 19.48 24.11
CA TRP B 287 -7.57 20.26 25.33
C TRP B 287 -7.28 19.41 26.56
N PHE B 288 -7.79 18.17 26.57
CA PHE B 288 -7.52 17.28 27.70
C PHE B 288 -6.03 17.00 27.84
N ILE B 289 -5.36 16.72 26.73
CA ILE B 289 -3.93 16.43 26.76
C ILE B 289 -3.16 17.66 27.23
N ALA B 290 -3.53 18.84 26.74
CA ALA B 290 -2.84 20.06 27.16
C ALA B 290 -3.02 20.32 28.65
N VAL B 291 -4.24 20.14 29.16
CA VAL B 291 -4.49 20.39 30.58
C VAL B 291 -3.72 19.39 31.42
N CYS B 292 -3.72 18.11 31.04
CA CYS B 292 -2.96 17.12 31.79
C CYS B 292 -1.46 17.43 31.76
N TYR B 293 -0.96 17.85 30.60
CA TYR B 293 0.46 18.14 30.48
C TYR B 293 0.84 19.35 31.32
N ALA B 294 -0.03 20.36 31.39
CA ALA B 294 0.20 21.49 32.26
C ALA B 294 0.12 21.12 33.74
N PHE B 295 -0.76 20.20 34.11
CA PHE B 295 -0.77 19.71 35.49
C PHE B 295 0.54 19.02 35.83
N VAL B 296 1.07 18.21 34.91
CA VAL B 296 2.35 17.56 35.14
C VAL B 296 3.47 18.60 35.25
N PHE B 297 3.43 19.63 34.41
CA PHE B 297 4.37 20.75 34.52
C PHE B 297 4.32 21.39 35.91
N SER B 298 3.12 21.71 36.38
CA SER B 298 2.97 22.38 37.66
C SER B 298 3.38 21.49 38.82
N ALA B 299 3.17 20.18 38.70
CA ALA B 299 3.52 19.27 39.79
C ALA B 299 5.00 19.26 40.09
N LEU B 300 5.85 19.56 39.10
CA LEU B 300 7.29 19.64 39.29
C LEU B 300 7.79 21.06 39.52
N ILE B 301 7.10 22.07 38.99
CA ILE B 301 7.43 23.44 39.38
C ILE B 301 7.17 23.61 40.88
N GLU B 302 6.12 22.95 41.39
CA GLU B 302 5.84 22.96 42.82
C GLU B 302 7.02 22.39 43.61
N PHE B 303 7.55 21.25 43.16
CA PHE B 303 8.69 20.66 43.86
C PHE B 303 9.91 21.57 43.77
N ALA B 304 10.10 22.23 42.63
CA ALA B 304 11.23 23.14 42.49
C ALA B 304 11.16 24.26 43.52
N THR B 305 9.99 24.91 43.65
CA THR B 305 9.88 25.99 44.62
C THR B 305 9.96 25.46 46.06
N VAL B 306 9.42 24.27 46.31
CA VAL B 306 9.49 23.69 47.65
C VAL B 306 10.95 23.43 48.04
N ASN B 307 11.72 22.85 47.12
CA ASN B 307 13.13 22.63 47.37
C ASN B 307 13.88 23.94 47.53
N TYR B 308 13.46 24.97 46.81
CA TYR B 308 14.09 26.29 46.99
C TYR B 308 13.87 26.81 48.40
N PHE B 309 12.66 26.62 48.94
CA PHE B 309 12.32 27.09 50.28
C PHE B 309 12.48 26.03 51.35
N THR B 310 13.19 24.93 51.06
CA THR B 310 13.23 23.81 52.00
C THR B 310 14.08 24.12 53.23
N LYS B 311 15.14 24.92 53.07
CA LYS B 311 16.09 25.19 54.14
C LYS B 311 16.13 26.65 54.59
N SER B 312 15.96 27.60 53.66
CA SER B 312 15.95 29.00 54.05
C SER B 312 14.68 29.35 54.82
N GLN B 313 13.53 28.83 54.37
CA GLN B 313 12.24 29.04 55.02
C GLN B 313 11.55 27.70 55.17
N PRO B 314 12.04 26.84 56.07
CA PRO B 314 11.48 25.49 56.17
C PRO B 314 10.01 25.46 56.58
N ALA B 315 9.55 26.48 57.31
CA ALA B 315 8.14 26.51 57.72
C ALA B 315 7.22 26.58 56.51
N ARG B 316 7.56 27.43 55.53
CA ARG B 316 6.92 27.77 54.26
C ARG B 316 6.83 26.55 53.34
N ALA B 317 7.88 25.74 53.29
CA ALA B 317 7.89 24.58 52.40
C ALA B 317 6.80 23.59 52.79
N ALA B 318 6.64 23.32 54.08
CA ALA B 318 5.58 22.42 54.51
C ALA B 318 4.21 22.98 54.17
N LYS B 319 4.04 24.29 54.33
CA LYS B 319 2.78 24.92 53.95
C LYS B 319 2.49 24.75 52.47
N ILE B 320 3.52 24.94 51.63
CA ILE B 320 3.33 24.79 50.20
C ILE B 320 2.97 23.34 49.86
N ASP B 321 3.64 22.38 50.50
CA ASP B 321 3.34 20.98 50.24
C ASP B 321 1.91 20.64 50.64
N ARG B 322 1.47 21.10 51.82
CA ARG B 322 0.11 20.80 52.25
C ARG B 322 -0.92 21.44 51.33
N LEU B 323 -0.71 22.71 50.97
CA LEU B 323 -1.64 23.39 50.08
C LEU B 323 -1.70 22.72 48.71
N SER B 324 -0.54 22.31 48.19
CA SER B 324 -0.52 21.63 46.90
C SER B 324 -1.22 20.28 46.99
N ARG B 325 -1.02 19.54 48.08
CA ARG B 325 -1.70 18.28 48.28
C ARG B 325 -3.22 18.46 48.26
N ILE B 326 -3.70 19.50 48.94
CA ILE B 326 -5.14 19.72 48.97
C ILE B 326 -5.66 20.28 47.64
N ALA B 327 -4.81 20.99 46.89
CA ALA B 327 -5.27 21.75 45.73
C ALA B 327 -5.24 20.95 44.43
N PHE B 328 -4.10 20.34 44.11
CA PHE B 328 -3.92 19.73 42.79
C PHE B 328 -4.96 18.64 42.49
N PRO B 329 -5.19 17.66 43.37
CA PRO B 329 -6.27 16.70 43.08
C PRO B 329 -7.64 17.36 42.94
N LEU B 330 -7.93 18.37 43.75
CA LEU B 330 -9.23 19.04 43.65
C LEU B 330 -9.37 19.77 42.32
N LEU B 331 -8.32 20.47 41.89
CA LEU B 331 -8.39 21.19 40.63
C LEU B 331 -8.53 20.23 39.45
N PHE B 332 -7.78 19.14 39.44
CA PHE B 332 -7.95 18.18 38.36
C PHE B 332 -9.32 17.51 38.42
N GLY B 333 -9.86 17.31 39.62
CA GLY B 333 -11.19 16.73 39.73
C GLY B 333 -12.26 17.63 39.14
N ILE B 334 -12.22 18.93 39.46
CA ILE B 334 -13.20 19.83 38.88
C ILE B 334 -13.00 19.93 37.36
N PHE B 335 -11.74 19.86 36.91
CA PHE B 335 -11.52 19.87 35.46
C PHE B 335 -12.16 18.66 34.79
N ASN B 336 -11.99 17.47 35.37
CA ASN B 336 -12.62 16.29 34.79
C ASN B 336 -14.14 16.42 34.81
N LEU B 337 -14.71 16.89 35.91
CA LEU B 337 -16.15 17.02 35.99
C LEU B 337 -16.67 17.98 34.92
N VAL B 338 -16.04 19.15 34.79
CA VAL B 338 -16.48 20.13 33.81
C VAL B 338 -16.33 19.58 32.39
N TYR B 339 -15.18 18.94 32.10
CA TYR B 339 -14.92 18.44 30.76
C TYR B 339 -15.92 17.34 30.39
N TRP B 340 -16.08 16.34 31.24
CA TRP B 340 -16.92 15.19 30.94
C TRP B 340 -18.40 15.50 31.07
N ALA B 341 -18.77 16.64 31.67
CA ALA B 341 -20.16 17.12 31.62
C ALA B 341 -20.42 17.97 30.40
N THR B 342 -19.45 18.79 29.98
CA THR B 342 -19.63 19.63 28.81
C THR B 342 -19.70 18.79 27.54
N TYR B 343 -18.77 17.85 27.38
CA TYR B 343 -18.67 17.12 26.12
C TYR B 343 -19.57 15.90 26.04
N LEU B 344 -20.33 15.59 27.10
CA LEU B 344 -21.30 14.51 27.07
C LEU B 344 -22.70 15.05 27.35
N ASN C 8 -11.22 -31.68 -42.60
CA ASN C 8 -10.30 -32.17 -41.57
C ASN C 8 -10.09 -31.11 -40.49
N MET C 9 -9.92 -29.86 -40.92
CA MET C 9 -9.82 -28.71 -40.04
C MET C 9 -10.82 -27.62 -40.40
N SER C 10 -11.13 -27.46 -41.69
CA SER C 10 -12.13 -26.48 -42.08
C SER C 10 -13.51 -26.86 -41.54
N PHE C 11 -13.84 -28.16 -41.57
CA PHE C 11 -15.15 -28.64 -41.13
C PHE C 11 -15.49 -28.15 -39.72
N VAL C 12 -14.49 -28.12 -38.84
CA VAL C 12 -14.68 -27.53 -37.53
C VAL C 12 -14.99 -26.03 -37.67
N LYS C 13 -14.39 -25.37 -38.65
CA LYS C 13 -14.65 -23.94 -38.85
C LYS C 13 -16.10 -23.70 -39.23
N GLU C 14 -16.65 -24.47 -40.18
CA GLU C 14 -18.07 -24.28 -40.48
C GLU C 14 -18.95 -24.71 -39.32
N THR C 15 -18.55 -25.73 -38.54
CA THR C 15 -19.33 -26.12 -37.39
C THR C 15 -19.42 -24.98 -36.38
N VAL C 16 -18.28 -24.35 -36.10
CA VAL C 16 -18.28 -23.22 -35.16
C VAL C 16 -19.07 -22.05 -35.74
N ASP C 17 -18.95 -21.81 -37.04
CA ASP C 17 -19.63 -20.68 -37.65
C ASP C 17 -21.14 -20.85 -37.59
N LYS C 18 -21.64 -22.04 -37.92
CA LYS C 18 -23.08 -22.26 -37.87
C LYS C 18 -23.58 -22.35 -36.43
N LEU C 19 -22.72 -22.73 -35.49
CA LEU C 19 -23.12 -22.70 -34.09
C LEU C 19 -23.41 -21.26 -33.64
N LEU C 20 -22.57 -20.31 -34.04
CA LEU C 20 -22.72 -18.92 -33.65
C LEU C 20 -23.52 -18.10 -34.66
N LYS C 21 -24.16 -18.75 -35.64
CA LYS C 21 -25.03 -18.09 -36.60
C LYS C 21 -26.46 -18.23 -36.11
N GLY C 22 -27.13 -17.10 -35.89
CA GLY C 22 -28.45 -17.10 -35.29
C GLY C 22 -28.45 -17.24 -33.78
N TYR C 23 -27.31 -17.09 -33.13
CA TYR C 23 -27.19 -17.21 -31.68
C TYR C 23 -27.31 -15.82 -31.07
N ASP C 24 -28.29 -15.63 -30.19
CA ASP C 24 -28.56 -14.35 -29.55
C ASP C 24 -28.06 -14.42 -28.11
N ILE C 25 -26.98 -13.70 -27.82
CA ILE C 25 -26.44 -13.68 -26.47
C ILE C 25 -27.36 -12.97 -25.49
N ARG C 26 -28.26 -12.12 -25.98
CA ARG C 26 -29.14 -11.38 -25.09
C ARG C 26 -30.14 -12.27 -24.36
N LEU C 27 -30.40 -13.48 -24.87
CA LEU C 27 -31.36 -14.39 -24.29
C LEU C 27 -30.63 -15.58 -23.66
N ARG C 28 -30.96 -15.86 -22.41
CA ARG C 28 -30.39 -17.01 -21.73
C ARG C 28 -31.03 -18.30 -22.28
N PRO C 29 -30.36 -19.44 -22.12
CA PRO C 29 -30.93 -20.70 -22.64
C PRO C 29 -32.27 -21.02 -21.99
N ASP C 30 -33.22 -21.43 -22.83
CA ASP C 30 -34.60 -21.64 -22.40
C ASP C 30 -35.16 -20.34 -21.83
N PHE C 31 -35.25 -19.33 -22.70
CA PHE C 31 -35.65 -17.99 -22.25
C PHE C 31 -37.05 -18.01 -21.67
N GLY C 32 -37.98 -18.69 -22.32
CA GLY C 32 -39.31 -18.92 -21.77
C GLY C 32 -39.47 -20.20 -21.00
N GLY C 33 -38.47 -21.09 -21.05
CA GLY C 33 -38.57 -22.40 -20.45
C GLY C 33 -38.18 -22.41 -18.99
N PRO C 34 -37.93 -23.59 -18.42
CA PRO C 34 -37.58 -23.67 -17.01
C PRO C 34 -36.21 -23.08 -16.76
N PRO C 35 -35.84 -22.85 -15.50
CA PRO C 35 -34.55 -22.21 -15.21
C PRO C 35 -33.38 -23.09 -15.62
N VAL C 36 -32.30 -22.44 -16.01
CA VAL C 36 -31.07 -23.14 -16.41
C VAL C 36 -30.25 -23.45 -15.17
N CYS C 37 -29.81 -24.69 -15.04
CA CYS C 37 -29.02 -25.14 -13.91
C CYS C 37 -27.53 -24.89 -14.20
N VAL C 38 -26.85 -24.26 -13.25
CA VAL C 38 -25.43 -23.94 -13.37
C VAL C 38 -24.72 -24.55 -12.18
N GLY C 39 -23.85 -25.52 -12.45
CA GLY C 39 -22.98 -26.06 -11.42
C GLY C 39 -21.68 -25.28 -11.34
N MET C 40 -21.07 -25.29 -10.16
CA MET C 40 -19.89 -24.48 -9.90
C MET C 40 -18.85 -25.25 -9.12
N ASN C 41 -17.60 -25.09 -9.52
CA ASN C 41 -16.45 -25.62 -8.82
C ASN C 41 -15.46 -24.48 -8.58
N ILE C 42 -14.73 -24.57 -7.48
CA ILE C 42 -13.69 -23.61 -7.12
C ILE C 42 -12.44 -24.38 -6.73
N ASP C 43 -11.30 -23.95 -7.25
CA ASP C 43 -9.99 -24.47 -6.87
C ASP C 43 -9.20 -23.32 -6.29
N ILE C 44 -9.01 -23.32 -4.97
CA ILE C 44 -8.39 -22.20 -4.28
C ILE C 44 -6.88 -22.27 -4.48
N ALA C 45 -6.33 -21.34 -5.25
CA ALA C 45 -4.89 -21.30 -5.41
C ALA C 45 -4.20 -20.87 -4.12
N SER C 46 -4.74 -19.84 -3.46
CA SER C 46 -4.17 -19.34 -2.22
C SER C 46 -5.09 -18.28 -1.65
N ILE C 47 -4.91 -17.98 -0.36
CA ILE C 47 -5.45 -16.78 0.28
C ILE C 47 -4.24 -15.93 0.63
N ASP C 48 -4.03 -14.86 -0.14
CA ASP C 48 -2.77 -14.11 -0.05
C ASP C 48 -2.68 -13.36 1.26
N MET C 49 -3.73 -12.65 1.65
CA MET C 49 -3.71 -11.77 2.81
C MET C 49 -5.01 -11.92 3.59
N VAL C 50 -4.92 -11.63 4.88
CA VAL C 50 -6.10 -11.46 5.74
C VAL C 50 -5.85 -10.24 6.60
N SER C 51 -6.39 -9.10 6.19
CA SER C 51 -6.10 -7.82 6.81
C SER C 51 -7.20 -7.50 7.82
N GLU C 52 -6.79 -7.28 9.08
CA GLU C 52 -7.73 -6.86 10.11
C GLU C 52 -7.97 -5.36 10.04
N VAL C 53 -7.04 -4.59 9.48
CA VAL C 53 -7.24 -3.15 9.33
C VAL C 53 -8.38 -2.88 8.37
N ASN C 54 -8.37 -3.54 7.21
CA ASN C 54 -9.38 -3.36 6.18
C ASN C 54 -10.53 -4.35 6.29
N MET C 55 -10.45 -5.34 7.17
CA MET C 55 -11.50 -6.35 7.35
C MET C 55 -11.80 -7.08 6.03
N ASP C 56 -10.74 -7.51 5.36
CA ASP C 56 -10.88 -8.20 4.09
C ASP C 56 -9.80 -9.27 3.97
N TYR C 57 -9.97 -10.14 2.97
CA TYR C 57 -8.98 -11.15 2.62
C TYR C 57 -8.94 -11.30 1.11
N THR C 58 -7.74 -11.53 0.59
CA THR C 58 -7.51 -11.69 -0.84
C THR C 58 -7.45 -13.16 -1.18
N LEU C 59 -8.27 -13.58 -2.14
CA LEU C 59 -8.42 -14.98 -2.53
C LEU C 59 -8.20 -15.10 -4.03
N THR C 60 -7.29 -15.97 -4.43
CA THR C 60 -7.06 -16.31 -5.83
C THR C 60 -7.60 -17.71 -6.08
N MET C 61 -8.34 -17.88 -7.17
CA MET C 61 -9.02 -19.14 -7.40
C MET C 61 -9.25 -19.38 -8.89
N TYR C 62 -9.38 -20.65 -9.23
CA TYR C 62 -9.91 -21.09 -10.52
C TYR C 62 -11.39 -21.38 -10.33
N PHE C 63 -12.23 -20.56 -10.95
CA PHE C 63 -13.68 -20.61 -10.80
C PHE C 63 -14.26 -21.20 -12.07
N GLN C 64 -14.80 -22.42 -11.97
CA GLN C 64 -15.40 -23.11 -13.09
C GLN C 64 -16.93 -23.10 -12.95
N GLN C 65 -17.60 -22.74 -14.03
CA GLN C 65 -19.04 -22.81 -14.17
C GLN C 65 -19.38 -23.81 -15.26
N TYR C 66 -20.54 -24.45 -15.14
CA TYR C 66 -20.87 -25.59 -15.99
C TYR C 66 -22.38 -25.61 -16.19
N TRP C 67 -22.82 -25.47 -17.44
CA TRP C 67 -24.26 -25.42 -17.71
C TRP C 67 -24.56 -26.03 -19.06
N ARG C 68 -25.85 -26.06 -19.41
CA ARG C 68 -26.34 -26.71 -20.61
C ARG C 68 -26.95 -25.66 -21.52
N ASP C 69 -26.52 -25.65 -22.78
CA ASP C 69 -27.04 -24.74 -23.80
C ASP C 69 -27.35 -25.56 -25.05
N LYS C 70 -28.64 -25.78 -25.30
CA LYS C 70 -29.04 -26.55 -26.47
C LYS C 70 -28.71 -25.84 -27.77
N ARG C 71 -28.61 -24.52 -27.76
CA ARG C 71 -28.29 -23.79 -28.98
C ARG C 71 -26.87 -24.08 -29.47
N LEU C 72 -25.98 -24.54 -28.59
CA LEU C 72 -24.59 -24.78 -28.92
C LEU C 72 -24.29 -26.27 -29.12
N ALA C 73 -25.30 -27.07 -29.40
CA ALA C 73 -25.09 -28.49 -29.64
C ALA C 73 -24.63 -28.72 -31.07
N TYR C 74 -23.65 -29.62 -31.24
CA TYR C 74 -23.11 -29.95 -32.54
C TYR C 74 -22.97 -31.46 -32.65
N SER C 75 -22.93 -31.94 -33.90
CA SER C 75 -22.85 -33.36 -34.20
C SER C 75 -21.78 -33.61 -35.25
N GLY C 76 -21.31 -34.85 -35.30
CA GLY C 76 -20.27 -35.24 -36.23
C GLY C 76 -18.85 -35.04 -35.74
N ILE C 77 -18.67 -34.43 -34.56
CA ILE C 77 -17.35 -34.20 -33.98
C ILE C 77 -17.39 -34.77 -32.56
N PRO C 78 -17.07 -36.05 -32.34
CA PRO C 78 -17.26 -36.63 -31.00
C PRO C 78 -16.37 -36.00 -29.93
N LEU C 79 -15.28 -35.34 -30.30
CA LEU C 79 -14.37 -34.77 -29.32
C LEU C 79 -14.90 -33.43 -28.82
N ASN C 80 -14.49 -33.09 -27.58
CA ASN C 80 -14.85 -31.81 -26.99
C ASN C 80 -14.04 -30.69 -27.62
N LEU C 81 -14.70 -29.57 -27.87
CA LEU C 81 -14.07 -28.42 -28.51
C LEU C 81 -13.56 -27.47 -27.43
N THR C 82 -12.26 -27.51 -27.17
CA THR C 82 -11.62 -26.58 -26.23
C THR C 82 -11.25 -25.34 -27.03
N LEU C 83 -12.12 -24.33 -27.00
CA LEU C 83 -11.95 -23.17 -27.87
C LEU C 83 -11.14 -22.09 -27.19
N ASP C 84 -10.72 -21.11 -27.98
CA ASP C 84 -9.97 -19.97 -27.45
C ASP C 84 -10.84 -19.15 -26.51
N ASN C 85 -10.19 -18.44 -25.59
CA ASN C 85 -10.92 -17.65 -24.60
C ASN C 85 -11.77 -16.58 -25.25
N ARG C 86 -11.33 -16.03 -26.39
CA ARG C 86 -12.07 -14.97 -27.06
C ARG C 86 -13.47 -15.42 -27.48
N VAL C 87 -13.68 -16.72 -27.68
CA VAL C 87 -15.00 -17.23 -28.03
C VAL C 87 -16.02 -16.89 -26.96
N ALA C 88 -15.57 -16.74 -25.71
CA ALA C 88 -16.47 -16.37 -24.62
C ALA C 88 -17.16 -15.04 -24.87
N ASP C 89 -16.60 -14.18 -25.73
CA ASP C 89 -17.26 -12.92 -26.06
C ASP C 89 -18.53 -13.12 -26.86
N GLN C 90 -18.66 -14.24 -27.57
CA GLN C 90 -19.80 -14.48 -28.44
C GLN C 90 -20.86 -15.39 -27.83
N LEU C 91 -20.67 -15.84 -26.59
CA LEU C 91 -21.59 -16.77 -25.93
C LEU C 91 -22.25 -16.11 -24.73
N TRP C 92 -23.40 -16.65 -24.34
CA TRP C 92 -24.06 -16.27 -23.11
C TRP C 92 -23.38 -16.96 -21.93
N VAL C 93 -23.29 -16.24 -20.81
CA VAL C 93 -22.68 -16.77 -19.59
C VAL C 93 -23.50 -16.33 -18.39
N PRO C 94 -23.42 -17.08 -17.28
CA PRO C 94 -24.44 -16.95 -16.22
C PRO C 94 -24.50 -15.61 -15.52
N ASP C 95 -23.56 -14.69 -15.74
CA ASP C 95 -23.60 -13.37 -15.11
C ASP C 95 -23.52 -13.48 -13.60
N THR C 96 -22.62 -14.35 -13.13
CA THR C 96 -22.40 -14.52 -11.70
C THR C 96 -21.60 -13.35 -11.13
N TYR C 97 -21.74 -13.13 -9.83
CA TYR C 97 -20.95 -12.12 -9.13
C TYR C 97 -20.82 -12.54 -7.68
N PHE C 98 -19.99 -11.80 -6.94
CA PHE C 98 -19.75 -12.04 -5.52
C PHE C 98 -20.23 -10.83 -4.73
N LEU C 99 -21.15 -11.07 -3.79
CA LEU C 99 -21.80 -9.96 -3.11
C LEU C 99 -20.83 -9.21 -2.20
N ASN C 100 -19.97 -9.94 -1.49
CA ASN C 100 -19.08 -9.35 -0.49
C ASN C 100 -17.73 -8.93 -1.06
N ASP C 101 -17.67 -8.62 -2.35
CA ASP C 101 -16.44 -8.14 -2.96
C ASP C 101 -16.20 -6.67 -2.66
N LYS C 102 -14.92 -6.31 -2.57
CA LYS C 102 -14.48 -4.92 -2.59
C LYS C 102 -13.79 -4.55 -3.89
N LYS C 103 -12.78 -5.31 -4.29
CA LYS C 103 -12.04 -5.07 -5.51
C LYS C 103 -11.55 -6.40 -6.04
N SER C 104 -11.61 -6.58 -7.35
CA SER C 104 -11.34 -7.88 -7.94
C SER C 104 -10.91 -7.72 -9.39
N PHE C 105 -10.33 -8.79 -9.93
CA PHE C 105 -9.96 -8.81 -11.34
C PHE C 105 -9.77 -10.25 -11.79
N VAL C 106 -9.68 -10.41 -13.11
CA VAL C 106 -9.35 -11.68 -13.75
C VAL C 106 -7.95 -11.53 -14.32
N HIS C 107 -7.08 -12.48 -14.01
CA HIS C 107 -5.70 -12.41 -14.46
C HIS C 107 -5.64 -12.46 -15.99
N GLY C 108 -4.78 -11.60 -16.56
CA GLY C 108 -4.74 -11.41 -17.99
C GLY C 108 -3.34 -11.34 -18.57
N VAL C 109 -2.39 -12.10 -18.02
CA VAL C 109 -1.01 -12.06 -18.49
C VAL C 109 -0.86 -13.00 -19.69
N THR C 110 -0.57 -12.40 -20.84
CA THR C 110 -0.37 -13.04 -22.15
C THR C 110 -1.66 -13.53 -22.81
N VAL C 111 -2.73 -13.69 -22.03
CA VAL C 111 -4.07 -14.02 -22.52
C VAL C 111 -5.01 -13.66 -21.39
N LYS C 112 -6.26 -13.36 -21.73
CA LYS C 112 -7.29 -13.34 -20.69
C LYS C 112 -7.45 -14.76 -20.17
N ASN C 113 -7.12 -14.98 -18.89
CA ASN C 113 -7.08 -16.33 -18.34
C ASN C 113 -8.52 -16.84 -18.20
N ARG C 114 -9.08 -17.24 -19.33
CA ARG C 114 -10.39 -17.85 -19.40
C ARG C 114 -10.31 -19.08 -20.28
N MET C 115 -11.29 -19.97 -20.11
CA MET C 115 -11.38 -21.16 -20.94
C MET C 115 -12.84 -21.48 -21.23
N ILE C 116 -13.11 -21.81 -22.49
CA ILE C 116 -14.42 -22.29 -22.95
C ILE C 116 -14.20 -23.69 -23.51
N ARG C 117 -15.01 -24.64 -23.03
CA ARG C 117 -14.99 -26.01 -23.54
C ARG C 117 -16.43 -26.40 -23.87
N LEU C 118 -16.69 -26.63 -25.15
CA LEU C 118 -17.99 -27.09 -25.61
C LEU C 118 -17.98 -28.61 -25.76
N HIS C 119 -19.15 -29.20 -25.59
CA HIS C 119 -19.37 -30.64 -25.67
C HIS C 119 -20.46 -30.89 -26.71
N PRO C 120 -20.49 -32.09 -27.30
CA PRO C 120 -21.46 -32.33 -28.40
C PRO C 120 -22.92 -32.20 -27.97
N ASP C 121 -23.23 -32.40 -26.69
CA ASP C 121 -24.60 -32.30 -26.20
C ASP C 121 -24.99 -30.88 -25.82
N GLY C 122 -24.26 -29.87 -26.28
CA GLY C 122 -24.56 -28.50 -25.96
C GLY C 122 -24.04 -28.01 -24.63
N THR C 123 -23.42 -28.89 -23.84
CA THR C 123 -22.92 -28.50 -22.53
C THR C 123 -21.71 -27.58 -22.67
N VAL C 124 -21.65 -26.56 -21.82
CA VAL C 124 -20.58 -25.56 -21.82
C VAL C 124 -19.90 -25.58 -20.46
N LEU C 125 -18.57 -25.67 -20.48
CA LEU C 125 -17.73 -25.52 -19.29
C LEU C 125 -16.94 -24.23 -19.46
N TYR C 126 -17.21 -23.26 -18.60
CA TYR C 126 -16.57 -21.96 -18.58
C TYR C 126 -15.63 -21.93 -17.38
N GLY C 127 -14.47 -21.29 -17.54
CA GLY C 127 -13.52 -21.24 -16.45
C GLY C 127 -12.76 -19.93 -16.41
N LEU C 128 -12.50 -19.41 -15.21
CA LEU C 128 -11.81 -18.15 -15.01
C LEU C 128 -10.77 -18.32 -13.92
N ARG C 129 -9.76 -17.45 -13.94
CA ARG C 129 -8.80 -17.32 -12.86
C ARG C 129 -8.97 -15.92 -12.28
N ILE C 130 -9.47 -15.86 -11.04
CA ILE C 130 -9.98 -14.63 -10.46
C ILE C 130 -9.27 -14.37 -9.14
N THR C 131 -8.87 -13.12 -8.94
CA THR C 131 -8.41 -12.63 -7.64
C THR C 131 -9.43 -11.66 -7.09
N THR C 132 -9.88 -11.90 -5.87
CA THR C 132 -10.96 -11.14 -5.24
C THR C 132 -10.52 -10.71 -3.84
N THR C 133 -10.67 -9.42 -3.55
CA THR C 133 -10.43 -8.89 -2.22
C THR C 133 -11.79 -8.83 -1.51
N ALA C 134 -12.20 -9.95 -0.95
CA ALA C 134 -13.52 -10.07 -0.37
C ALA C 134 -13.53 -9.50 1.05
N ALA C 135 -14.71 -9.07 1.49
CA ALA C 135 -14.89 -8.45 2.80
C ALA C 135 -15.53 -9.45 3.75
N CYS C 136 -14.88 -9.68 4.89
CA CYS C 136 -15.45 -10.43 6.00
C CYS C 136 -15.20 -9.65 7.27
N MET C 137 -16.28 -9.33 8.00
CA MET C 137 -16.15 -8.60 9.25
C MET C 137 -15.67 -9.53 10.36
N MET C 138 -14.76 -9.02 11.19
CA MET C 138 -14.07 -9.80 12.20
C MET C 138 -14.43 -9.26 13.59
N ASP C 139 -14.78 -10.16 14.50
CA ASP C 139 -15.03 -9.81 15.89
C ASP C 139 -13.73 -9.96 16.66
N LEU C 140 -12.98 -8.87 16.76
CA LEU C 140 -11.67 -8.86 17.40
C LEU C 140 -11.74 -8.54 18.89
N ARG C 141 -12.86 -8.83 19.54
CA ARG C 141 -12.92 -8.65 20.99
C ARG C 141 -11.99 -9.62 21.71
N ARG C 142 -11.74 -10.79 21.12
CA ARG C 142 -10.85 -11.79 21.69
C ARG C 142 -9.47 -11.78 21.05
N TYR C 143 -9.14 -10.75 20.28
CA TYR C 143 -7.85 -10.69 19.61
C TYR C 143 -6.73 -10.64 20.63
N PRO C 144 -5.63 -11.40 20.43
CA PRO C 144 -5.25 -12.34 19.38
C PRO C 144 -5.68 -13.78 19.67
N LEU C 145 -6.58 -13.97 20.65
CA LEU C 145 -7.06 -15.28 21.05
C LEU C 145 -8.39 -15.59 20.38
N ASP C 146 -8.59 -15.12 19.15
CA ASP C 146 -9.87 -15.11 18.48
C ASP C 146 -9.91 -16.15 17.36
N GLU C 147 -11.14 -16.50 16.97
CA GLU C 147 -11.40 -17.38 15.84
C GLU C 147 -12.36 -16.66 14.90
N GLN C 148 -11.95 -16.51 13.65
CA GLN C 148 -12.70 -15.74 12.65
C GLN C 148 -13.42 -16.67 11.69
N ASN C 149 -14.41 -16.09 11.00
CA ASN C 149 -15.20 -16.78 10.00
C ASN C 149 -15.34 -15.86 8.80
N CYS C 150 -14.74 -16.24 7.68
CA CYS C 150 -14.74 -15.43 6.47
C CYS C 150 -15.38 -16.21 5.33
N THR C 151 -16.29 -15.56 4.61
CA THR C 151 -17.14 -16.21 3.63
C THR C 151 -17.08 -15.49 2.30
N LEU C 152 -17.31 -16.25 1.23
CA LEU C 152 -17.50 -15.74 -0.12
C LEU C 152 -18.91 -16.08 -0.56
N GLU C 153 -19.62 -15.09 -1.09
CA GLU C 153 -21.06 -15.18 -1.37
C GLU C 153 -21.28 -15.05 -2.87
N ILE C 154 -21.31 -16.19 -3.56
CA ILE C 154 -21.58 -16.23 -4.99
C ILE C 154 -23.07 -16.10 -5.21
N GLU C 155 -23.47 -15.28 -6.18
CA GLU C 155 -24.87 -14.97 -6.41
C GLU C 155 -25.06 -14.63 -7.88
N SER C 156 -26.31 -14.72 -8.35
CA SER C 156 -26.70 -14.27 -9.67
C SER C 156 -27.31 -12.89 -9.57
N TYR C 157 -26.87 -11.97 -10.42
CA TYR C 157 -27.33 -10.59 -10.31
C TYR C 157 -28.69 -10.40 -10.99
N GLY C 158 -28.76 -10.66 -12.29
CA GLY C 158 -29.93 -10.29 -13.07
C GLY C 158 -31.01 -11.33 -13.16
N TYR C 159 -30.69 -12.59 -12.86
CA TYR C 159 -31.60 -13.71 -13.05
C TYR C 159 -32.09 -14.21 -11.71
N THR C 160 -33.41 -14.24 -11.54
CA THR C 160 -34.02 -14.67 -10.29
C THR C 160 -33.99 -16.20 -10.20
N THR C 161 -34.53 -16.72 -9.10
CA THR C 161 -34.51 -18.17 -8.87
C THR C 161 -35.34 -18.93 -9.90
N ASP C 162 -36.31 -18.28 -10.54
CA ASP C 162 -37.11 -18.91 -11.58
C ASP C 162 -36.49 -18.79 -12.96
N ASP C 163 -35.35 -18.08 -13.09
CA ASP C 163 -34.61 -18.00 -14.34
C ASP C 163 -33.31 -18.79 -14.32
N ILE C 164 -32.74 -19.03 -13.14
CA ILE C 164 -31.45 -19.70 -13.02
C ILE C 164 -31.43 -20.45 -11.69
N GLU C 165 -30.65 -21.52 -11.64
CA GLU C 165 -30.49 -22.31 -10.43
C GLU C 165 -29.02 -22.65 -10.26
N PHE C 166 -28.52 -22.50 -9.04
CA PHE C 166 -27.13 -22.75 -8.70
C PHE C 166 -27.03 -24.01 -7.84
N TYR C 167 -25.93 -24.73 -8.02
CA TYR C 167 -25.62 -25.86 -7.16
C TYR C 167 -24.12 -26.08 -7.18
N TRP C 168 -23.63 -26.80 -6.17
CA TRP C 168 -22.22 -27.15 -6.07
C TRP C 168 -22.01 -28.45 -6.84
N ARG C 169 -21.27 -28.39 -7.94
CA ARG C 169 -21.01 -29.57 -8.73
C ARG C 169 -20.04 -30.48 -7.98
N GLY C 170 -20.48 -31.71 -7.71
CA GLY C 170 -19.74 -32.62 -6.88
C GLY C 170 -20.07 -32.57 -5.40
N GLY C 171 -21.00 -31.71 -5.00
CA GLY C 171 -21.36 -31.65 -3.59
C GLY C 171 -20.24 -31.06 -2.76
N ASP C 172 -19.93 -31.72 -1.64
CA ASP C 172 -18.85 -31.26 -0.77
C ASP C 172 -17.49 -31.29 -1.45
N LYS C 173 -17.32 -32.08 -2.51
CA LYS C 173 -16.07 -32.12 -3.26
C LYS C 173 -15.97 -30.98 -4.28
N ALA C 174 -16.96 -30.09 -4.34
CA ALA C 174 -16.95 -29.03 -5.34
C ALA C 174 -15.76 -28.10 -5.14
N VAL C 175 -15.47 -27.74 -3.89
CA VAL C 175 -14.37 -26.83 -3.56
C VAL C 175 -13.16 -27.65 -3.17
N THR C 176 -12.03 -27.39 -3.83
CA THR C 176 -10.78 -28.08 -3.57
C THR C 176 -9.68 -27.04 -3.42
N GLY C 177 -8.50 -27.51 -3.02
CA GLY C 177 -7.36 -26.63 -2.84
C GLY C 177 -7.29 -25.95 -1.49
N VAL C 178 -8.12 -26.34 -0.52
CA VAL C 178 -7.99 -25.76 0.82
C VAL C 178 -6.65 -26.16 1.42
N GLU C 179 -6.11 -27.32 1.03
CA GLU C 179 -4.75 -27.68 1.41
C GLU C 179 -3.72 -26.67 0.91
N ARG C 180 -3.97 -26.02 -0.23
CA ARG C 180 -3.04 -25.02 -0.72
C ARG C 180 -3.02 -23.76 0.11
N ILE C 181 -4.05 -23.50 0.91
CA ILE C 181 -4.10 -22.28 1.70
C ILE C 181 -3.07 -22.41 2.81
N GLU C 182 -2.21 -21.40 2.94
CA GLU C 182 -1.07 -21.43 3.85
C GLU C 182 -0.84 -20.01 4.40
N LEU C 183 -1.50 -19.72 5.52
CA LEU C 183 -1.47 -18.43 6.20
C LEU C 183 -0.48 -18.49 7.35
N PRO C 184 0.55 -17.62 7.42
CA PRO C 184 1.49 -17.73 8.55
C PRO C 184 0.84 -17.57 9.92
N GLN C 185 -0.16 -16.69 10.03
CA GLN C 185 -0.78 -16.36 11.31
C GLN C 185 -2.19 -16.89 11.47
N PHE C 186 -2.64 -17.77 10.57
CA PHE C 186 -3.94 -18.43 10.70
C PHE C 186 -3.81 -19.89 10.28
N SER C 187 -4.73 -20.70 10.76
CA SER C 187 -4.85 -22.10 10.36
C SER C 187 -6.32 -22.42 10.16
N ILE C 188 -6.66 -22.97 8.99
CA ILE C 188 -8.04 -23.28 8.66
C ILE C 188 -8.45 -24.53 9.44
N VAL C 189 -9.42 -24.38 10.33
CA VAL C 189 -9.94 -25.51 11.07
C VAL C 189 -11.07 -26.20 10.32
N GLU C 190 -11.82 -25.47 9.50
CA GLU C 190 -12.92 -26.06 8.75
C GLU C 190 -13.30 -25.15 7.60
N HIS C 191 -13.84 -25.76 6.55
CA HIS C 191 -14.49 -25.05 5.45
C HIS C 191 -15.85 -25.67 5.20
N ARG C 192 -16.76 -24.88 4.65
CA ARG C 192 -18.14 -25.29 4.51
C ARG C 192 -18.76 -24.69 3.26
N LEU C 193 -19.64 -25.46 2.64
CA LEU C 193 -20.43 -25.04 1.48
C LEU C 193 -21.90 -25.00 1.87
N VAL C 194 -22.58 -23.93 1.46
CA VAL C 194 -24.00 -23.75 1.72
C VAL C 194 -24.66 -23.27 0.44
N SER C 195 -25.88 -23.73 0.20
CA SER C 195 -26.69 -23.29 -0.94
C SER C 195 -28.06 -22.90 -0.43
N ARG C 196 -28.55 -21.74 -0.86
CA ARG C 196 -29.82 -21.23 -0.37
C ARG C 196 -30.36 -20.22 -1.37
N ASN C 197 -31.43 -19.52 -0.96
CA ASN C 197 -32.04 -18.46 -1.74
C ASN C 197 -32.16 -17.22 -0.87
N VAL C 198 -32.01 -16.05 -1.49
CA VAL C 198 -32.07 -14.77 -0.80
C VAL C 198 -33.04 -13.87 -1.53
N VAL C 199 -33.89 -13.19 -0.78
CA VAL C 199 -34.97 -12.37 -1.34
C VAL C 199 -34.57 -10.90 -1.24
N PHE C 200 -34.60 -10.21 -2.37
CA PHE C 200 -34.45 -8.77 -2.46
C PHE C 200 -35.78 -8.17 -2.92
N ALA C 201 -35.79 -6.84 -3.08
CA ALA C 201 -37.00 -6.19 -3.58
C ALA C 201 -37.33 -6.62 -5.00
N THR C 202 -36.31 -6.90 -5.81
CA THR C 202 -36.52 -7.25 -7.21
C THR C 202 -36.86 -8.72 -7.41
N GLY C 203 -36.65 -9.57 -6.43
CA GLY C 203 -37.00 -10.98 -6.56
C GLY C 203 -36.09 -11.83 -5.70
N ALA C 204 -36.31 -13.14 -5.79
CA ALA C 204 -35.53 -14.14 -5.06
C ALA C 204 -34.46 -14.69 -5.98
N TYR C 205 -33.24 -14.79 -5.47
CA TYR C 205 -32.06 -15.18 -6.23
C TYR C 205 -31.35 -16.32 -5.54
N PRO C 206 -30.60 -17.14 -6.30
CA PRO C 206 -29.86 -18.23 -5.66
C PRO C 206 -28.54 -17.73 -5.10
N ARG C 207 -28.08 -18.42 -4.05
CA ARG C 207 -26.89 -18.01 -3.31
C ARG C 207 -26.09 -19.25 -2.96
N LEU C 208 -24.77 -19.15 -3.15
CA LEU C 208 -23.83 -20.20 -2.74
C LEU C 208 -22.77 -19.56 -1.86
N SER C 209 -22.61 -20.06 -0.64
CA SER C 209 -21.69 -19.51 0.33
C SER C 209 -20.56 -20.50 0.59
N LEU C 210 -19.32 -20.03 0.45
CA LEU C 210 -18.11 -20.77 0.77
C LEU C 210 -17.47 -20.12 1.99
N SER C 211 -17.53 -20.79 3.13
CA SER C 211 -17.09 -20.23 4.41
C SER C 211 -15.85 -20.97 4.91
N PHE C 212 -14.97 -20.23 5.57
CA PHE C 212 -13.80 -20.78 6.24
C PHE C 212 -13.74 -20.27 7.67
N ARG C 213 -13.45 -21.18 8.61
CA ARG C 213 -13.11 -20.82 9.98
C ARG C 213 -11.60 -20.81 10.14
N LEU C 214 -11.08 -19.71 10.68
CA LEU C 214 -9.65 -19.51 10.82
C LEU C 214 -9.33 -19.31 12.30
N LYS C 215 -8.34 -20.06 12.80
CA LYS C 215 -7.84 -19.93 14.16
C LYS C 215 -6.49 -19.24 14.12
N ARG C 216 -6.34 -18.19 14.92
CA ARG C 216 -5.11 -17.42 14.94
C ARG C 216 -4.06 -18.10 15.80
N ASN C 217 -2.83 -18.18 15.27
CA ASN C 217 -1.71 -18.71 16.02
C ASN C 217 -1.15 -17.63 16.93
N ILE C 218 -0.92 -17.97 18.19
CA ILE C 218 -0.61 -17.00 19.23
C ILE C 218 0.83 -17.12 19.73
N GLY C 219 1.68 -17.87 19.03
CA GLY C 219 3.07 -17.93 19.42
C GLY C 219 3.75 -16.58 19.31
N TYR C 220 3.53 -15.90 18.19
CA TYR C 220 4.13 -14.58 17.99
C TYR C 220 3.64 -13.59 19.04
N PHE C 221 2.33 -13.57 19.29
CA PHE C 221 1.78 -12.62 20.25
C PHE C 221 2.29 -12.91 21.65
N ILE C 222 2.29 -14.18 22.06
CA ILE C 222 2.79 -14.54 23.38
C ILE C 222 4.25 -14.14 23.52
N LEU C 223 5.05 -14.38 22.48
CA LEU C 223 6.46 -14.03 22.57
C LEU C 223 6.67 -12.52 22.63
N GLN C 224 5.91 -11.76 21.85
CA GLN C 224 6.28 -10.38 21.56
C GLN C 224 5.55 -9.35 22.42
N THR C 225 4.33 -9.63 22.87
CA THR C 225 3.53 -8.66 23.61
C THR C 225 3.30 -9.06 25.05
N TYR C 226 2.93 -10.32 25.31
CA TYR C 226 2.55 -10.72 26.66
C TYR C 226 3.76 -10.80 27.59
N MET C 227 4.84 -11.46 27.15
CA MET C 227 5.96 -11.69 28.05
C MET C 227 6.66 -10.41 28.49
N PRO C 228 6.98 -9.45 27.62
CA PRO C 228 7.61 -8.21 28.12
C PRO C 228 6.79 -7.48 29.16
N SER C 229 5.47 -7.45 29.01
CA SER C 229 4.62 -6.81 30.00
C SER C 229 4.60 -7.56 31.31
N ILE C 230 4.90 -8.86 31.30
CA ILE C 230 4.99 -9.64 32.53
C ILE C 230 6.34 -9.44 33.20
N LEU C 231 7.41 -9.41 32.42
CA LEU C 231 8.73 -9.17 33.00
C LEU C 231 8.83 -7.78 33.60
N ILE C 232 8.20 -6.78 32.97
CA ILE C 232 8.20 -5.45 33.54
C ILE C 232 7.44 -5.43 34.86
N THR C 233 6.34 -6.19 34.94
CA THR C 233 5.60 -6.26 36.19
C THR C 233 6.43 -6.93 37.29
N ILE C 234 7.18 -7.96 36.93
CA ILE C 234 8.06 -8.59 37.91
C ILE C 234 9.13 -7.60 38.39
N LEU C 235 9.68 -6.82 37.46
CA LEU C 235 10.64 -5.79 37.85
C LEU C 235 9.99 -4.74 38.75
N SER C 236 8.71 -4.47 38.54
CA SER C 236 8.01 -3.58 39.47
C SER C 236 7.93 -4.21 40.85
N TRP C 237 7.68 -5.52 40.92
CA TRP C 237 7.65 -6.20 42.21
C TRP C 237 9.00 -6.16 42.90
N VAL C 238 10.09 -6.12 42.12
CA VAL C 238 11.43 -6.12 42.71
C VAL C 238 11.62 -4.92 43.64
N SER C 239 10.87 -3.83 43.43
CA SER C 239 11.00 -2.66 44.29
C SER C 239 10.68 -2.97 45.75
N PHE C 240 9.80 -3.95 45.99
CA PHE C 240 9.42 -4.25 47.38
C PHE C 240 10.60 -4.79 48.18
N TRP C 241 11.43 -5.63 47.56
CA TRP C 241 12.50 -6.28 48.29
C TRP C 241 13.69 -5.37 48.57
N ILE C 242 13.81 -4.24 47.88
CA ILE C 242 15.01 -3.43 47.95
C ILE C 242 15.18 -2.86 49.36
N ASN C 243 14.29 -1.96 49.76
CA ASN C 243 14.43 -1.24 51.02
C ASN C 243 13.14 -0.47 51.26
N TYR C 244 13.17 0.42 52.25
CA TYR C 244 12.18 1.49 52.37
C TYR C 244 12.80 2.87 52.52
N ASP C 245 14.08 2.98 52.89
CA ASP C 245 14.76 4.26 53.01
C ASP C 245 15.54 4.65 51.76
N ALA C 246 15.82 3.70 50.87
CA ALA C 246 16.50 4.00 49.61
C ALA C 246 15.47 4.55 48.61
N SER C 247 15.08 5.81 48.85
CA SER C 247 13.98 6.38 48.11
C SER C 247 14.33 6.62 46.64
N ALA C 248 15.56 7.04 46.36
CA ALA C 248 15.95 7.32 44.98
C ALA C 248 15.85 6.07 44.12
N ALA C 249 16.39 4.96 44.61
CA ALA C 249 16.40 3.73 43.83
C ALA C 249 14.99 3.22 43.58
N ARG C 250 14.18 3.13 44.64
CA ARG C 250 12.84 2.60 44.49
C ARG C 250 11.97 3.49 43.62
N VAL C 251 12.06 4.80 43.81
CA VAL C 251 11.26 5.73 43.01
C VAL C 251 11.67 5.65 41.54
N ALA C 252 12.98 5.61 41.28
CA ALA C 252 13.45 5.50 39.90
C ALA C 252 12.96 4.20 39.27
N LEU C 253 13.04 3.09 40.02
CA LEU C 253 12.57 1.81 39.51
C LEU C 253 11.09 1.86 39.16
N GLY C 254 10.26 2.35 40.08
CA GLY C 254 8.83 2.36 39.83
C GLY C 254 8.44 3.25 38.68
N ILE C 255 8.98 4.47 38.64
CA ILE C 255 8.58 5.40 37.60
C ILE C 255 9.13 4.97 36.25
N THR C 256 10.31 4.36 36.21
CA THR C 256 10.83 3.87 34.94
C THR C 256 10.06 2.65 34.47
N THR C 257 9.57 1.81 35.38
CA THR C 257 8.69 0.72 34.97
C THR C 257 7.40 1.27 34.36
N VAL C 258 6.85 2.32 34.97
CA VAL C 258 5.66 2.95 34.40
C VAL C 258 5.97 3.49 33.00
N LEU C 259 7.12 4.14 32.84
CA LEU C 259 7.51 4.65 31.54
C LEU C 259 7.66 3.53 30.52
N THR C 260 8.25 2.40 30.93
CA THR C 260 8.42 1.28 30.02
C THR C 260 7.08 0.69 29.60
N MET C 261 6.14 0.58 30.53
CA MET C 261 4.82 0.10 30.17
C MET C 261 4.13 1.03 29.18
N THR C 262 4.24 2.35 29.40
CA THR C 262 3.64 3.29 28.46
C THR C 262 4.30 3.17 27.09
N THR C 263 5.62 3.02 27.06
CA THR C 263 6.33 2.85 25.80
C THR C 263 5.86 1.59 25.07
N ILE C 264 5.71 0.49 25.82
CA ILE C 264 5.25 -0.76 25.22
C ILE C 264 3.85 -0.59 24.64
N ASN C 265 2.96 0.04 25.39
CA ASN C 265 1.59 0.24 24.92
C ASN C 265 1.55 1.09 23.66
N THR C 266 2.31 2.19 23.63
CA THR C 266 2.35 3.03 22.44
C THR C 266 2.92 2.31 21.23
N HIS C 267 4.02 1.58 21.41
CA HIS C 267 4.70 0.98 20.28
C HIS C 267 4.12 -0.36 19.87
N LEU C 268 3.17 -0.91 20.63
CA LEU C 268 2.32 -1.96 20.11
C LEU C 268 1.05 -1.42 19.49
N ARG C 269 0.60 -0.24 19.95
CA ARG C 269 -0.51 0.44 19.30
C ARG C 269 -0.15 0.77 17.86
N GLU C 270 1.03 1.37 17.66
CA GLU C 270 1.42 1.89 16.36
C GLU C 270 2.08 0.85 15.46
N THR C 271 2.19 -0.41 15.91
CA THR C 271 2.73 -1.51 15.11
C THR C 271 1.73 -2.63 14.89
N LEU C 272 0.86 -2.91 15.86
CA LEU C 272 -0.19 -3.88 15.64
C LEU C 272 -1.22 -3.31 14.67
N PRO C 273 -2.07 -4.16 14.07
CA PRO C 273 -3.12 -3.63 13.21
C PRO C 273 -4.05 -2.68 13.97
N LYS C 274 -4.46 -1.61 13.28
CA LYS C 274 -5.23 -0.54 13.89
C LYS C 274 -6.71 -0.84 13.73
N ILE C 275 -7.32 -1.36 14.79
CA ILE C 275 -8.77 -1.58 14.86
C ILE C 275 -9.30 -0.77 16.04
N PRO C 276 -10.06 0.33 15.82
CA PRO C 276 -10.37 1.19 16.98
C PRO C 276 -11.54 0.72 17.82
N TYR C 277 -11.31 -0.32 18.62
CA TYR C 277 -12.17 -0.62 19.76
C TYR C 277 -11.44 -1.61 20.66
N VAL C 278 -12.07 -1.94 21.80
CA VAL C 278 -11.40 -2.72 22.83
C VAL C 278 -11.10 -4.14 22.33
N LYS C 279 -10.00 -4.70 22.83
CA LYS C 279 -9.57 -6.05 22.49
C LYS C 279 -9.07 -6.73 23.75
N ALA C 280 -8.86 -8.05 23.66
CA ALA C 280 -8.42 -8.81 24.81
C ALA C 280 -7.03 -8.41 25.26
N ILE C 281 -6.14 -8.11 24.30
CA ILE C 281 -4.78 -7.73 24.66
C ILE C 281 -4.77 -6.41 25.41
N ASP C 282 -5.68 -5.50 25.05
CA ASP C 282 -5.75 -4.21 25.74
C ASP C 282 -6.09 -4.38 27.22
N MET C 283 -6.99 -5.32 27.53
CA MET C 283 -7.34 -5.55 28.93
C MET C 283 -6.12 -6.05 29.71
N TYR C 284 -5.36 -6.97 29.13
CA TYR C 284 -4.15 -7.47 29.79
C TYR C 284 -3.14 -6.35 29.99
N LEU C 285 -2.94 -5.53 28.96
CA LEU C 285 -1.95 -4.46 29.06
C LEU C 285 -2.35 -3.44 30.12
N MET C 286 -3.64 -3.08 30.17
CA MET C 286 -4.07 -2.11 31.17
C MET C 286 -4.04 -2.71 32.57
N GLY C 287 -4.30 -4.01 32.71
CA GLY C 287 -4.13 -4.64 34.00
C GLY C 287 -2.70 -4.62 34.48
N CYS C 288 -1.76 -4.92 33.57
CA CYS C 288 -0.34 -4.84 33.93
C CYS C 288 0.06 -3.42 34.29
N PHE C 289 -0.45 -2.44 33.54
CA PHE C 289 -0.18 -1.04 33.85
C PHE C 289 -0.72 -0.67 35.22
N VAL C 290 -1.91 -1.17 35.56
CA VAL C 290 -2.49 -0.91 36.88
C VAL C 290 -1.61 -1.51 37.97
N PHE C 291 -1.12 -2.72 37.76
CA PHE C 291 -0.25 -3.34 38.76
C PHE C 291 1.03 -2.53 38.95
N VAL C 292 1.64 -2.09 37.85
CA VAL C 292 2.88 -1.32 37.95
C VAL C 292 2.62 0.02 38.62
N PHE C 293 1.49 0.64 38.32
CA PHE C 293 1.13 1.91 38.96
C PHE C 293 0.91 1.72 40.46
N LEU C 294 0.24 0.64 40.84
CA LEU C 294 -0.02 0.38 42.25
C LEU C 294 1.22 -0.01 43.02
N ALA C 295 2.25 -0.57 42.37
CA ALA C 295 3.51 -0.77 43.07
C ALA C 295 4.15 0.56 43.49
N LEU C 296 4.13 1.54 42.58
CA LEU C 296 4.67 2.85 42.91
C LEU C 296 3.82 3.56 43.96
N LEU C 297 2.50 3.40 43.89
CA LEU C 297 1.65 3.94 44.96
C LEU C 297 1.91 3.24 46.29
N GLU C 298 2.23 1.95 46.25
CA GLU C 298 2.58 1.24 47.48
C GLU C 298 3.83 1.83 48.10
N TYR C 299 4.86 2.10 47.29
CA TYR C 299 6.03 2.72 47.88
C TYR C 299 5.74 4.13 48.38
N ALA C 300 4.89 4.88 47.69
CA ALA C 300 4.54 6.22 48.18
C ALA C 300 3.86 6.13 49.54
N PHE C 301 2.95 5.17 49.71
CA PHE C 301 2.29 4.98 51.00
C PHE C 301 3.30 4.57 52.06
N VAL C 302 4.24 3.70 51.72
CA VAL C 302 5.26 3.27 52.68
C VAL C 302 6.12 4.46 53.10
N ASN C 303 6.53 5.29 52.14
CA ASN C 303 7.37 6.44 52.44
C ASN C 303 6.63 7.43 53.33
N TYR C 304 5.35 7.67 53.04
CA TYR C 304 4.57 8.58 53.88
C TYR C 304 4.43 8.02 55.30
N ILE C 305 4.21 6.71 55.43
CA ILE C 305 4.10 6.11 56.75
C ILE C 305 5.40 6.23 57.51
N PHE C 306 6.53 5.97 56.85
CA PHE C 306 7.81 5.95 57.54
C PHE C 306 8.25 7.36 57.90
N PHE C 307 8.45 8.22 56.90
CA PHE C 307 8.93 9.57 57.18
C PHE C 307 7.86 10.43 57.83
N SER C 308 6.62 10.32 57.36
CA SER C 308 5.52 11.10 57.89
C SER C 308 4.97 10.53 59.18
N ARG C 422 6.46 -0.53 61.01
CA ARG C 422 5.23 -0.72 60.26
C ARG C 422 5.49 -0.73 58.76
N ALA C 423 6.51 0.02 58.33
CA ALA C 423 6.87 0.02 56.91
C ALA C 423 7.30 -1.36 56.44
N ALA C 424 8.09 -2.07 57.25
CA ALA C 424 8.48 -3.42 56.90
C ALA C 424 7.27 -4.35 56.82
N ALA C 425 6.27 -4.14 57.68
CA ALA C 425 5.06 -4.94 57.61
C ALA C 425 4.35 -4.73 56.29
N ILE C 426 4.24 -3.47 55.83
CA ILE C 426 3.60 -3.21 54.56
C ILE C 426 4.41 -3.80 53.41
N ASP C 427 5.74 -3.73 53.50
CA ASP C 427 6.57 -4.33 52.46
C ASP C 427 6.36 -5.84 52.38
N ARG C 428 6.33 -6.52 53.53
CA ARG C 428 6.10 -7.96 53.53
C ARG C 428 4.72 -8.29 52.99
N TRP C 429 3.71 -7.53 53.39
CA TRP C 429 2.36 -7.75 52.90
C TRP C 429 2.29 -7.60 51.39
N SER C 430 2.94 -6.56 50.85
CA SER C 430 3.00 -6.39 49.42
C SER C 430 3.77 -7.52 48.75
N ARG C 431 4.80 -8.05 49.42
CA ARG C 431 5.55 -9.17 48.86
C ARG C 431 4.66 -10.40 48.70
N ILE C 432 3.81 -10.68 49.69
CA ILE C 432 3.01 -11.91 49.67
C ILE C 432 1.64 -11.69 49.04
N VAL C 433 1.45 -10.57 48.34
CA VAL C 433 0.14 -10.21 47.77
C VAL C 433 0.27 -9.93 46.28
N PHE C 434 1.22 -9.07 45.91
CA PHE C 434 1.31 -8.64 44.51
C PHE C 434 1.54 -9.81 43.55
N PRO C 435 2.50 -10.72 43.79
CA PRO C 435 2.58 -11.91 42.93
C PRO C 435 1.31 -12.75 42.97
N PHE C 436 0.69 -12.89 44.14
CA PHE C 436 -0.54 -13.67 44.25
C PHE C 436 -1.67 -13.03 43.46
N THR C 437 -1.83 -11.72 43.60
CA THR C 437 -2.91 -11.03 42.89
C THR C 437 -2.68 -11.07 41.38
N PHE C 438 -1.42 -10.93 40.95
CA PHE C 438 -1.13 -10.99 39.52
C PHE C 438 -1.37 -12.40 38.98
N SER C 439 -1.03 -13.43 39.75
CA SER C 439 -1.31 -14.79 39.32
C SER C 439 -2.81 -15.03 39.23
N LEU C 440 -3.57 -14.48 40.17
CA LEU C 440 -5.02 -14.58 40.10
C LEU C 440 -5.56 -13.88 38.86
N PHE C 441 -5.01 -12.70 38.54
CA PHE C 441 -5.44 -11.97 37.35
C PHE C 441 -5.12 -12.77 36.10
N ASN C 442 -3.94 -13.39 36.05
CA ASN C 442 -3.59 -14.21 34.89
C ASN C 442 -4.51 -15.42 34.77
N LEU C 443 -4.84 -16.06 35.91
CA LEU C 443 -5.73 -17.21 35.88
C LEU C 443 -7.11 -16.80 35.37
N VAL C 444 -7.62 -15.67 35.82
CA VAL C 444 -8.91 -15.18 35.33
C VAL C 444 -8.83 -14.89 33.84
N TYR C 445 -7.75 -14.23 33.41
CA TYR C 445 -7.62 -13.83 32.02
C TYR C 445 -7.47 -15.03 31.10
N TRP C 446 -6.61 -15.98 31.46
CA TRP C 446 -6.31 -17.10 30.57
C TRP C 446 -7.34 -18.20 30.61
N LEU C 447 -8.36 -18.10 31.47
CA LEU C 447 -9.51 -19.00 31.43
C LEU C 447 -10.71 -18.37 30.76
N TYR C 448 -10.88 -17.04 30.87
CA TYR C 448 -11.99 -16.39 30.19
C TYR C 448 -11.86 -16.49 28.68
N TYR C 449 -10.64 -16.32 28.16
CA TYR C 449 -10.40 -16.28 26.73
C TYR C 449 -9.93 -17.62 26.16
N VAL C 450 -9.97 -18.69 26.94
CA VAL C 450 -9.62 -20.02 26.45
C VAL C 450 -10.60 -21.04 27.01
N ASN D 8 8.19 -6.01 -54.60
CA ASN D 8 7.30 -4.86 -54.44
C ASN D 8 6.74 -4.80 -53.02
N MET D 9 6.51 -3.59 -52.54
CA MET D 9 5.91 -3.43 -51.22
C MET D 9 4.48 -3.94 -51.19
N SER D 10 3.70 -3.64 -52.24
CA SER D 10 2.32 -4.10 -52.28
C SER D 10 2.23 -5.63 -52.35
N PHE D 11 3.26 -6.27 -52.90
CA PHE D 11 3.28 -7.73 -52.93
C PHE D 11 3.29 -8.30 -51.52
N VAL D 12 4.04 -7.67 -50.61
CA VAL D 12 4.05 -8.11 -49.21
C VAL D 12 2.68 -7.92 -48.59
N LYS D 13 2.02 -6.80 -48.91
CA LYS D 13 0.67 -6.57 -48.40
C LYS D 13 -0.29 -7.65 -48.87
N GLU D 14 -0.21 -8.00 -50.16
CA GLU D 14 -1.09 -9.05 -50.68
C GLU D 14 -0.78 -10.39 -50.02
N THR D 15 0.50 -10.68 -49.80
CA THR D 15 0.86 -11.94 -49.14
C THR D 15 0.29 -11.99 -47.73
N VAL D 16 0.42 -10.89 -46.98
CA VAL D 16 -0.09 -10.86 -45.61
C VAL D 16 -1.62 -10.99 -45.61
N ASP D 17 -2.30 -10.30 -46.52
CA ASP D 17 -3.75 -10.40 -46.59
C ASP D 17 -4.19 -11.81 -46.94
N LYS D 18 -3.46 -12.47 -47.85
CA LYS D 18 -3.77 -13.86 -48.17
C LYS D 18 -3.57 -14.76 -46.97
N LEU D 19 -2.50 -14.52 -46.20
CA LEU D 19 -2.24 -15.34 -45.02
C LEU D 19 -3.35 -15.18 -43.99
N LEU D 20 -3.75 -13.94 -43.72
CA LEU D 20 -4.77 -13.72 -42.69
C LEU D 20 -6.17 -14.07 -43.16
N LYS D 21 -6.44 -13.96 -44.46
CA LYS D 21 -7.76 -14.30 -44.98
C LYS D 21 -8.01 -15.79 -44.82
N GLY D 22 -9.20 -16.14 -44.34
CA GLY D 22 -9.50 -17.53 -44.07
C GLY D 22 -8.80 -18.11 -42.88
N TYR D 23 -8.32 -17.27 -41.96
CA TYR D 23 -7.58 -17.69 -40.79
C TYR D 23 -8.50 -17.65 -39.58
N ASP D 24 -8.60 -18.77 -38.87
CA ASP D 24 -9.39 -18.87 -37.64
C ASP D 24 -8.45 -18.75 -36.45
N ILE D 25 -8.56 -17.65 -35.71
CA ILE D 25 -7.79 -17.50 -34.48
C ILE D 25 -8.21 -18.50 -33.41
N ARG D 26 -9.43 -19.01 -33.48
CA ARG D 26 -9.95 -19.89 -32.43
C ARG D 26 -9.44 -21.32 -32.53
N LEU D 27 -8.79 -21.69 -33.63
CA LEU D 27 -8.37 -23.06 -33.89
C LEU D 27 -6.87 -23.21 -33.66
N ARG D 28 -6.51 -24.16 -32.82
CA ARG D 28 -5.11 -24.44 -32.55
C ARG D 28 -4.45 -25.01 -33.81
N PRO D 29 -3.17 -24.69 -34.08
CA PRO D 29 -2.54 -25.21 -35.31
C PRO D 29 -2.49 -26.72 -35.32
N ASP D 30 -2.93 -27.31 -36.43
CA ASP D 30 -3.15 -28.75 -36.53
C ASP D 30 -4.12 -29.19 -35.44
N PHE D 31 -5.36 -28.70 -35.57
CA PHE D 31 -6.37 -28.89 -34.54
C PHE D 31 -6.63 -30.37 -34.27
N GLY D 32 -6.57 -31.21 -35.31
CA GLY D 32 -6.71 -32.64 -35.15
C GLY D 32 -5.37 -33.38 -35.09
N GLY D 33 -4.28 -32.68 -35.37
CA GLY D 33 -2.98 -33.30 -35.47
C GLY D 33 -2.28 -33.40 -34.13
N PRO D 34 -0.98 -33.71 -34.15
CA PRO D 34 -0.20 -33.78 -32.91
C PRO D 34 -0.15 -32.44 -32.20
N PRO D 35 0.31 -32.40 -30.96
CA PRO D 35 0.34 -31.13 -30.23
C PRO D 35 1.40 -30.19 -30.77
N VAL D 36 1.18 -28.90 -30.51
CA VAL D 36 2.11 -27.86 -30.96
C VAL D 36 3.24 -27.75 -29.95
N CYS D 37 4.48 -27.76 -30.46
CA CYS D 37 5.67 -27.64 -29.61
C CYS D 37 6.05 -26.16 -29.52
N VAL D 38 5.82 -25.56 -28.36
CA VAL D 38 6.14 -24.16 -28.11
C VAL D 38 7.44 -24.09 -27.33
N GLY D 39 8.45 -23.44 -27.92
CA GLY D 39 9.73 -23.24 -27.27
C GLY D 39 9.78 -21.92 -26.54
N MET D 40 10.09 -21.97 -25.25
CA MET D 40 10.08 -20.79 -24.40
C MET D 40 11.49 -20.21 -24.29
N ASN D 41 11.55 -18.90 -24.04
CA ASN D 41 12.82 -18.22 -23.84
C ASN D 41 12.56 -16.99 -22.99
N ILE D 42 13.47 -16.70 -22.07
CA ILE D 42 13.33 -15.59 -21.13
C ILE D 42 14.63 -14.82 -21.09
N ASP D 43 14.53 -13.49 -21.02
CA ASP D 43 15.66 -12.61 -20.71
C ASP D 43 15.25 -11.72 -19.56
N ILE D 44 15.83 -11.96 -18.38
CA ILE D 44 15.44 -11.23 -17.18
C ILE D 44 16.09 -9.84 -17.23
N ALA D 45 15.26 -8.80 -17.16
CA ALA D 45 15.76 -7.43 -17.15
C ALA D 45 16.05 -6.96 -15.74
N SER D 46 15.23 -7.35 -14.76
CA SER D 46 15.44 -6.95 -13.39
C SER D 46 14.52 -7.75 -12.48
N ILE D 47 15.01 -8.01 -11.27
CA ILE D 47 14.17 -8.53 -10.18
C ILE D 47 14.11 -7.43 -9.13
N ASP D 48 13.05 -6.62 -9.18
CA ASP D 48 13.06 -5.34 -8.47
C ASP D 48 12.99 -5.53 -6.96
N MET D 49 11.89 -6.09 -6.46
CA MET D 49 11.63 -6.24 -5.04
C MET D 49 11.58 -7.70 -4.65
N VAL D 50 11.99 -7.99 -3.41
CA VAL D 50 11.80 -9.29 -2.79
C VAL D 50 11.16 -9.00 -1.44
N SER D 51 9.83 -9.01 -1.39
CA SER D 51 9.08 -8.57 -0.22
C SER D 51 8.87 -9.75 0.73
N GLU D 52 9.42 -9.66 1.94
CA GLU D 52 9.18 -10.67 2.95
C GLU D 52 7.79 -10.54 3.55
N VAL D 53 7.33 -9.30 3.77
CA VAL D 53 6.02 -9.10 4.39
C VAL D 53 4.91 -9.60 3.46
N ASN D 54 5.00 -9.31 2.17
CA ASN D 54 4.04 -9.80 1.19
C ASN D 54 4.41 -11.17 0.65
N MET D 55 5.64 -11.64 0.87
CA MET D 55 6.07 -12.97 0.46
C MET D 55 5.93 -13.15 -1.06
N ASP D 56 6.42 -12.16 -1.80
CA ASP D 56 6.42 -12.18 -3.25
C ASP D 56 7.64 -11.42 -3.74
N TYR D 57 7.81 -11.41 -5.07
CA TYR D 57 8.93 -10.70 -5.68
C TYR D 57 8.52 -10.23 -7.07
N THR D 58 8.99 -9.05 -7.44
CA THR D 58 8.69 -8.45 -8.75
C THR D 58 9.82 -8.79 -9.72
N LEU D 59 9.45 -9.12 -10.94
CA LEU D 59 10.39 -9.57 -11.96
C LEU D 59 9.96 -9.06 -13.33
N THR D 60 10.86 -8.41 -14.03
CA THR D 60 10.63 -7.93 -15.39
C THR D 60 11.40 -8.81 -16.37
N MET D 61 10.75 -9.20 -17.47
CA MET D 61 11.34 -10.17 -18.38
C MET D 61 10.90 -9.88 -19.80
N TYR D 62 11.78 -10.20 -20.74
CA TYR D 62 11.42 -10.37 -22.14
C TYR D 62 11.12 -11.85 -22.34
N PHE D 63 9.86 -12.15 -22.61
CA PHE D 63 9.34 -13.52 -22.67
C PHE D 63 9.02 -13.81 -24.14
N GLN D 64 9.79 -14.70 -24.76
CA GLN D 64 9.63 -15.08 -26.15
C GLN D 64 9.10 -16.49 -26.26
N GLN D 65 8.19 -16.70 -27.20
CA GLN D 65 7.62 -18.00 -27.50
C GLN D 65 7.78 -18.25 -28.99
N TYR D 66 8.37 -19.38 -29.35
CA TYR D 66 8.52 -19.80 -30.73
C TYR D 66 7.61 -20.99 -30.98
N TRP D 67 6.85 -20.96 -32.07
CA TRP D 67 6.08 -22.13 -32.47
C TRP D 67 6.00 -22.16 -33.98
N ARG D 68 5.25 -23.13 -34.51
CA ARG D 68 5.16 -23.36 -35.94
C ARG D 68 3.70 -23.42 -36.35
N ASP D 69 3.35 -22.65 -37.37
CA ASP D 69 2.00 -22.60 -37.92
C ASP D 69 2.11 -22.70 -39.43
N LYS D 70 1.63 -23.81 -40.00
CA LYS D 70 1.69 -23.99 -41.44
C LYS D 70 0.79 -22.98 -42.15
N ARG D 71 -0.25 -22.49 -41.47
CA ARG D 71 -1.15 -21.53 -42.09
C ARG D 71 -0.44 -20.22 -42.42
N LEU D 72 0.61 -19.88 -41.67
CA LEU D 72 1.33 -18.62 -41.84
C LEU D 72 2.61 -18.77 -42.66
N ALA D 73 2.74 -19.86 -43.41
CA ALA D 73 3.90 -20.03 -44.28
C ALA D 73 3.71 -19.25 -45.57
N TYR D 74 4.77 -18.60 -46.02
CA TYR D 74 4.74 -17.79 -47.24
C TYR D 74 6.00 -18.03 -48.04
N SER D 75 5.93 -17.69 -49.33
CA SER D 75 7.04 -17.86 -50.25
C SER D 75 7.17 -16.62 -51.12
N GLY D 76 8.37 -16.42 -51.66
CA GLY D 76 8.67 -15.28 -52.49
C GLY D 76 9.16 -14.05 -51.75
N ILE D 77 9.17 -14.07 -50.42
CA ILE D 77 9.64 -12.96 -49.60
C ILE D 77 10.77 -13.50 -48.73
N PRO D 78 12.05 -13.38 -49.13
CA PRO D 78 13.12 -14.03 -48.36
C PRO D 78 13.28 -13.51 -46.94
N LEU D 79 12.83 -12.29 -46.65
CA LEU D 79 13.02 -11.70 -45.34
C LEU D 79 12.07 -12.33 -44.33
N ASN D 80 12.39 -12.13 -43.05
CA ASN D 80 11.49 -12.47 -41.95
C ASN D 80 10.59 -11.27 -41.70
N LEU D 81 9.30 -11.44 -41.94
CA LEU D 81 8.35 -10.34 -41.87
C LEU D 81 8.14 -9.94 -40.41
N THR D 82 8.79 -8.85 -39.99
CA THR D 82 8.56 -8.27 -38.67
C THR D 82 7.39 -7.31 -38.80
N LEU D 83 6.23 -7.71 -38.30
CA LEU D 83 4.99 -6.96 -38.44
C LEU D 83 4.70 -6.14 -37.19
N ASP D 84 3.78 -5.20 -37.35
CA ASP D 84 3.33 -4.41 -36.21
C ASP D 84 2.65 -5.30 -35.18
N ASN D 85 2.75 -4.92 -33.92
CA ASN D 85 2.25 -5.76 -32.83
C ASN D 85 0.75 -5.99 -32.90
N ARG D 86 0.00 -5.08 -33.53
CA ARG D 86 -1.45 -5.24 -33.60
C ARG D 86 -1.85 -6.50 -34.35
N VAL D 87 -1.00 -7.01 -35.23
CA VAL D 87 -1.29 -8.26 -35.94
C VAL D 87 -1.45 -9.42 -34.97
N ALA D 88 -0.90 -9.33 -33.76
CA ALA D 88 -1.10 -10.37 -32.77
C ALA D 88 -2.57 -10.58 -32.44
N ASP D 89 -3.41 -9.56 -32.64
CA ASP D 89 -4.84 -9.74 -32.39
C ASP D 89 -5.46 -10.73 -33.38
N GLN D 90 -4.96 -10.76 -34.62
CA GLN D 90 -5.57 -11.54 -35.69
C GLN D 90 -4.93 -12.93 -35.87
N LEU D 91 -3.99 -13.30 -35.01
CA LEU D 91 -3.34 -14.61 -35.07
C LEU D 91 -3.65 -15.40 -33.81
N TRP D 92 -3.47 -16.72 -33.91
CA TRP D 92 -3.50 -17.59 -32.74
C TRP D 92 -2.16 -17.53 -32.05
N VAL D 93 -2.18 -17.31 -30.74
CA VAL D 93 -0.98 -17.30 -29.91
C VAL D 93 -1.19 -18.30 -28.78
N PRO D 94 -0.15 -18.88 -28.20
CA PRO D 94 -0.35 -19.90 -27.17
C PRO D 94 -1.05 -19.33 -25.94
N ASP D 95 -1.52 -20.25 -25.10
CA ASP D 95 -2.38 -19.95 -23.97
C ASP D 95 -1.56 -19.88 -22.66
N THR D 96 -0.35 -19.34 -22.76
CA THR D 96 0.57 -19.35 -21.64
C THR D 96 0.12 -18.39 -20.54
N TYR D 97 0.36 -18.78 -19.30
CA TYR D 97 0.10 -17.92 -18.15
C TYR D 97 0.97 -18.38 -16.99
N PHE D 98 1.09 -17.53 -15.97
CA PHE D 98 1.90 -17.79 -14.79
C PHE D 98 0.98 -18.09 -13.61
N LEU D 99 1.30 -19.14 -12.86
CA LEU D 99 0.50 -19.48 -11.69
C LEU D 99 0.87 -18.64 -10.48
N ASN D 100 2.14 -18.25 -10.35
CA ASN D 100 2.58 -17.56 -9.14
C ASN D 100 2.13 -16.11 -9.09
N ASP D 101 1.79 -15.51 -10.23
CA ASP D 101 1.63 -14.06 -10.27
C ASP D 101 0.44 -13.60 -9.45
N LYS D 102 0.71 -12.71 -8.49
CA LYS D 102 -0.36 -11.99 -7.83
C LYS D 102 -0.92 -10.91 -8.75
N LYS D 103 -0.05 -10.25 -9.50
CA LYS D 103 -0.44 -9.22 -10.45
C LYS D 103 0.65 -9.12 -11.50
N SER D 104 0.27 -9.17 -12.76
CA SER D 104 1.20 -9.09 -13.87
C SER D 104 0.64 -8.16 -14.94
N PHE D 105 1.54 -7.58 -15.73
CA PHE D 105 1.10 -6.71 -16.81
C PHE D 105 2.17 -6.65 -17.90
N VAL D 106 1.71 -6.44 -19.13
CA VAL D 106 2.58 -6.21 -20.27
C VAL D 106 2.78 -4.71 -20.42
N HIS D 107 4.03 -4.28 -20.56
CA HIS D 107 4.34 -2.87 -20.67
C HIS D 107 3.71 -2.30 -21.93
N GLY D 108 3.15 -1.10 -21.81
CA GLY D 108 2.25 -0.58 -22.83
C GLY D 108 2.49 0.84 -23.31
N VAL D 109 3.69 1.37 -23.11
CA VAL D 109 3.91 2.78 -23.40
C VAL D 109 4.51 2.98 -24.78
N THR D 110 3.86 3.86 -25.54
CA THR D 110 4.10 4.25 -26.93
C THR D 110 3.65 3.20 -27.92
N VAL D 111 3.53 1.95 -27.47
CA VAL D 111 2.91 0.80 -28.12
C VAL D 111 2.72 -0.24 -27.03
N LYS D 112 1.88 -1.23 -27.27
CA LYS D 112 1.97 -2.44 -26.48
C LYS D 112 3.28 -3.15 -26.81
N ASN D 113 4.09 -3.40 -25.78
CA ASN D 113 5.42 -3.95 -25.99
C ASN D 113 5.31 -5.43 -26.35
N ARG D 114 4.96 -5.66 -27.60
CA ARG D 114 4.88 -7.00 -28.18
C ARG D 114 5.59 -7.00 -29.52
N MET D 115 6.03 -8.19 -29.94
CA MET D 115 6.59 -8.37 -31.26
C MET D 115 6.07 -9.67 -31.86
N ILE D 116 5.63 -9.59 -33.11
CA ILE D 116 5.32 -10.73 -33.95
C ILE D 116 6.35 -10.76 -35.07
N ARG D 117 7.09 -11.86 -35.19
CA ARG D 117 8.05 -12.05 -36.27
C ARG D 117 7.74 -13.36 -36.96
N LEU D 118 7.24 -13.27 -38.19
CA LEU D 118 6.99 -14.44 -39.02
C LEU D 118 8.24 -14.77 -39.82
N HIS D 119 8.29 -16.02 -40.27
CA HIS D 119 9.40 -16.54 -41.07
C HIS D 119 8.85 -17.31 -42.25
N PRO D 120 9.61 -17.40 -43.36
CA PRO D 120 9.07 -18.13 -44.52
C PRO D 120 8.78 -19.58 -44.24
N ASP D 121 9.49 -20.20 -43.30
CA ASP D 121 9.25 -21.58 -42.93
C ASP D 121 7.92 -21.79 -42.21
N GLY D 122 7.26 -20.71 -41.78
CA GLY D 122 6.03 -20.79 -41.02
C GLY D 122 6.21 -20.61 -39.53
N THR D 123 7.44 -20.68 -39.02
CA THR D 123 7.66 -20.49 -37.60
C THR D 123 7.42 -19.05 -37.21
N VAL D 124 6.78 -18.88 -36.05
CA VAL D 124 6.36 -17.58 -35.53
C VAL D 124 7.04 -17.35 -34.20
N LEU D 125 7.61 -16.16 -34.03
CA LEU D 125 8.17 -15.69 -32.77
C LEU D 125 7.27 -14.61 -32.19
N TYR D 126 6.92 -14.77 -30.91
CA TYR D 126 6.00 -13.89 -30.19
C TYR D 126 6.69 -13.46 -28.91
N GLY D 127 7.07 -12.19 -28.85
CA GLY D 127 7.81 -11.65 -27.70
C GLY D 127 6.97 -10.63 -26.96
N LEU D 128 7.10 -10.63 -25.63
CA LEU D 128 6.35 -9.74 -24.74
C LEU D 128 7.26 -9.25 -23.63
N ARG D 129 7.15 -7.97 -23.27
CA ARG D 129 7.81 -7.45 -22.08
C ARG D 129 6.81 -7.46 -20.92
N ILE D 130 7.07 -8.30 -19.94
CA ILE D 130 6.11 -8.60 -18.87
C ILE D 130 6.75 -8.30 -17.53
N THR D 131 6.03 -7.57 -16.67
CA THR D 131 6.39 -7.40 -15.28
C THR D 131 5.40 -8.19 -14.44
N THR D 132 5.92 -9.07 -13.59
CA THR D 132 5.14 -10.04 -12.84
C THR D 132 5.50 -9.96 -11.37
N THR D 133 4.49 -9.91 -10.51
CA THR D 133 4.67 -9.99 -9.06
C THR D 133 4.37 -11.42 -8.64
N ALA D 134 5.40 -12.26 -8.75
CA ALA D 134 5.24 -13.68 -8.49
C ALA D 134 5.28 -13.97 -7.00
N ALA D 135 4.46 -14.92 -6.57
CA ALA D 135 4.34 -15.28 -5.16
C ALA D 135 5.26 -16.46 -4.87
N CYS D 136 6.17 -16.29 -3.92
CA CYS D 136 7.05 -17.37 -3.47
C CYS D 136 7.07 -17.37 -1.95
N MET D 137 6.86 -18.55 -1.37
CA MET D 137 6.91 -18.69 0.08
C MET D 137 8.34 -18.56 0.58
N MET D 138 8.48 -18.01 1.79
CA MET D 138 9.77 -17.78 2.41
C MET D 138 9.76 -18.43 3.79
N ASP D 139 10.75 -19.29 4.05
CA ASP D 139 10.88 -19.95 5.34
C ASP D 139 11.71 -19.03 6.24
N LEU D 140 11.03 -18.07 6.85
CA LEU D 140 11.68 -17.06 7.68
C LEU D 140 11.88 -17.52 9.13
N ARG D 141 11.84 -18.82 9.38
CA ARG D 141 12.13 -19.32 10.72
C ARG D 141 13.57 -19.02 11.11
N ARG D 142 14.51 -19.16 10.17
CA ARG D 142 15.91 -18.85 10.38
C ARG D 142 16.25 -17.41 9.98
N TYR D 143 15.26 -16.55 9.85
CA TYR D 143 15.52 -15.17 9.44
C TYR D 143 16.38 -14.48 10.50
N PRO D 144 17.36 -13.65 10.10
CA PRO D 144 17.84 -13.23 8.79
C PRO D 144 19.01 -14.06 8.25
N LEU D 145 19.09 -15.33 8.65
CA LEU D 145 20.06 -16.29 8.11
C LEU D 145 19.28 -17.41 7.46
N ASP D 146 18.86 -17.20 6.21
CA ASP D 146 17.95 -18.10 5.53
C ASP D 146 18.36 -18.24 4.07
N GLU D 147 17.82 -19.29 3.43
CA GLU D 147 18.12 -19.64 2.05
C GLU D 147 16.77 -19.84 1.34
N GLN D 148 16.25 -18.77 0.74
CA GLN D 148 14.96 -18.83 0.08
C GLN D 148 15.10 -19.45 -1.31
N ASN D 149 13.97 -19.90 -1.86
CA ASN D 149 13.90 -20.50 -3.19
C ASN D 149 12.61 -20.03 -3.85
N CYS D 150 12.73 -18.97 -4.65
CA CYS D 150 11.58 -18.37 -5.33
C CYS D 150 11.56 -18.79 -6.78
N THR D 151 10.38 -19.19 -7.27
CA THR D 151 10.23 -19.81 -8.58
C THR D 151 9.13 -19.12 -9.38
N LEU D 152 9.28 -19.20 -10.70
CA LEU D 152 8.26 -18.76 -11.66
C LEU D 152 7.77 -20.00 -12.41
N GLU D 153 6.45 -20.21 -12.39
CA GLU D 153 5.82 -21.39 -12.96
C GLU D 153 5.04 -20.98 -14.20
N ILE D 154 5.32 -21.64 -15.33
CA ILE D 154 4.72 -21.32 -16.62
C ILE D 154 3.87 -22.52 -17.03
N GLU D 155 2.62 -22.27 -17.43
CA GLU D 155 1.69 -23.33 -17.77
C GLU D 155 0.66 -22.79 -18.75
N SER D 156 0.00 -23.70 -19.45
CA SER D 156 -1.09 -23.37 -20.36
C SER D 156 -2.41 -23.50 -19.64
N TYR D 157 -3.25 -22.46 -19.73
CA TYR D 157 -4.51 -22.47 -18.98
C TYR D 157 -5.52 -23.41 -19.60
N GLY D 158 -5.62 -23.43 -20.92
CA GLY D 158 -6.69 -24.14 -21.60
C GLY D 158 -6.30 -25.47 -22.19
N TYR D 159 -5.14 -25.54 -22.83
CA TYR D 159 -4.75 -26.69 -23.63
C TYR D 159 -3.98 -27.70 -22.79
N THR D 160 -4.39 -28.96 -22.88
CA THR D 160 -3.72 -30.04 -22.15
C THR D 160 -2.47 -30.46 -22.93
N THR D 161 -1.76 -31.44 -22.38
CA THR D 161 -0.54 -31.92 -23.02
C THR D 161 -0.81 -32.62 -24.35
N ASP D 162 -2.04 -33.09 -24.56
CA ASP D 162 -2.40 -33.68 -25.85
C ASP D 162 -2.50 -32.64 -26.95
N ASP D 163 -2.75 -31.37 -26.60
CA ASP D 163 -2.93 -30.30 -27.58
C ASP D 163 -1.72 -29.41 -27.71
N ILE D 164 -0.95 -29.21 -26.64
CA ILE D 164 0.19 -28.30 -26.64
C ILE D 164 1.33 -28.95 -25.88
N GLU D 165 2.55 -28.52 -26.21
CA GLU D 165 3.77 -29.07 -25.62
C GLU D 165 4.77 -27.94 -25.44
N PHE D 166 5.35 -27.85 -24.25
CA PHE D 166 6.29 -26.79 -23.90
C PHE D 166 7.70 -27.37 -23.79
N TYR D 167 8.69 -26.53 -24.07
CA TYR D 167 10.08 -26.87 -23.83
C TYR D 167 10.89 -25.59 -23.76
N TRP D 168 12.07 -25.70 -23.16
CA TRP D 168 12.99 -24.58 -23.06
C TRP D 168 13.85 -24.55 -24.32
N ARG D 169 13.70 -23.50 -25.12
CA ARG D 169 14.52 -23.36 -26.31
C ARG D 169 15.93 -22.98 -25.91
N GLY D 170 16.90 -23.80 -26.31
CA GLY D 170 18.28 -23.61 -25.94
C GLY D 170 18.73 -24.39 -24.72
N GLY D 171 17.90 -25.28 -24.19
CA GLY D 171 18.31 -26.05 -23.03
C GLY D 171 18.51 -25.18 -21.81
N ASP D 172 19.67 -25.33 -21.17
CA ASP D 172 19.97 -24.54 -19.98
C ASP D 172 20.26 -23.08 -20.31
N LYS D 173 20.55 -22.75 -21.56
CA LYS D 173 20.80 -21.39 -21.99
C LYS D 173 19.52 -20.62 -22.31
N ALA D 174 18.35 -21.19 -22.01
CA ALA D 174 17.10 -20.52 -22.36
C ALA D 174 16.94 -19.20 -21.64
N VAL D 175 17.28 -19.15 -20.35
CA VAL D 175 17.12 -17.97 -19.52
C VAL D 175 18.43 -17.22 -19.44
N THR D 176 18.37 -15.90 -19.63
CA THR D 176 19.53 -15.03 -19.67
C THR D 176 19.28 -13.82 -18.78
N GLY D 177 20.36 -13.27 -18.22
CA GLY D 177 20.29 -12.09 -17.40
C GLY D 177 20.40 -12.34 -15.91
N VAL D 178 20.33 -13.59 -15.47
CA VAL D 178 20.49 -13.88 -14.05
C VAL D 178 21.90 -13.54 -13.58
N GLU D 179 22.89 -13.74 -14.44
CA GLU D 179 24.27 -13.46 -14.06
C GLU D 179 24.50 -11.99 -13.75
N ARG D 180 23.77 -11.09 -14.42
CA ARG D 180 24.00 -9.66 -14.29
C ARG D 180 23.15 -9.01 -13.22
N ILE D 181 21.93 -9.50 -12.99
CA ILE D 181 21.03 -8.86 -12.03
C ILE D 181 21.58 -9.04 -10.62
N GLU D 182 21.56 -7.95 -9.85
CA GLU D 182 21.99 -7.94 -8.47
C GLU D 182 20.86 -7.40 -7.60
N LEU D 183 20.67 -8.03 -6.45
CA LEU D 183 19.63 -7.66 -5.50
C LEU D 183 20.23 -6.91 -4.31
N PRO D 184 19.48 -6.02 -3.67
CA PRO D 184 20.08 -5.26 -2.57
C PRO D 184 20.38 -6.11 -1.35
N GLN D 185 19.47 -7.04 -1.02
CA GLN D 185 19.49 -7.78 0.22
C GLN D 185 19.76 -9.27 0.04
N PHE D 186 19.78 -9.77 -1.19
CA PHE D 186 20.00 -11.18 -1.50
C PHE D 186 21.11 -11.31 -2.55
N SER D 187 21.57 -12.55 -2.72
CA SER D 187 22.44 -12.93 -3.83
C SER D 187 21.88 -14.20 -4.45
N ILE D 188 21.76 -14.19 -5.78
CA ILE D 188 21.19 -15.32 -6.52
C ILE D 188 22.29 -16.36 -6.68
N VAL D 189 22.28 -17.38 -5.83
CA VAL D 189 23.31 -18.40 -5.88
C VAL D 189 23.22 -19.22 -7.15
N GLU D 190 22.00 -19.64 -7.52
CA GLU D 190 21.81 -20.56 -8.62
C GLU D 190 20.42 -20.36 -9.22
N HIS D 191 20.29 -20.66 -10.51
CA HIS D 191 19.01 -20.71 -11.19
C HIS D 191 18.90 -22.04 -11.93
N ARG D 192 17.70 -22.60 -11.94
CA ARG D 192 17.45 -23.94 -12.49
C ARG D 192 16.22 -23.92 -13.37
N LEU D 193 16.27 -24.68 -14.46
CA LEU D 193 15.17 -24.84 -15.41
C LEU D 193 14.63 -26.26 -15.29
N VAL D 194 13.31 -26.38 -15.13
CA VAL D 194 12.65 -27.67 -14.98
C VAL D 194 11.48 -27.71 -15.95
N SER D 195 11.24 -28.88 -16.54
CA SER D 195 10.08 -29.13 -17.38
C SER D 195 9.38 -30.39 -16.89
N ARG D 196 8.04 -30.35 -16.85
CA ARG D 196 7.28 -31.47 -16.28
C ARG D 196 5.86 -31.41 -16.81
N ASN D 197 5.07 -32.41 -16.41
CA ASN D 197 3.64 -32.47 -16.70
C ASN D 197 2.89 -32.64 -15.40
N VAL D 198 1.78 -31.91 -15.26
CA VAL D 198 1.00 -31.89 -14.02
C VAL D 198 -0.43 -32.32 -14.34
N VAL D 199 -0.92 -33.28 -13.57
CA VAL D 199 -2.24 -33.87 -13.82
C VAL D 199 -3.28 -33.13 -12.98
N PHE D 200 -4.36 -32.73 -13.62
CA PHE D 200 -5.52 -32.12 -12.98
C PHE D 200 -6.74 -33.00 -13.22
N ALA D 201 -7.89 -32.57 -12.71
CA ALA D 201 -9.14 -33.23 -13.04
C ALA D 201 -9.43 -33.14 -14.54
N THR D 202 -9.18 -31.97 -15.13
CA THR D 202 -9.44 -31.81 -16.56
C THR D 202 -8.49 -32.66 -17.40
N GLY D 203 -7.21 -32.69 -17.03
CA GLY D 203 -6.24 -33.47 -17.77
C GLY D 203 -4.83 -33.10 -17.38
N ALA D 204 -3.88 -33.65 -18.16
CA ALA D 204 -2.46 -33.44 -17.91
C ALA D 204 -1.97 -32.25 -18.73
N TYR D 205 -1.44 -31.24 -18.05
CA TYR D 205 -0.98 -30.01 -18.67
C TYR D 205 0.55 -29.93 -18.64
N PRO D 206 1.19 -29.29 -19.62
CA PRO D 206 2.64 -29.10 -19.55
C PRO D 206 2.99 -27.95 -18.63
N ARG D 207 4.23 -27.98 -18.12
CA ARG D 207 4.67 -26.94 -17.21
C ARG D 207 6.18 -26.76 -17.34
N LEU D 208 6.61 -25.50 -17.26
CA LEU D 208 8.00 -25.13 -17.13
C LEU D 208 8.17 -24.37 -15.82
N SER D 209 9.39 -24.37 -15.31
CA SER D 209 9.67 -23.74 -14.02
C SER D 209 11.07 -23.16 -14.02
N LEU D 210 11.16 -21.89 -13.62
CA LEU D 210 12.42 -21.17 -13.47
C LEU D 210 12.60 -20.87 -11.99
N SER D 211 13.51 -21.59 -11.34
CA SER D 211 13.67 -21.53 -9.89
C SER D 211 15.00 -20.90 -9.54
N PHE D 212 14.96 -19.77 -8.83
CA PHE D 212 16.15 -19.12 -8.30
C PHE D 212 16.31 -19.47 -6.82
N ARG D 213 17.55 -19.67 -6.39
CA ARG D 213 17.89 -19.82 -4.98
C ARG D 213 18.53 -18.53 -4.50
N LEU D 214 17.93 -17.89 -3.50
CA LEU D 214 18.39 -16.61 -2.97
C LEU D 214 18.98 -16.82 -1.59
N LYS D 215 20.17 -16.27 -1.37
CA LYS D 215 20.86 -16.32 -0.08
C LYS D 215 20.96 -14.89 0.45
N ARG D 216 20.43 -14.66 1.64
CA ARG D 216 20.45 -13.32 2.21
C ARG D 216 21.87 -12.93 2.55
N ASN D 217 22.30 -11.75 2.10
CA ASN D 217 23.61 -11.24 2.45
C ASN D 217 23.62 -10.78 3.90
N ILE D 218 24.58 -11.27 4.68
CA ILE D 218 24.67 -10.97 6.11
C ILE D 218 25.90 -10.11 6.35
N GLY D 219 25.73 -8.81 6.19
CA GLY D 219 26.72 -7.82 6.61
C GLY D 219 26.09 -6.56 7.15
N TYR D 220 24.78 -6.61 7.43
CA TYR D 220 23.98 -5.44 7.79
C TYR D 220 23.18 -5.66 9.06
N PHE D 221 22.63 -6.85 9.27
CA PHE D 221 21.90 -7.12 10.49
C PHE D 221 22.84 -7.20 11.69
N ILE D 222 24.02 -7.77 11.50
CA ILE D 222 25.02 -7.78 12.57
C ILE D 222 25.43 -6.35 12.91
N LEU D 223 25.54 -5.48 11.90
CA LEU D 223 26.01 -4.13 12.15
C LEU D 223 24.99 -3.31 12.94
N GLN D 224 23.70 -3.69 12.88
CA GLN D 224 22.64 -2.82 13.37
C GLN D 224 21.72 -3.49 14.39
N THR D 225 21.50 -4.80 14.26
CA THR D 225 20.53 -5.49 15.11
C THR D 225 21.17 -6.16 16.32
N TYR D 226 22.17 -7.01 16.10
CA TYR D 226 22.69 -7.82 17.20
C TYR D 226 23.59 -7.02 18.14
N MET D 227 24.45 -6.16 17.59
CA MET D 227 25.42 -5.47 18.43
C MET D 227 24.81 -4.52 19.46
N PRO D 228 23.78 -3.71 19.15
CA PRO D 228 23.19 -2.89 20.23
C PRO D 228 22.67 -3.72 21.39
N SER D 229 22.00 -4.84 21.10
CA SER D 229 21.51 -5.70 22.18
C SER D 229 22.68 -6.30 22.96
N ILE D 230 23.72 -6.74 22.26
CA ILE D 230 24.86 -7.34 22.95
C ILE D 230 25.54 -6.31 23.85
N LEU D 231 25.72 -5.09 23.36
CA LEU D 231 26.38 -4.08 24.17
C LEU D 231 25.52 -3.65 25.35
N ILE D 232 24.19 -3.61 25.18
CA ILE D 232 23.33 -3.27 26.31
C ILE D 232 23.38 -4.37 27.36
N THR D 233 23.47 -5.62 26.93
CA THR D 233 23.65 -6.71 27.89
C THR D 233 24.98 -6.57 28.62
N ILE D 234 26.02 -6.14 27.90
CA ILE D 234 27.32 -5.94 28.54
C ILE D 234 27.24 -4.84 29.59
N LEU D 235 26.49 -3.78 29.31
CA LEU D 235 26.29 -2.75 30.33
C LEU D 235 25.50 -3.29 31.52
N SER D 236 24.51 -4.13 31.24
CA SER D 236 23.80 -4.80 32.32
C SER D 236 24.75 -5.60 33.20
N TRP D 237 25.80 -6.17 32.61
CA TRP D 237 26.83 -6.83 33.43
C TRP D 237 27.71 -5.83 34.15
N VAL D 238 27.97 -4.68 33.54
CA VAL D 238 28.72 -3.62 34.22
C VAL D 238 28.00 -3.19 35.49
N SER D 239 26.68 -3.36 35.53
CA SER D 239 25.93 -3.11 36.76
C SER D 239 26.51 -3.88 37.95
N PHE D 240 27.00 -5.10 37.73
CA PHE D 240 27.48 -5.92 38.84
C PHE D 240 28.70 -5.30 39.51
N TRP D 241 29.65 -4.81 38.73
CA TRP D 241 30.92 -4.36 39.28
C TRP D 241 30.79 -3.12 40.16
N ILE D 242 29.68 -2.38 40.06
CA ILE D 242 29.43 -1.29 40.98
C ILE D 242 29.16 -1.86 42.37
N ASN D 243 29.62 -1.14 43.40
CA ASN D 243 29.44 -1.61 44.76
C ASN D 243 27.97 -1.73 45.11
N TYR D 244 27.65 -2.73 45.92
CA TYR D 244 26.26 -3.13 46.15
C TYR D 244 25.52 -2.21 47.12
N ASP D 245 26.21 -1.34 47.85
CA ASP D 245 25.53 -0.39 48.73
C ASP D 245 24.94 0.79 47.96
N ALA D 246 25.47 1.10 46.77
CA ALA D 246 24.96 2.20 45.96
C ALA D 246 23.72 1.71 45.22
N SER D 247 22.60 1.70 45.96
CA SER D 247 21.36 1.19 45.40
C SER D 247 20.86 2.04 44.24
N ALA D 248 20.98 3.37 44.36
CA ALA D 248 20.49 4.27 43.32
C ALA D 248 21.21 4.01 42.01
N ALA D 249 22.53 3.92 42.04
CA ALA D 249 23.30 3.74 40.81
C ALA D 249 22.98 2.42 40.15
N ARG D 250 23.02 1.33 40.91
CA ARG D 250 22.78 0.01 40.32
C ARG D 250 21.36 -0.13 39.79
N VAL D 251 20.38 0.33 40.56
CA VAL D 251 19.00 0.21 40.13
C VAL D 251 18.76 1.07 38.90
N ALA D 252 19.30 2.29 38.87
CA ALA D 252 19.13 3.14 37.70
C ALA D 252 19.76 2.52 36.47
N LEU D 253 20.97 1.97 36.60
CA LEU D 253 21.63 1.35 35.46
C LEU D 253 20.81 0.16 34.94
N GLY D 254 20.37 -0.71 35.86
CA GLY D 254 19.64 -1.89 35.43
C GLY D 254 18.33 -1.55 34.76
N ILE D 255 17.55 -0.64 35.37
CA ILE D 255 16.23 -0.34 34.82
C ILE D 255 16.35 0.47 33.54
N THR D 256 17.37 1.33 33.43
CA THR D 256 17.56 2.04 32.17
C THR D 256 18.02 1.09 31.06
N THR D 257 18.82 0.08 31.39
CA THR D 257 19.16 -0.92 30.39
C THR D 257 17.92 -1.68 29.94
N VAL D 258 17.03 -2.00 30.89
CA VAL D 258 15.77 -2.65 30.52
C VAL D 258 14.96 -1.76 29.58
N LEU D 259 14.88 -0.46 29.90
CA LEU D 259 14.14 0.47 29.05
C LEU D 259 14.77 0.55 27.66
N THR D 260 16.10 0.58 27.59
CA THR D 260 16.77 0.64 26.30
C THR D 260 16.50 -0.62 25.49
N MET D 261 16.52 -1.79 26.13
CA MET D 261 16.21 -3.01 25.42
C MET D 261 14.77 -3.01 24.92
N THR D 262 13.84 -2.49 25.73
CA THR D 262 12.46 -2.39 25.30
C THR D 262 12.33 -1.49 24.07
N THR D 263 13.03 -0.35 24.08
CA THR D 263 13.02 0.55 22.93
C THR D 263 13.59 -0.14 21.70
N ILE D 264 14.71 -0.85 21.87
CA ILE D 264 15.35 -1.56 20.77
C ILE D 264 14.40 -2.59 20.18
N ASN D 265 13.75 -3.36 21.04
CA ASN D 265 12.83 -4.40 20.57
C ASN D 265 11.66 -3.79 19.81
N THR D 266 11.07 -2.72 20.35
CA THR D 266 9.93 -2.10 19.70
C THR D 266 10.30 -1.54 18.33
N HIS D 267 11.45 -0.89 18.24
CA HIS D 267 11.80 -0.24 16.97
C HIS D 267 12.38 -1.21 15.94
N LEU D 268 12.99 -2.32 16.35
CA LEU D 268 13.26 -3.37 15.37
C LEU D 268 11.99 -4.08 14.95
N ARG D 269 11.00 -4.22 15.84
CA ARG D 269 9.69 -4.68 15.39
C ARG D 269 9.12 -3.75 14.34
N GLU D 270 9.33 -2.44 14.53
CA GLU D 270 8.94 -1.47 13.50
C GLU D 270 9.75 -1.64 12.22
N THR D 271 11.02 -2.07 12.34
CA THR D 271 11.91 -2.22 11.18
C THR D 271 12.32 -3.68 10.99
N LEU D 272 11.36 -4.59 11.07
CA LEU D 272 11.54 -5.99 10.73
C LEU D 272 10.49 -6.33 9.68
N PRO D 273 10.55 -7.50 9.03
CA PRO D 273 9.52 -7.83 8.04
C PRO D 273 8.11 -7.89 8.61
N LYS D 274 7.96 -8.07 9.92
CA LYS D 274 6.67 -7.96 10.59
C LYS D 274 5.74 -9.11 10.20
N ILE D 275 6.28 -10.31 10.03
CA ILE D 275 5.48 -11.50 9.74
C ILE D 275 5.09 -12.13 11.07
N PRO D 276 3.78 -12.25 11.40
CA PRO D 276 3.44 -12.83 12.71
C PRO D 276 3.75 -14.33 12.85
N TYR D 277 5.04 -14.67 12.92
CA TYR D 277 5.45 -15.94 13.51
C TYR D 277 6.92 -15.83 13.89
N VAL D 278 7.33 -16.68 14.82
CA VAL D 278 8.60 -16.49 15.51
C VAL D 278 9.77 -16.69 14.54
N LYS D 279 10.84 -15.92 14.76
CA LYS D 279 12.04 -15.96 13.94
C LYS D 279 13.25 -16.01 14.87
N ALA D 280 14.44 -16.22 14.26
CA ALA D 280 15.65 -16.34 15.06
C ALA D 280 15.99 -15.02 15.76
N ILE D 281 15.81 -13.90 15.07
CA ILE D 281 16.13 -12.60 15.67
C ILE D 281 15.23 -12.33 16.87
N ASP D 282 13.97 -12.76 16.81
CA ASP D 282 13.09 -12.62 17.96
C ASP D 282 13.61 -13.41 19.15
N MET D 283 14.09 -14.63 18.90
CA MET D 283 14.65 -15.44 19.97
C MET D 283 15.88 -14.77 20.57
N TYR D 284 16.75 -14.22 19.72
CA TYR D 284 17.95 -13.55 20.24
C TYR D 284 17.59 -12.33 21.07
N LEU D 285 16.66 -11.52 20.59
CA LEU D 285 16.27 -10.31 21.31
C LEU D 285 15.62 -10.66 22.65
N MET D 286 14.76 -11.69 22.67
CA MET D 286 14.17 -12.09 23.94
C MET D 286 15.20 -12.69 24.87
N GLY D 287 16.20 -13.39 24.34
CA GLY D 287 17.28 -13.88 25.19
C GLY D 287 18.02 -12.74 25.86
N CYS D 288 18.35 -11.71 25.10
CA CYS D 288 19.05 -10.56 25.67
C CYS D 288 18.17 -9.82 26.69
N PHE D 289 16.87 -9.69 26.39
CA PHE D 289 15.96 -9.04 27.32
C PHE D 289 15.86 -9.82 28.63
N VAL D 290 15.78 -11.15 28.53
CA VAL D 290 15.75 -11.98 29.73
C VAL D 290 17.07 -11.83 30.49
N PHE D 291 18.18 -11.69 29.78
CA PHE D 291 19.46 -11.53 30.46
C PHE D 291 19.52 -10.24 31.26
N VAL D 292 19.08 -9.13 30.68
CA VAL D 292 19.11 -7.87 31.45
C VAL D 292 18.10 -7.91 32.60
N PHE D 293 16.94 -8.52 32.38
CA PHE D 293 15.95 -8.66 33.44
C PHE D 293 16.53 -9.47 34.60
N LEU D 294 17.23 -10.57 34.29
CA LEU D 294 17.88 -11.36 35.32
C LEU D 294 19.01 -10.59 35.98
N ALA D 295 19.69 -9.71 35.24
CA ALA D 295 20.74 -8.90 35.84
C ALA D 295 20.17 -7.98 36.92
N LEU D 296 19.03 -7.37 36.66
CA LEU D 296 18.40 -6.52 37.68
C LEU D 296 17.85 -7.35 38.84
N LEU D 297 17.22 -8.47 38.53
CA LEU D 297 16.69 -9.33 39.59
C LEU D 297 17.81 -9.90 40.46
N GLU D 298 19.02 -10.01 39.90
CA GLU D 298 20.17 -10.40 40.69
C GLU D 298 20.46 -9.39 41.78
N TYR D 299 20.42 -8.10 41.45
CA TYR D 299 20.59 -7.09 42.49
C TYR D 299 19.42 -7.11 43.47
N ALA D 300 18.23 -7.48 43.00
CA ALA D 300 17.13 -7.69 43.93
C ALA D 300 17.51 -8.72 44.99
N PHE D 301 18.04 -9.87 44.54
CA PHE D 301 18.54 -10.89 45.47
C PHE D 301 19.61 -10.32 46.40
N VAL D 302 20.56 -9.57 45.84
CA VAL D 302 21.69 -9.09 46.63
C VAL D 302 21.20 -8.15 47.74
N ASN D 303 20.33 -7.21 47.39
CA ASN D 303 19.84 -6.26 48.38
C ASN D 303 18.96 -6.96 49.41
N TYR D 304 18.18 -7.95 49.00
CA TYR D 304 17.39 -8.69 49.98
C TYR D 304 18.30 -9.42 50.97
N ILE D 305 19.35 -10.06 50.47
CA ILE D 305 20.19 -10.88 51.34
C ILE D 305 21.02 -9.99 52.28
N PHE D 306 21.58 -8.90 51.76
CA PHE D 306 22.48 -8.10 52.58
C PHE D 306 21.75 -7.42 53.73
N PHE D 307 20.57 -6.87 53.48
CA PHE D 307 19.75 -6.24 54.50
C PHE D 307 18.89 -7.22 55.27
N SER D 308 18.90 -8.50 54.92
CA SER D 308 18.09 -9.50 55.61
C SER D 308 18.55 -10.92 55.36
N ARG D 422 27.41 -14.13 52.47
CA ARG D 422 27.72 -12.74 52.16
C ARG D 422 27.06 -12.31 50.87
N ALA D 423 27.05 -11.00 50.63
CA ALA D 423 26.47 -10.42 49.42
C ALA D 423 27.49 -10.19 48.32
N ALA D 424 28.73 -9.82 48.68
CA ALA D 424 29.76 -9.67 47.67
C ALA D 424 30.08 -11.01 47.01
N ALA D 425 29.89 -12.11 47.72
CA ALA D 425 30.06 -13.43 47.11
C ALA D 425 29.07 -13.62 45.97
N ILE D 426 27.83 -13.21 46.16
CA ILE D 426 26.84 -13.32 45.09
C ILE D 426 27.22 -12.42 43.92
N ASP D 427 27.77 -11.24 44.21
CA ASP D 427 28.21 -10.35 43.13
C ASP D 427 29.33 -10.96 42.32
N ARG D 428 30.32 -11.58 42.98
CA ARG D 428 31.40 -12.23 42.24
C ARG D 428 30.89 -13.44 41.47
N TRP D 429 29.96 -14.20 42.06
CA TRP D 429 29.35 -15.32 41.37
C TRP D 429 28.66 -14.84 40.10
N SER D 430 27.91 -13.74 40.19
CA SER D 430 27.25 -13.19 39.02
C SER D 430 28.27 -12.71 37.99
N ARG D 431 29.35 -12.08 38.46
CA ARG D 431 30.40 -11.59 37.55
C ARG D 431 30.97 -12.73 36.73
N ILE D 432 31.18 -13.89 37.35
CA ILE D 432 31.76 -15.01 36.60
C ILE D 432 30.68 -15.73 35.77
N VAL D 433 29.43 -15.77 36.24
CA VAL D 433 28.43 -16.61 35.60
C VAL D 433 27.80 -15.91 34.40
N PHE D 434 27.38 -14.65 34.56
CA PHE D 434 26.58 -14.00 33.53
C PHE D 434 27.30 -13.89 32.19
N PRO D 435 28.54 -13.41 32.10
CA PRO D 435 29.25 -13.46 30.81
C PRO D 435 29.40 -14.87 30.27
N PHE D 436 29.68 -15.84 31.14
CA PHE D 436 29.83 -17.22 30.67
C PHE D 436 28.51 -17.77 30.15
N THR D 437 27.42 -17.53 30.87
CA THR D 437 26.12 -18.01 30.42
C THR D 437 25.72 -17.36 29.11
N PHE D 438 25.99 -16.06 28.97
CA PHE D 438 25.64 -15.39 27.71
C PHE D 438 26.51 -15.88 26.56
N SER D 439 27.78 -16.17 26.82
CA SER D 439 28.64 -16.74 25.78
C SER D 439 28.12 -18.11 25.35
N LEU D 440 27.69 -18.93 26.32
CA LEU D 440 27.10 -20.23 25.99
C LEU D 440 25.84 -20.05 25.16
N PHE D 441 24.99 -19.10 25.54
CA PHE D 441 23.76 -18.85 24.78
C PHE D 441 24.07 -18.40 23.37
N ASN D 442 25.06 -17.51 23.21
CA ASN D 442 25.45 -17.05 21.89
C ASN D 442 25.98 -18.20 21.05
N LEU D 443 26.81 -19.05 21.63
CA LEU D 443 27.35 -20.19 20.89
C LEU D 443 26.22 -21.13 20.44
N VAL D 444 25.28 -21.41 21.34
CA VAL D 444 24.15 -22.28 20.97
C VAL D 444 23.33 -21.64 19.86
N TYR D 445 23.07 -20.34 19.97
CA TYR D 445 22.28 -19.66 18.95
C TYR D 445 22.97 -19.67 17.60
N TRP D 446 24.27 -19.38 17.58
CA TRP D 446 24.99 -19.27 16.32
C TRP D 446 25.36 -20.62 15.72
N LEU D 447 25.29 -21.70 16.51
CA LEU D 447 25.41 -23.04 15.94
C LEU D 447 24.07 -23.58 15.45
N TYR D 448 22.99 -23.29 16.18
CA TYR D 448 21.67 -23.79 15.79
C TYR D 448 21.23 -23.17 14.47
N TYR D 449 21.47 -21.88 14.28
CA TYR D 449 21.02 -21.15 13.10
C TYR D 449 22.13 -21.00 12.05
N VAL D 450 23.10 -21.92 12.03
CA VAL D 450 24.12 -21.95 10.99
C VAL D 450 24.42 -23.40 10.65
N ASN E 8 -41.49 15.47 -32.16
CA ASN E 8 -41.31 14.27 -32.97
C ASN E 8 -39.86 13.80 -32.92
N MET E 9 -39.63 12.68 -32.22
CA MET E 9 -38.27 12.17 -32.09
C MET E 9 -37.71 11.69 -33.42
N SER E 10 -38.58 11.25 -34.33
CA SER E 10 -38.10 10.83 -35.65
C SER E 10 -37.50 12.01 -36.40
N PHE E 11 -38.12 13.19 -36.30
CA PHE E 11 -37.55 14.38 -36.93
C PHE E 11 -36.20 14.71 -36.33
N VAL E 12 -36.10 14.68 -35.00
CA VAL E 12 -34.83 14.95 -34.34
C VAL E 12 -33.82 13.86 -34.68
N LYS E 13 -34.28 12.61 -34.78
CA LYS E 13 -33.39 11.51 -35.12
C LYS E 13 -32.75 11.72 -36.49
N GLU E 14 -33.58 12.01 -37.51
CA GLU E 14 -33.02 12.23 -38.84
C GLU E 14 -32.18 13.51 -38.88
N THR E 15 -32.54 14.52 -38.08
CA THR E 15 -31.73 15.73 -38.03
C THR E 15 -30.33 15.42 -37.53
N VAL E 16 -30.21 14.74 -36.39
CA VAL E 16 -28.88 14.43 -35.87
C VAL E 16 -28.16 13.46 -36.78
N ASP E 17 -28.90 12.57 -37.45
CA ASP E 17 -28.27 11.63 -38.38
C ASP E 17 -27.62 12.37 -39.55
N LYS E 18 -28.34 13.34 -40.13
CA LYS E 18 -27.74 14.11 -41.22
C LYS E 18 -26.64 15.03 -40.71
N LEU E 19 -26.73 15.46 -39.45
CA LEU E 19 -25.64 16.25 -38.88
C LEU E 19 -24.36 15.43 -38.82
N LEU E 20 -24.44 14.22 -38.26
CA LEU E 20 -23.25 13.38 -38.12
C LEU E 20 -22.83 12.71 -39.42
N LYS E 21 -23.73 12.60 -40.39
CA LYS E 21 -23.39 12.00 -41.67
C LYS E 21 -22.54 12.99 -42.47
N GLY E 22 -21.33 12.57 -42.83
CA GLY E 22 -20.38 13.43 -43.48
C GLY E 22 -19.49 14.21 -42.53
N TYR E 23 -19.76 14.16 -41.23
CA TYR E 23 -18.90 14.82 -40.26
C TYR E 23 -17.55 14.13 -40.19
N ASP E 24 -16.48 14.92 -40.31
CA ASP E 24 -15.11 14.40 -40.28
C ASP E 24 -14.51 14.74 -38.92
N ILE E 25 -14.38 13.73 -38.06
CA ILE E 25 -13.82 13.95 -36.73
C ILE E 25 -12.34 14.33 -36.80
N ARG E 26 -11.65 13.88 -37.85
CA ARG E 26 -10.22 14.17 -37.96
C ARG E 26 -9.97 15.67 -38.12
N LEU E 27 -10.82 16.36 -38.86
CA LEU E 27 -10.65 17.78 -39.12
C LEU E 27 -11.36 18.61 -38.06
N ARG E 28 -10.75 19.74 -37.73
CA ARG E 28 -11.30 20.70 -36.78
C ARG E 28 -12.27 21.65 -37.48
N PRO E 29 -13.06 22.42 -36.73
CA PRO E 29 -13.85 23.47 -37.37
C PRO E 29 -12.96 24.50 -38.04
N ASP E 30 -13.26 24.81 -39.30
CA ASP E 30 -12.43 25.69 -40.10
C ASP E 30 -11.02 25.14 -40.19
N PHE E 31 -10.85 23.98 -40.83
CA PHE E 31 -9.55 23.33 -40.84
C PHE E 31 -8.50 24.18 -41.55
N GLY E 32 -8.89 24.87 -42.62
CA GLY E 32 -8.01 25.79 -43.30
C GLY E 32 -8.27 27.25 -42.96
N GLY E 33 -9.33 27.51 -42.20
CA GLY E 33 -9.74 28.86 -41.89
C GLY E 33 -9.04 29.42 -40.67
N PRO E 34 -9.56 30.50 -40.10
CA PRO E 34 -8.94 31.08 -38.90
C PRO E 34 -9.13 30.16 -37.70
N PRO E 35 -8.40 30.40 -36.61
CA PRO E 35 -8.49 29.49 -35.46
C PRO E 35 -9.85 29.53 -34.80
N VAL E 36 -10.22 28.40 -34.21
CA VAL E 36 -11.48 28.25 -33.50
C VAL E 36 -11.27 28.70 -32.06
N CYS E 37 -12.20 29.50 -31.54
CA CYS E 37 -12.13 30.02 -30.18
C CYS E 37 -12.86 29.07 -29.24
N VAL E 38 -12.16 28.62 -28.20
CA VAL E 38 -12.71 27.73 -27.18
C VAL E 38 -12.73 28.50 -25.87
N GLY E 39 -13.92 28.67 -25.30
CA GLY E 39 -14.09 29.37 -24.03
C GLY E 39 -14.30 28.36 -22.92
N MET E 40 -13.60 28.57 -21.80
CA MET E 40 -13.51 27.58 -20.74
C MET E 40 -14.09 28.13 -19.44
N ASN E 41 -14.89 27.30 -18.78
CA ASN E 41 -15.42 27.55 -17.46
C ASN E 41 -15.04 26.40 -16.55
N ILE E 42 -14.84 26.70 -15.27
CA ILE E 42 -14.48 25.72 -14.27
C ILE E 42 -15.37 25.93 -13.05
N ASP E 43 -15.85 24.84 -12.46
CA ASP E 43 -16.54 24.87 -11.18
C ASP E 43 -15.85 23.89 -10.26
N ILE E 44 -15.13 24.40 -9.26
CA ILE E 44 -14.32 23.55 -8.40
C ILE E 44 -15.23 22.94 -7.34
N ALA E 45 -15.44 21.62 -7.41
CA ALA E 45 -16.24 20.95 -6.41
C ALA E 45 -15.53 20.92 -5.07
N SER E 46 -14.24 20.54 -5.07
CA SER E 46 -13.47 20.48 -3.83
C SER E 46 -12.01 20.31 -4.17
N ILE E 47 -11.15 20.75 -3.25
CA ILE E 47 -9.72 20.44 -3.27
C ILE E 47 -9.48 19.43 -2.17
N ASP E 48 -9.52 18.14 -2.53
CA ASP E 48 -9.60 17.08 -1.54
C ASP E 48 -8.36 17.02 -0.67
N MET E 49 -7.18 17.13 -1.27
CA MET E 49 -5.92 16.84 -0.58
C MET E 49 -4.87 17.86 -1.01
N VAL E 50 -3.95 18.13 -0.09
CA VAL E 50 -2.76 18.93 -0.36
C VAL E 50 -1.59 18.30 0.36
N SER E 51 -0.76 17.56 -0.38
CA SER E 51 0.36 16.83 0.20
C SER E 51 1.66 17.60 0.02
N GLU E 52 2.42 17.72 1.11
CA GLU E 52 3.77 18.27 1.03
C GLU E 52 4.79 17.18 0.72
N VAL E 53 4.48 15.93 1.05
CA VAL E 53 5.41 14.83 0.77
C VAL E 53 5.52 14.62 -0.74
N ASN E 54 4.37 14.55 -1.42
CA ASN E 54 4.33 14.27 -2.85
C ASN E 54 4.34 15.53 -3.71
N MET E 55 4.23 16.72 -3.10
CA MET E 55 4.27 18.00 -3.83
C MET E 55 3.16 18.06 -4.87
N ASP E 56 1.93 17.85 -4.42
CA ASP E 56 0.78 17.88 -5.31
C ASP E 56 -0.49 18.14 -4.50
N TYR E 57 -1.58 18.36 -5.22
CA TYR E 57 -2.90 18.54 -4.61
C TYR E 57 -3.95 17.93 -5.51
N THR E 58 -4.97 17.35 -4.88
CA THR E 58 -6.10 16.77 -5.60
C THR E 58 -7.21 17.80 -5.76
N LEU E 59 -7.78 17.85 -6.96
CA LEU E 59 -8.76 18.87 -7.32
C LEU E 59 -9.85 18.22 -8.15
N THR E 60 -11.09 18.28 -7.67
CA THR E 60 -12.26 17.79 -8.39
C THR E 60 -12.97 18.99 -8.99
N MET E 61 -13.33 18.90 -10.27
CA MET E 61 -13.75 20.08 -11.01
C MET E 61 -14.69 19.69 -12.14
N TYR E 62 -15.68 20.55 -12.38
CA TYR E 62 -16.54 20.50 -13.57
C TYR E 62 -15.90 21.43 -14.58
N PHE E 63 -15.32 20.83 -15.62
CA PHE E 63 -14.60 21.56 -16.65
C PHE E 63 -15.49 21.65 -17.90
N GLN E 64 -15.85 22.86 -18.30
CA GLN E 64 -16.77 23.11 -19.41
C GLN E 64 -16.03 23.86 -20.50
N GLN E 65 -16.26 23.45 -21.75
CA GLN E 65 -15.68 24.07 -22.93
C GLN E 65 -16.79 24.43 -23.90
N TYR E 66 -16.67 25.59 -24.52
CA TYR E 66 -17.67 26.12 -25.44
C TYR E 66 -16.99 26.48 -26.74
N TRP E 67 -17.49 25.93 -27.85
CA TRP E 67 -16.93 26.32 -29.15
C TRP E 67 -18.00 26.24 -30.23
N ARG E 68 -17.83 27.06 -31.26
CA ARG E 68 -18.75 27.10 -32.38
C ARG E 68 -18.29 26.13 -33.47
N ASP E 69 -19.25 25.39 -34.02
CA ASP E 69 -18.97 24.42 -35.08
C ASP E 69 -20.04 24.57 -36.14
N LYS E 70 -19.65 25.08 -37.32
CA LYS E 70 -20.60 25.27 -38.40
C LYS E 70 -21.21 23.96 -38.87
N ARG E 71 -20.47 22.86 -38.75
CA ARG E 71 -20.94 21.57 -39.26
C ARG E 71 -22.10 21.01 -38.45
N LEU E 72 -22.35 21.52 -37.24
CA LEU E 72 -23.38 21.00 -36.35
C LEU E 72 -24.56 21.95 -36.19
N ALA E 73 -24.74 22.89 -37.12
CA ALA E 73 -25.90 23.77 -37.09
C ALA E 73 -27.12 23.06 -37.63
N TYR E 74 -28.26 23.28 -36.98
CA TYR E 74 -29.52 22.67 -37.39
C TYR E 74 -30.64 23.71 -37.24
N SER E 75 -31.74 23.45 -37.93
CA SER E 75 -32.89 24.34 -37.96
C SER E 75 -34.17 23.53 -37.76
N GLY E 76 -35.20 24.21 -37.27
CA GLY E 76 -36.49 23.60 -37.04
C GLY E 76 -36.67 23.00 -35.66
N ILE E 77 -35.63 22.97 -34.84
CA ILE E 77 -35.68 22.43 -33.49
C ILE E 77 -35.27 23.53 -32.52
N PRO E 78 -36.22 24.31 -31.98
CA PRO E 78 -35.82 25.47 -31.16
C PRO E 78 -35.08 25.09 -29.88
N LEU E 79 -35.30 23.91 -29.33
CA LEU E 79 -34.71 23.54 -28.07
C LEU E 79 -33.23 23.18 -28.23
N ASN E 80 -32.48 23.29 -27.13
CA ASN E 80 -31.10 22.83 -27.10
C ASN E 80 -31.09 21.31 -27.08
N LEU E 81 -30.32 20.69 -27.97
CA LEU E 81 -30.25 19.24 -28.03
C LEU E 81 -29.19 18.75 -27.05
N THR E 82 -29.64 18.22 -25.91
CA THR E 82 -28.75 17.57 -24.96
C THR E 82 -28.69 16.09 -25.31
N LEU E 83 -27.58 15.67 -25.90
CA LEU E 83 -27.41 14.31 -26.38
C LEU E 83 -26.67 13.47 -25.36
N ASP E 84 -26.68 12.16 -25.57
CA ASP E 84 -25.99 11.24 -24.70
C ASP E 84 -24.48 11.46 -24.78
N ASN E 85 -23.79 11.07 -23.72
CA ASN E 85 -22.34 11.27 -23.66
C ASN E 85 -21.61 10.52 -24.77
N ARG E 86 -22.16 9.40 -25.24
CA ARG E 86 -21.51 8.62 -26.29
C ARG E 86 -21.36 9.40 -27.58
N VAL E 87 -22.17 10.45 -27.78
CA VAL E 87 -22.03 11.30 -28.96
C VAL E 87 -20.66 11.98 -29.00
N ALA E 88 -19.98 12.09 -27.85
CA ALA E 88 -18.63 12.61 -27.85
C ALA E 88 -17.69 11.80 -28.73
N ASP E 89 -17.96 10.50 -28.88
CA ASP E 89 -17.10 9.67 -29.71
C ASP E 89 -17.16 10.08 -31.17
N GLN E 90 -18.31 10.58 -31.64
CA GLN E 90 -18.50 10.90 -33.04
C GLN E 90 -18.19 12.37 -33.37
N LEU E 91 -17.97 13.22 -32.38
CA LEU E 91 -17.75 14.64 -32.59
C LEU E 91 -16.29 15.00 -32.33
N TRP E 92 -15.90 16.16 -32.84
CA TRP E 92 -14.58 16.73 -32.58
C TRP E 92 -14.66 17.55 -31.29
N VAL E 93 -13.79 17.24 -30.34
CA VAL E 93 -13.69 17.99 -29.09
C VAL E 93 -12.24 18.48 -28.98
N PRO E 94 -11.97 19.65 -28.40
CA PRO E 94 -10.58 20.11 -28.30
C PRO E 94 -9.73 19.17 -27.45
N ASP E 95 -8.45 19.09 -27.81
CA ASP E 95 -7.48 18.26 -27.08
C ASP E 95 -6.78 19.14 -26.05
N THR E 96 -7.40 19.27 -24.88
CA THR E 96 -6.92 20.12 -23.80
C THR E 96 -6.38 19.23 -22.70
N TYR E 97 -5.14 19.49 -22.28
CA TYR E 97 -4.46 18.70 -21.26
C TYR E 97 -3.91 19.63 -20.18
N PHE E 98 -3.78 19.08 -18.99
CA PHE E 98 -3.21 19.79 -17.85
C PHE E 98 -1.74 19.44 -17.76
N LEU E 99 -0.88 20.45 -18.00
CA LEU E 99 0.55 20.18 -18.12
C LEU E 99 1.14 19.67 -16.81
N ASN E 100 0.71 20.25 -15.68
CA ASN E 100 1.27 19.92 -14.37
C ASN E 100 0.54 18.75 -13.70
N ASP E 101 -0.06 17.86 -14.49
CA ASP E 101 -0.79 16.73 -13.97
C ASP E 101 0.12 15.54 -13.75
N LYS E 102 -0.19 14.74 -12.72
CA LYS E 102 0.54 13.51 -12.41
C LYS E 102 -0.34 12.29 -12.58
N LYS E 103 -1.46 12.22 -11.86
CA LYS E 103 -2.44 11.15 -11.98
C LYS E 103 -3.81 11.79 -11.92
N SER E 104 -4.66 11.44 -12.88
CA SER E 104 -5.97 12.08 -12.98
C SER E 104 -6.90 11.21 -13.79
N PHE E 105 -8.18 11.52 -13.70
CA PHE E 105 -9.20 10.73 -14.37
C PHE E 105 -10.49 11.51 -14.51
N VAL E 106 -11.35 11.00 -15.39
CA VAL E 106 -12.73 11.47 -15.52
C VAL E 106 -13.63 10.49 -14.81
N HIS E 107 -14.55 11.01 -14.00
CA HIS E 107 -15.40 10.15 -13.20
C HIS E 107 -16.31 9.33 -14.10
N GLY E 108 -16.64 8.11 -13.64
CA GLY E 108 -17.39 7.16 -14.44
C GLY E 108 -18.48 6.41 -13.69
N VAL E 109 -19.13 7.06 -12.73
CA VAL E 109 -20.11 6.38 -11.88
C VAL E 109 -21.45 6.31 -12.61
N THR E 110 -21.79 5.11 -13.07
CA THR E 110 -23.01 4.78 -13.82
C THR E 110 -23.00 5.26 -15.28
N VAL E 111 -22.08 6.15 -15.62
CA VAL E 111 -21.91 6.70 -16.95
C VAL E 111 -20.57 7.42 -16.92
N LYS E 112 -19.92 7.54 -18.07
CA LYS E 112 -18.80 8.46 -18.14
C LYS E 112 -19.34 9.88 -17.98
N ASN E 113 -18.91 10.58 -16.94
CA ASN E 113 -19.53 11.85 -16.57
C ASN E 113 -19.14 12.91 -17.58
N ARG E 114 -19.88 12.92 -18.69
CA ARG E 114 -19.70 13.87 -19.76
C ARG E 114 -21.06 14.42 -20.14
N MET E 115 -21.06 15.62 -20.70
CA MET E 115 -22.27 16.20 -21.25
C MET E 115 -21.94 16.94 -22.53
N ILE E 116 -22.76 16.73 -23.56
CA ILE E 116 -22.69 17.48 -24.80
C ILE E 116 -24.05 18.14 -25.00
N ARG E 117 -24.03 19.45 -25.24
CA ARG E 117 -25.24 20.23 -25.48
C ARG E 117 -25.01 21.04 -26.74
N LEU E 118 -25.75 20.72 -27.79
CA LEU E 118 -25.71 21.46 -29.05
C LEU E 118 -26.75 22.58 -29.01
N HIS E 119 -26.57 23.55 -29.88
CA HIS E 119 -27.45 24.70 -30.03
C HIS E 119 -27.80 24.86 -31.50
N PRO E 120 -28.89 25.55 -31.81
CA PRO E 120 -29.29 25.65 -33.24
C PRO E 120 -28.26 26.34 -34.12
N ASP E 121 -27.41 27.19 -33.55
CA ASP E 121 -26.44 27.95 -34.32
C ASP E 121 -25.08 27.28 -34.39
N GLY E 122 -24.96 26.03 -33.95
CA GLY E 122 -23.72 25.29 -34.03
C GLY E 122 -22.87 25.31 -32.78
N THR E 123 -23.22 26.11 -31.78
CA THR E 123 -22.46 26.14 -30.54
C THR E 123 -22.55 24.80 -29.83
N VAL E 124 -21.42 24.36 -29.28
CA VAL E 124 -21.29 23.09 -28.58
C VAL E 124 -20.74 23.38 -27.20
N LEU E 125 -21.44 22.86 -26.18
CA LEU E 125 -21.02 22.88 -24.78
C LEU E 125 -20.61 21.47 -24.41
N TYR E 126 -19.38 21.31 -23.95
CA TYR E 126 -18.79 20.01 -23.62
C TYR E 126 -18.28 20.07 -22.19
N GLY E 127 -18.92 19.33 -21.30
CA GLY E 127 -18.61 19.35 -19.88
C GLY E 127 -18.12 18.00 -19.40
N LEU E 128 -17.14 18.02 -18.49
CA LEU E 128 -16.56 16.83 -17.90
C LEU E 128 -16.44 17.01 -16.40
N ARG E 129 -16.49 15.92 -15.65
CA ARG E 129 -16.12 15.90 -14.24
C ARG E 129 -14.78 15.22 -14.10
N ILE E 130 -13.77 15.98 -13.67
CA ILE E 130 -12.38 15.55 -13.69
C ILE E 130 -11.79 15.68 -12.30
N THR E 131 -11.07 14.65 -11.86
CA THR E 131 -10.26 14.69 -10.65
C THR E 131 -8.79 14.66 -11.05
N THR E 132 -8.01 15.61 -10.54
CA THR E 132 -6.63 15.80 -10.96
C THR E 132 -5.72 15.95 -9.76
N THR E 133 -4.69 15.11 -9.70
CA THR E 133 -3.62 15.24 -8.71
C THR E 133 -2.51 16.05 -9.37
N ALA E 134 -2.67 17.37 -9.32
CA ALA E 134 -1.77 18.28 -10.01
C ALA E 134 -0.53 18.55 -9.18
N ALA E 135 0.60 18.70 -9.87
CA ALA E 135 1.87 18.96 -9.20
C ALA E 135 1.85 20.32 -8.52
N CYS E 136 2.56 20.40 -7.40
CA CYS E 136 2.55 21.60 -6.55
C CYS E 136 3.95 21.73 -5.94
N MET E 137 4.81 22.52 -6.58
CA MET E 137 6.15 22.74 -6.08
C MET E 137 6.09 23.71 -4.91
N MET E 138 6.35 23.20 -3.70
CA MET E 138 6.25 23.97 -2.47
C MET E 138 7.62 24.32 -1.95
N ASP E 139 7.80 25.59 -1.59
CA ASP E 139 9.01 26.06 -0.91
C ASP E 139 8.74 26.01 0.59
N LEU E 140 9.10 24.90 1.23
CA LEU E 140 8.78 24.65 2.63
C LEU E 140 9.91 25.07 3.55
N ARG E 141 10.78 26.00 3.12
CA ARG E 141 11.83 26.49 3.99
C ARG E 141 11.24 27.25 5.18
N ARG E 142 10.09 27.89 5.00
CA ARG E 142 9.38 28.61 6.05
C ARG E 142 8.30 27.77 6.71
N TYR E 143 8.28 26.46 6.45
CA TYR E 143 7.23 25.61 6.99
C TYR E 143 7.33 25.55 8.51
N PRO E 144 6.20 25.58 9.24
CA PRO E 144 4.79 25.65 8.87
C PRO E 144 4.24 27.07 8.81
N LEU E 145 5.10 28.03 8.45
CA LEU E 145 4.73 29.44 8.39
C LEU E 145 4.86 29.97 6.96
N ASP E 146 4.38 29.19 6.00
CA ASP E 146 4.63 29.42 4.58
C ASP E 146 3.34 29.74 3.83
N GLU E 147 3.51 30.32 2.65
CA GLU E 147 2.45 30.50 1.65
C GLU E 147 2.87 29.79 0.38
N GLN E 148 1.95 29.02 -0.21
CA GLN E 148 2.23 28.20 -1.38
C GLN E 148 1.38 28.67 -2.55
N ASN E 149 2.03 28.88 -3.69
CA ASN E 149 1.38 29.22 -4.96
C ASN E 149 1.59 28.03 -5.90
N CYS E 150 0.55 27.23 -6.07
CA CYS E 150 0.53 26.18 -7.08
C CYS E 150 -0.77 26.28 -7.88
N THR E 151 -0.65 25.96 -9.17
CA THR E 151 -1.64 26.33 -10.17
C THR E 151 -2.03 25.11 -10.99
N LEU E 152 -3.03 25.32 -11.83
CA LEU E 152 -3.46 24.35 -12.84
C LEU E 152 -3.30 25.01 -14.20
N GLU E 153 -2.60 24.35 -15.11
CA GLU E 153 -2.20 24.93 -16.39
C GLU E 153 -2.85 24.12 -17.51
N ILE E 154 -3.81 24.73 -18.21
CA ILE E 154 -4.58 24.09 -19.26
C ILE E 154 -3.97 24.52 -20.59
N GLU E 155 -3.66 23.56 -21.46
CA GLU E 155 -3.05 23.87 -22.75
C GLU E 155 -3.57 22.93 -23.82
N SER E 156 -3.56 23.41 -25.05
CA SER E 156 -3.87 22.58 -26.21
C SER E 156 -2.62 21.81 -26.63
N TYR E 157 -2.75 20.50 -26.79
CA TYR E 157 -1.58 19.69 -27.09
C TYR E 157 -1.15 19.82 -28.54
N GLY E 158 -2.08 19.61 -29.48
CA GLY E 158 -1.73 19.47 -30.88
C GLY E 158 -1.92 20.72 -31.71
N TYR E 159 -2.83 21.60 -31.29
CA TYR E 159 -3.22 22.76 -32.07
C TYR E 159 -2.49 24.00 -31.55
N THR E 160 -1.75 24.65 -32.44
CA THR E 160 -1.04 25.86 -32.10
C THR E 160 -2.01 27.05 -32.03
N THR E 161 -1.47 28.23 -31.75
CA THR E 161 -2.31 29.42 -31.69
C THR E 161 -2.92 29.75 -33.04
N ASP E 162 -2.31 29.32 -34.14
CA ASP E 162 -2.89 29.51 -35.45
C ASP E 162 -4.09 28.60 -35.69
N ASP E 163 -4.25 27.54 -34.90
CA ASP E 163 -5.33 26.58 -35.05
C ASP E 163 -6.43 26.73 -34.01
N ILE E 164 -6.09 27.23 -32.82
CA ILE E 164 -7.03 27.29 -31.70
C ILE E 164 -6.69 28.48 -30.83
N GLU E 165 -7.70 28.98 -30.12
CA GLU E 165 -7.54 30.10 -29.20
C GLU E 165 -8.33 29.82 -27.93
N PHE E 166 -7.74 30.13 -26.79
CA PHE E 166 -8.34 29.92 -25.48
C PHE E 166 -8.71 31.25 -24.85
N TYR E 167 -9.79 31.24 -24.07
CA TYR E 167 -10.15 32.40 -23.28
C TYR E 167 -11.05 31.94 -22.14
N TRP E 168 -11.13 32.78 -21.11
CA TRP E 168 -12.01 32.53 -19.97
C TRP E 168 -13.36 33.16 -20.24
N ARG E 169 -14.42 32.39 -20.07
CA ARG E 169 -15.77 32.91 -20.26
C ARG E 169 -16.26 33.57 -18.99
N GLY E 170 -16.73 34.81 -19.13
CA GLY E 170 -17.09 35.61 -17.98
C GLY E 170 -15.92 36.32 -17.32
N GLY E 171 -14.71 36.20 -17.86
CA GLY E 171 -13.56 36.85 -17.29
C GLY E 171 -13.21 36.33 -15.92
N ASP E 172 -13.32 37.19 -14.90
CA ASP E 172 -12.98 36.80 -13.54
C ASP E 172 -13.98 35.82 -12.95
N LYS E 173 -15.21 35.78 -13.47
CA LYS E 173 -16.23 34.86 -12.99
C LYS E 173 -16.19 33.51 -13.69
N ALA E 174 -15.12 33.23 -14.45
CA ALA E 174 -15.04 31.95 -15.16
C ALA E 174 -14.89 30.78 -14.20
N VAL E 175 -14.18 30.97 -13.10
CA VAL E 175 -13.92 29.92 -12.11
C VAL E 175 -14.74 30.23 -10.87
N THR E 176 -15.50 29.25 -10.40
CA THR E 176 -16.34 29.40 -9.22
C THR E 176 -16.15 28.18 -8.32
N GLY E 177 -16.59 28.33 -7.07
CA GLY E 177 -16.42 27.31 -6.06
C GLY E 177 -15.19 27.46 -5.19
N VAL E 178 -14.35 28.46 -5.43
CA VAL E 178 -13.13 28.61 -4.64
C VAL E 178 -13.48 28.93 -3.19
N GLU E 179 -14.49 29.78 -2.96
CA GLU E 179 -14.80 30.22 -1.61
C GLU E 179 -15.70 29.26 -0.84
N ARG E 180 -16.27 28.24 -1.49
CA ARG E 180 -16.92 27.15 -0.77
C ARG E 180 -15.96 26.03 -0.39
N ILE E 181 -14.67 26.16 -0.68
CA ILE E 181 -13.68 25.14 -0.32
C ILE E 181 -13.23 25.39 1.12
N GLU E 182 -13.25 24.33 1.93
CA GLU E 182 -12.82 24.36 3.33
C GLU E 182 -11.69 23.36 3.49
N LEU E 183 -10.46 23.81 3.29
CA LEU E 183 -9.31 22.94 3.48
C LEU E 183 -9.04 22.74 4.98
N PRO E 184 -8.42 21.61 5.36
CA PRO E 184 -8.24 21.33 6.79
C PRO E 184 -7.26 22.27 7.46
N GLN E 185 -6.10 22.46 6.86
CA GLN E 185 -5.01 23.26 7.44
C GLN E 185 -4.50 24.31 6.46
N PHE E 186 -5.36 24.78 5.57
CA PHE E 186 -4.99 25.80 4.60
C PHE E 186 -6.15 26.77 4.44
N SER E 187 -5.84 27.94 3.89
CA SER E 187 -6.82 29.00 3.68
C SER E 187 -6.51 29.67 2.36
N ILE E 188 -7.41 29.52 1.38
CA ILE E 188 -7.21 30.11 0.07
C ILE E 188 -7.33 31.63 0.21
N VAL E 189 -6.22 32.34 0.01
CA VAL E 189 -6.22 33.79 0.17
C VAL E 189 -6.73 34.46 -1.10
N GLU E 190 -6.26 34.02 -2.26
CA GLU E 190 -6.57 34.66 -3.52
C GLU E 190 -6.52 33.61 -4.63
N HIS E 191 -7.24 33.90 -5.71
CA HIS E 191 -7.16 33.09 -6.92
C HIS E 191 -7.10 34.02 -8.12
N ARG E 192 -6.38 33.59 -9.16
CA ARG E 192 -6.15 34.38 -10.35
C ARG E 192 -6.30 33.52 -11.59
N LEU E 193 -6.70 34.17 -12.68
CA LEU E 193 -6.84 33.56 -13.99
C LEU E 193 -5.97 34.32 -14.98
N VAL E 194 -5.12 33.60 -15.71
CA VAL E 194 -4.19 34.19 -16.66
C VAL E 194 -4.34 33.47 -17.99
N SER E 195 -4.07 34.19 -19.08
CA SER E 195 -4.08 33.63 -20.43
C SER E 195 -2.85 34.14 -21.17
N ARG E 196 -2.12 33.22 -21.80
CA ARG E 196 -0.87 33.62 -22.46
C ARG E 196 -0.47 32.55 -23.46
N ASN E 197 0.40 32.93 -24.39
CA ASN E 197 0.95 32.02 -25.38
C ASN E 197 2.30 31.49 -24.89
N VAL E 198 2.53 30.20 -25.10
CA VAL E 198 3.76 29.54 -24.69
C VAL E 198 4.42 28.98 -25.94
N VAL E 199 5.70 29.29 -26.13
CA VAL E 199 6.45 28.89 -27.31
C VAL E 199 7.23 27.63 -26.98
N PHE E 200 6.93 26.55 -27.69
CA PHE E 200 7.67 25.30 -27.65
C PHE E 200 8.47 25.15 -28.94
N ALA E 201 9.24 24.07 -29.04
CA ALA E 201 9.99 23.81 -30.26
C ALA E 201 9.05 23.60 -31.44
N THR E 202 7.93 22.91 -31.22
CA THR E 202 7.00 22.64 -32.31
C THR E 202 6.25 23.90 -32.73
N GLY E 203 5.89 24.74 -31.78
CA GLY E 203 5.20 25.97 -32.11
C GLY E 203 4.66 26.64 -30.87
N ALA E 204 3.92 27.73 -31.09
CA ALA E 204 3.32 28.51 -30.02
C ALA E 204 1.91 28.03 -29.78
N TYR E 205 1.59 27.74 -28.51
CA TYR E 205 0.33 27.18 -28.09
C TYR E 205 -0.37 28.12 -27.10
N PRO E 206 -1.69 28.05 -26.99
CA PRO E 206 -2.38 28.87 -25.98
C PRO E 206 -2.47 28.15 -24.65
N ARG E 207 -2.27 28.90 -23.57
CA ARG E 207 -2.32 28.37 -22.21
C ARG E 207 -3.19 29.26 -21.36
N LEU E 208 -3.99 28.62 -20.52
CA LEU E 208 -4.72 29.27 -19.44
C LEU E 208 -4.17 28.75 -18.12
N SER E 209 -4.08 29.63 -17.13
CA SER E 209 -3.54 29.29 -15.81
C SER E 209 -4.52 29.72 -14.74
N LEU E 210 -4.88 28.78 -13.87
CA LEU E 210 -5.71 29.02 -12.70
C LEU E 210 -4.82 28.85 -11.48
N SER E 211 -4.50 29.95 -10.81
CA SER E 211 -3.57 29.96 -9.70
C SER E 211 -4.31 30.22 -8.40
N PHE E 212 -3.89 29.55 -7.34
CA PHE E 212 -4.37 29.79 -5.98
C PHE E 212 -3.20 30.16 -5.08
N ARG E 213 -3.48 30.97 -4.07
CA ARG E 213 -2.53 31.28 -3.01
C ARG E 213 -3.08 30.73 -1.70
N LEU E 214 -2.32 29.87 -1.05
CA LEU E 214 -2.74 29.15 0.15
C LEU E 214 -1.93 29.62 1.34
N LYS E 215 -2.61 29.95 2.42
CA LYS E 215 -1.98 30.32 3.69
C LYS E 215 -2.23 29.20 4.69
N ARG E 216 -1.17 28.76 5.37
CA ARG E 216 -1.28 27.67 6.32
C ARG E 216 -1.75 28.18 7.67
N ASN E 217 -2.77 27.55 8.22
CA ASN E 217 -3.23 27.88 9.56
C ASN E 217 -2.19 27.43 10.58
N ILE E 218 -2.00 28.25 11.62
CA ILE E 218 -0.86 28.12 12.53
C ILE E 218 -1.25 27.65 13.91
N GLY E 219 -2.53 27.71 14.27
CA GLY E 219 -2.94 27.33 15.63
C GLY E 219 -2.56 25.90 15.97
N TYR E 220 -2.81 24.98 15.04
CA TYR E 220 -2.43 23.59 15.21
C TYR E 220 -0.96 23.46 15.55
N PHE E 221 -0.09 24.06 14.74
CA PHE E 221 1.34 23.86 14.93
C PHE E 221 1.83 24.45 16.25
N ILE E 222 1.41 25.68 16.57
CA ILE E 222 1.89 26.31 17.80
C ILE E 222 1.42 25.51 19.01
N LEU E 223 0.23 24.93 18.93
CA LEU E 223 -0.22 24.09 20.04
C LEU E 223 0.54 22.78 20.11
N GLN E 224 0.82 22.16 18.96
CA GLN E 224 0.99 20.71 18.94
C GLN E 224 2.43 20.32 18.68
N THR E 225 3.25 21.20 18.11
CA THR E 225 4.67 20.96 17.84
C THR E 225 5.58 21.85 18.68
N TYR E 226 5.39 23.17 18.61
CA TYR E 226 6.32 24.09 19.24
C TYR E 226 6.24 24.02 20.77
N MET E 227 5.04 24.07 21.32
CA MET E 227 4.84 24.29 22.75
C MET E 227 5.48 23.22 23.63
N PRO E 228 5.39 21.92 23.30
CA PRO E 228 6.08 20.92 24.13
C PRO E 228 7.58 21.17 24.23
N SER E 229 8.23 21.54 23.12
CA SER E 229 9.66 21.77 23.12
C SER E 229 10.06 23.11 23.72
N ILE E 230 9.12 24.02 23.91
CA ILE E 230 9.38 25.22 24.70
C ILE E 230 9.25 24.93 26.18
N LEU E 231 8.23 24.16 26.56
CA LEU E 231 8.05 23.83 27.96
C LEU E 231 9.13 22.90 28.47
N ILE E 232 9.64 22.00 27.63
CA ILE E 232 10.78 21.17 28.05
C ILE E 232 12.02 22.03 28.24
N THR E 233 12.21 23.03 27.38
CA THR E 233 13.32 23.97 27.60
C THR E 233 13.13 24.71 28.92
N ILE E 234 11.88 25.01 29.28
CA ILE E 234 11.63 25.65 30.57
C ILE E 234 11.93 24.69 31.72
N LEU E 235 11.62 23.40 31.56
CA LEU E 235 12.06 22.40 32.53
C LEU E 235 13.56 22.43 32.70
N SER E 236 14.28 22.65 31.61
CA SER E 236 15.74 22.65 31.68
C SER E 236 16.27 23.67 32.68
N TRP E 237 15.59 24.81 32.84
CA TRP E 237 16.07 25.87 33.70
C TRP E 237 15.80 25.63 35.18
N VAL E 238 14.96 24.65 35.53
CA VAL E 238 14.77 24.28 36.93
C VAL E 238 16.07 23.76 37.52
N SER E 239 16.98 23.23 36.69
CA SER E 239 18.26 22.74 37.14
C SER E 239 19.06 23.80 37.91
N PHE E 240 18.89 25.08 37.53
CA PHE E 240 19.70 26.12 38.16
C PHE E 240 19.23 26.46 39.57
N TRP E 241 17.99 26.14 39.92
CA TRP E 241 17.42 26.54 41.20
C TRP E 241 17.47 25.45 42.26
N ILE E 242 18.05 24.28 41.96
CA ILE E 242 17.98 23.17 42.90
C ILE E 242 19.07 23.33 43.95
N ASN E 243 20.33 23.15 43.53
CA ASN E 243 21.54 23.18 44.33
C ASN E 243 22.71 22.94 43.39
N TYR E 244 23.92 23.26 43.88
CA TYR E 244 25.14 22.80 43.24
C TYR E 244 25.66 21.52 43.86
N ASP E 245 25.35 21.27 45.14
CA ASP E 245 25.78 20.05 45.80
C ASP E 245 24.93 18.85 45.40
N ALA E 246 23.64 19.05 45.18
CA ALA E 246 22.75 17.94 44.84
C ALA E 246 23.03 17.49 43.41
N SER E 247 23.87 16.47 43.26
CA SER E 247 24.37 16.08 41.96
C SER E 247 23.43 15.12 41.23
N ALA E 248 22.90 14.12 41.92
CA ALA E 248 22.05 13.12 41.27
C ALA E 248 20.80 13.78 40.70
N ALA E 249 20.15 14.65 41.47
CA ALA E 249 18.92 15.28 41.03
C ALA E 249 19.16 16.14 39.80
N ARG E 250 20.20 16.97 39.84
CA ARG E 250 20.46 17.89 38.74
C ARG E 250 20.91 17.16 37.48
N VAL E 251 21.75 16.13 37.62
CA VAL E 251 22.17 15.35 36.46
C VAL E 251 20.97 14.63 35.85
N ALA E 252 20.13 14.03 36.69
CA ALA E 252 18.96 13.34 36.17
C ALA E 252 18.03 14.30 35.45
N LEU E 253 17.82 15.49 36.02
CA LEU E 253 16.97 16.48 35.37
C LEU E 253 17.53 16.87 34.02
N GLY E 254 18.82 17.18 33.96
CA GLY E 254 19.40 17.61 32.69
C GLY E 254 19.34 16.55 31.62
N ILE E 255 19.77 15.33 31.95
CA ILE E 255 19.81 14.31 30.91
C ILE E 255 18.40 13.84 30.55
N THR E 256 17.47 13.82 31.50
CA THR E 256 16.10 13.46 31.16
C THR E 256 15.48 14.52 30.25
N THR E 257 15.83 15.79 30.46
CA THR E 257 15.40 16.82 29.52
C THR E 257 15.99 16.56 28.14
N VAL E 258 17.26 16.19 28.08
CA VAL E 258 17.89 15.89 26.79
C VAL E 258 17.18 14.73 26.09
N LEU E 259 16.90 13.66 26.85
CA LEU E 259 16.24 12.49 26.28
C LEU E 259 14.82 12.83 25.82
N THR E 260 14.10 13.65 26.60
CA THR E 260 12.76 14.04 26.20
C THR E 260 12.80 14.84 24.91
N MET E 261 13.76 15.77 24.78
CA MET E 261 13.88 16.52 23.55
C MET E 261 14.22 15.61 22.37
N THR E 262 15.10 14.63 22.61
CA THR E 262 15.45 13.69 21.56
C THR E 262 14.23 12.89 21.08
N THR E 263 13.43 12.40 22.03
CA THR E 263 12.24 11.64 21.67
C THR E 263 11.25 12.52 20.93
N ILE E 264 11.07 13.77 21.39
CA ILE E 264 10.17 14.70 20.73
C ILE E 264 10.60 14.91 19.28
N ASN E 265 11.89 15.16 19.06
CA ASN E 265 12.37 15.38 17.70
C ASN E 265 12.20 14.13 16.85
N THR E 266 12.55 12.96 17.38
CA THR E 266 12.52 11.75 16.58
C THR E 266 11.10 11.31 16.24
N HIS E 267 10.09 11.74 17.01
CA HIS E 267 8.71 11.38 16.70
C HIS E 267 7.98 12.45 15.91
N LEU E 268 8.24 13.75 16.14
CA LEU E 268 7.80 14.75 15.17
C LEU E 268 8.43 14.53 13.81
N ARG E 269 9.57 13.85 13.73
CA ARG E 269 10.04 13.32 12.46
C ARG E 269 8.97 12.50 11.75
N GLU E 270 8.57 11.37 12.32
CA GLU E 270 7.70 10.48 11.58
C GLU E 270 6.28 11.01 11.45
N THR E 271 5.85 11.92 12.33
CA THR E 271 4.50 12.47 12.19
C THR E 271 4.49 13.64 11.20
N LEU E 272 5.50 14.50 11.23
CA LEU E 272 5.57 15.57 10.25
C LEU E 272 5.83 14.97 8.86
N PRO E 273 5.44 15.66 7.79
CA PRO E 273 5.64 15.10 6.45
C PRO E 273 7.12 14.98 6.09
N LYS E 274 7.41 14.04 5.19
CA LYS E 274 8.77 13.75 4.76
C LYS E 274 9.18 14.73 3.66
N ILE E 275 10.01 15.70 4.04
CA ILE E 275 10.60 16.63 3.08
C ILE E 275 12.11 16.70 3.37
N PRO E 276 12.96 15.94 2.66
CA PRO E 276 14.39 15.95 3.07
C PRO E 276 15.12 17.24 2.69
N TYR E 277 14.78 18.32 3.39
CA TYR E 277 15.64 19.50 3.45
C TYR E 277 15.23 20.32 4.67
N VAL E 278 16.15 21.18 5.11
CA VAL E 278 15.96 21.88 6.38
C VAL E 278 14.80 22.85 6.28
N LYS E 279 14.04 22.98 7.37
CA LYS E 279 12.84 23.79 7.45
C LYS E 279 12.93 24.69 8.68
N ALA E 280 11.91 25.53 8.86
CA ALA E 280 11.92 26.47 9.98
C ALA E 280 11.67 25.77 11.31
N ILE E 281 10.81 24.75 11.31
CA ILE E 281 10.56 24.00 12.53
C ILE E 281 11.82 23.29 13.00
N ASP E 282 12.65 22.82 12.06
CA ASP E 282 13.89 22.16 12.41
C ASP E 282 14.84 23.11 13.11
N MET E 283 14.91 24.36 12.67
CA MET E 283 15.77 25.34 13.33
C MET E 283 15.31 25.59 14.77
N TYR E 284 14.00 25.70 14.99
CA TYR E 284 13.49 25.92 16.34
C TYR E 284 13.79 24.73 17.24
N LEU E 285 13.54 23.52 16.74
CA LEU E 285 13.81 22.34 17.53
C LEU E 285 15.30 22.20 17.84
N MET E 286 16.16 22.50 16.87
CA MET E 286 17.60 22.45 17.09
C MET E 286 18.03 23.49 18.11
N GLY E 287 17.44 24.69 18.06
CA GLY E 287 17.76 25.70 19.05
C GLY E 287 17.36 25.29 20.45
N CYS E 288 16.17 24.70 20.60
CA CYS E 288 15.75 24.22 21.91
C CYS E 288 16.67 23.12 22.43
N PHE E 289 17.04 22.18 21.54
CA PHE E 289 17.97 21.13 21.93
C PHE E 289 19.30 21.70 22.36
N VAL E 290 19.80 22.71 21.63
CA VAL E 290 21.06 23.35 21.99
C VAL E 290 20.94 24.03 23.35
N PHE E 291 19.79 24.64 23.63
CA PHE E 291 19.62 25.31 24.91
C PHE E 291 19.65 24.30 26.06
N VAL E 292 18.97 23.17 25.91
CA VAL E 292 18.99 22.14 26.95
C VAL E 292 20.41 21.60 27.14
N PHE E 293 21.10 21.36 26.02
CA PHE E 293 22.48 20.87 26.08
C PHE E 293 23.39 21.87 26.79
N LEU E 294 23.19 23.16 26.52
CA LEU E 294 24.00 24.18 27.17
C LEU E 294 23.69 24.29 28.66
N ALA E 295 22.43 24.10 29.04
CA ALA E 295 22.10 24.09 30.47
C ALA E 295 22.81 22.95 31.18
N LEU E 296 22.84 21.77 30.56
CA LEU E 296 23.54 20.66 31.19
C LEU E 296 25.04 20.91 31.26
N LEU E 297 25.62 21.50 30.21
CA LEU E 297 27.03 21.88 30.27
C LEU E 297 27.27 22.90 31.37
N GLU E 298 26.31 23.81 31.58
CA GLU E 298 26.43 24.78 32.67
C GLU E 298 26.53 24.09 34.01
N TYR E 299 25.66 23.09 34.25
CA TYR E 299 25.78 22.36 35.50
C TYR E 299 27.11 21.63 35.60
N ALA E 300 27.57 21.02 34.50
CA ALA E 300 28.84 20.29 34.54
C ALA E 300 29.99 21.23 34.87
N PHE E 301 29.97 22.43 34.32
CA PHE E 301 30.98 23.43 34.63
C PHE E 301 30.93 23.83 36.09
N VAL E 302 29.73 24.01 36.64
CA VAL E 302 29.60 24.34 38.07
C VAL E 302 30.16 23.21 38.91
N ASN E 303 29.83 21.96 38.57
CA ASN E 303 30.29 20.82 39.34
C ASN E 303 31.81 20.70 39.30
N TYR E 304 32.41 20.93 38.13
CA TYR E 304 33.86 20.88 38.04
C TYR E 304 34.49 21.99 38.87
N ILE E 305 33.91 23.19 38.84
CA ILE E 305 34.49 24.30 39.59
C ILE E 305 34.44 24.04 41.08
N PHE E 306 33.30 23.56 41.58
CA PHE E 306 33.14 23.40 43.03
C PHE E 306 33.99 22.23 43.54
N PHE E 307 33.70 21.03 43.06
CA PHE E 307 34.41 19.85 43.56
C PHE E 307 35.86 19.81 43.06
N SER E 308 36.06 20.09 41.78
CA SER E 308 37.38 19.97 41.20
C SER E 308 38.39 20.95 41.77
N ARG E 422 31.95 30.68 44.28
CA ARG E 422 31.91 31.07 42.88
C ARG E 422 30.85 30.29 42.11
N ALA E 423 30.53 29.08 42.60
CA ALA E 423 29.50 28.28 41.95
C ALA E 423 28.15 28.96 42.03
N ALA E 424 27.82 29.56 43.17
CA ALA E 424 26.56 30.26 43.31
C ALA E 424 26.48 31.46 42.36
N ALA E 425 27.61 32.13 42.14
CA ALA E 425 27.63 33.25 41.21
C ALA E 425 27.30 32.77 39.80
N ILE E 426 27.87 31.65 39.37
CA ILE E 426 27.58 31.12 38.05
C ILE E 426 26.13 30.67 37.96
N ASP E 427 25.60 30.09 39.04
CA ASP E 427 24.20 29.68 39.03
C ASP E 427 23.28 30.89 38.87
N ARG E 428 23.57 31.98 39.59
CA ARG E 428 22.75 33.19 39.44
C ARG E 428 22.89 33.78 38.05
N TRP E 429 24.11 33.76 37.50
CA TRP E 429 24.32 34.26 36.14
C TRP E 429 23.50 33.44 35.14
N SER E 430 23.49 32.12 35.29
CA SER E 430 22.69 31.28 34.41
C SER E 430 21.20 31.56 34.60
N ARG E 431 20.76 31.74 35.85
CA ARG E 431 19.36 32.06 36.12
C ARG E 431 18.93 33.31 35.38
N ILE E 432 19.76 34.36 35.41
CA ILE E 432 19.42 35.58 34.72
C ILE E 432 19.50 35.41 33.21
N VAL E 433 20.50 34.66 32.73
CA VAL E 433 20.85 34.70 31.31
C VAL E 433 19.97 33.76 30.49
N PHE E 434 19.74 32.53 30.97
CA PHE E 434 19.09 31.52 30.13
C PHE E 434 17.68 31.92 29.70
N PRO E 435 16.79 32.37 30.59
CA PRO E 435 15.49 32.85 30.11
C PRO E 435 15.62 34.03 29.17
N PHE E 436 16.54 34.96 29.44
CA PHE E 436 16.71 36.12 28.58
C PHE E 436 17.22 35.71 27.20
N THR E 437 18.20 34.81 27.15
CA THR E 437 18.73 34.37 25.87
C THR E 437 17.68 33.58 25.09
N PHE E 438 16.89 32.76 25.78
CA PHE E 438 15.84 32.02 25.09
C PHE E 438 14.77 32.97 24.55
N SER E 439 14.42 34.01 25.31
CA SER E 439 13.45 34.99 24.82
C SER E 439 14.01 35.73 23.61
N LEU E 440 15.29 36.07 23.63
CA LEU E 440 15.90 36.70 22.46
C LEU E 440 15.88 35.77 21.25
N PHE E 441 16.16 34.49 21.48
CA PHE E 441 16.10 33.52 20.38
C PHE E 441 14.68 33.43 19.83
N ASN E 442 13.69 33.43 20.71
CA ASN E 442 12.29 33.40 20.25
C ASN E 442 11.96 34.65 19.45
N LEU E 443 12.42 35.82 19.90
CA LEU E 443 12.12 37.05 19.19
C LEU E 443 12.73 37.04 17.80
N VAL E 444 14.00 36.69 17.69
CA VAL E 444 14.63 36.68 16.36
C VAL E 444 14.03 35.60 15.48
N TYR E 445 13.59 34.48 16.07
CA TYR E 445 12.95 33.44 15.26
C TYR E 445 11.61 33.92 14.71
N TRP E 446 10.75 34.46 15.58
CA TRP E 446 9.41 34.85 15.16
C TRP E 446 9.41 36.10 14.29
N LEU E 447 10.42 36.96 14.42
CA LEU E 447 10.51 38.12 13.54
C LEU E 447 11.00 37.74 12.14
N TYR E 448 11.88 36.74 12.05
CA TYR E 448 12.40 36.31 10.76
C TYR E 448 11.39 35.51 9.95
N TYR E 449 10.38 34.94 10.59
CA TYR E 449 9.39 34.10 9.93
C TYR E 449 7.98 34.70 9.97
N VAL E 450 7.85 35.98 10.31
CA VAL E 450 6.56 36.66 10.26
C VAL E 450 6.78 38.10 9.80
N THR F 65 -13.48 22.26 -45.08
CA THR F 65 -14.01 21.91 -46.40
C THR F 65 -13.82 20.43 -46.67
N THR F 66 -14.46 19.93 -47.73
CA THR F 66 -14.40 18.52 -48.07
C THR F 66 -13.15 18.15 -48.87
N VAL F 67 -12.32 19.13 -49.25
CA VAL F 67 -11.09 18.81 -49.98
C VAL F 67 -10.15 18.02 -49.09
N PHE F 68 -10.00 18.44 -47.84
CA PHE F 68 -9.08 17.76 -46.93
C PHE F 68 -9.59 16.37 -46.57
N THR F 69 -10.91 16.19 -46.45
CA THR F 69 -11.44 14.85 -46.22
C THR F 69 -11.12 13.93 -47.39
N ARG F 70 -11.25 14.43 -48.61
CA ARG F 70 -10.92 13.62 -49.77
C ARG F 70 -9.43 13.29 -49.80
N ILE F 71 -8.59 14.26 -49.43
CA ILE F 71 -7.15 14.00 -49.39
C ILE F 71 -6.83 12.92 -48.37
N LEU F 72 -7.40 13.04 -47.17
CA LEU F 72 -7.11 12.06 -46.12
C LEU F 72 -7.64 10.69 -46.48
N ASP F 73 -8.77 10.61 -47.18
CA ASP F 73 -9.26 9.32 -47.65
C ASP F 73 -8.40 8.77 -48.78
N ARG F 74 -7.82 9.65 -49.61
CA ARG F 74 -6.91 9.20 -50.65
C ARG F 74 -5.57 8.74 -50.08
N LEU F 75 -5.22 9.18 -48.88
CA LEU F 75 -4.03 8.65 -48.23
C LEU F 75 -4.30 7.27 -47.64
N LEU F 76 -5.47 7.07 -47.05
CA LEU F 76 -5.80 5.82 -46.35
C LEU F 76 -6.64 4.92 -47.27
N ASP F 77 -6.00 4.43 -48.32
CA ASP F 77 -6.58 3.40 -49.16
C ASP F 77 -5.44 2.59 -49.76
N GLY F 78 -5.37 1.31 -49.40
CA GLY F 78 -4.22 0.51 -49.71
C GLY F 78 -3.04 0.72 -48.80
N TYR F 79 -3.17 1.58 -47.78
CA TYR F 79 -2.11 1.81 -46.81
C TYR F 79 -2.18 0.73 -45.74
N ASP F 80 -1.15 -0.10 -45.67
CA ASP F 80 -1.05 -1.15 -44.66
C ASP F 80 -0.21 -0.63 -43.50
N ASN F 81 -0.85 -0.35 -42.37
CA ASN F 81 -0.13 0.12 -41.20
C ASN F 81 0.71 -0.99 -40.56
N ARG F 82 0.45 -2.25 -40.89
CA ARG F 82 1.26 -3.33 -40.35
C ARG F 82 2.68 -3.32 -40.91
N LEU F 83 2.84 -2.90 -42.17
CA LEU F 83 4.15 -2.86 -42.79
C LEU F 83 4.91 -1.61 -42.33
N ARG F 84 6.19 -1.56 -42.68
CA ARG F 84 7.11 -0.51 -42.29
C ARG F 84 7.47 0.35 -43.52
N PRO F 85 7.72 1.65 -43.36
CA PRO F 85 8.16 2.45 -44.51
C PRO F 85 9.48 1.92 -45.07
N GLY F 86 9.45 1.48 -46.32
CA GLY F 86 10.61 0.86 -46.93
C GLY F 86 10.88 -0.51 -46.34
N LEU F 87 9.87 -1.38 -46.35
CA LEU F 87 9.99 -2.69 -45.73
C LEU F 87 11.04 -3.57 -46.41
N GLY F 88 11.33 -3.33 -47.67
CA GLY F 88 12.33 -4.11 -48.39
C GLY F 88 13.17 -3.30 -49.33
N GLU F 89 13.32 -2.00 -49.04
CA GLU F 89 14.07 -1.07 -49.90
C GLU F 89 15.15 -0.31 -49.15
N ARG F 90 14.91 0.06 -47.90
CA ARG F 90 15.86 0.87 -47.15
C ARG F 90 15.59 0.70 -45.66
N VAL F 91 16.26 1.51 -44.85
CA VAL F 91 16.15 1.47 -43.39
C VAL F 91 15.35 2.68 -42.94
N THR F 92 14.38 2.44 -42.06
CA THR F 92 13.53 3.51 -41.54
C THR F 92 14.31 4.28 -40.47
N GLU F 93 14.64 5.53 -40.76
CA GLU F 93 15.37 6.38 -39.83
C GLU F 93 14.38 7.24 -39.06
N VAL F 94 14.45 7.16 -37.73
CA VAL F 94 13.56 7.90 -36.84
C VAL F 94 14.41 8.88 -36.04
N LYS F 95 14.19 10.17 -36.26
CA LYS F 95 14.90 11.22 -35.54
C LYS F 95 14.12 11.59 -34.30
N THR F 96 14.79 11.55 -33.14
CA THR F 96 14.12 11.63 -31.85
C THR F 96 14.53 12.89 -31.09
N ASP F 97 13.62 13.38 -30.26
CA ASP F 97 13.86 14.53 -29.41
C ASP F 97 13.06 14.35 -28.12
N ILE F 98 13.61 14.87 -27.03
CA ILE F 98 12.97 14.79 -25.72
C ILE F 98 12.98 16.18 -25.09
N PHE F 99 11.82 16.61 -24.60
CA PHE F 99 11.69 17.84 -23.80
C PHE F 99 11.20 17.44 -22.43
N VAL F 100 12.09 17.48 -21.44
CA VAL F 100 11.76 17.07 -20.07
C VAL F 100 11.02 18.23 -19.41
N THR F 101 9.70 18.08 -19.27
CA THR F 101 8.92 19.12 -18.61
C THR F 101 9.19 19.17 -17.11
N SER F 102 9.44 18.02 -16.49
CA SER F 102 9.69 17.98 -15.06
C SER F 102 10.44 16.69 -14.73
N PHE F 103 11.52 16.81 -13.97
CA PHE F 103 12.32 15.66 -13.55
C PHE F 103 11.82 15.24 -12.17
N GLY F 104 10.91 14.27 -12.16
CA GLY F 104 10.20 13.89 -10.96
C GLY F 104 11.10 13.41 -9.84
N PRO F 105 10.51 13.09 -8.69
CA PRO F 105 11.31 12.72 -7.53
C PRO F 105 12.09 11.43 -7.75
N VAL F 106 13.26 11.37 -7.13
CA VAL F 106 14.13 10.20 -7.20
C VAL F 106 13.94 9.42 -5.90
N SER F 107 13.37 8.22 -6.02
CA SER F 107 13.06 7.38 -4.86
C SER F 107 14.21 6.40 -4.66
N ASP F 108 15.10 6.74 -3.72
CA ASP F 108 16.22 5.85 -3.42
C ASP F 108 15.76 4.56 -2.77
N HIS F 109 14.60 4.57 -2.11
CA HIS F 109 14.09 3.35 -1.49
C HIS F 109 13.77 2.30 -2.55
N ASP F 110 13.12 2.71 -3.64
CA ASP F 110 12.82 1.82 -4.74
C ASP F 110 13.89 1.81 -5.82
N MET F 111 14.91 2.67 -5.70
CA MET F 111 15.96 2.80 -6.71
C MET F 111 15.36 3.09 -8.09
N GLU F 112 14.67 4.23 -8.16
CA GLU F 112 13.97 4.62 -9.37
C GLU F 112 13.78 6.14 -9.35
N TYR F 113 13.30 6.66 -10.48
CA TYR F 113 13.00 8.07 -10.58
C TYR F 113 11.93 8.28 -11.65
N THR F 114 11.09 9.28 -11.44
CA THR F 114 10.04 9.64 -12.37
C THR F 114 10.49 10.82 -13.22
N ILE F 115 10.15 10.79 -14.51
CA ILE F 115 10.49 11.86 -15.44
C ILE F 115 9.29 12.10 -16.35
N ASP F 116 8.91 13.35 -16.51
CA ASP F 116 7.82 13.75 -17.38
C ASP F 116 8.40 14.39 -18.63
N VAL F 117 7.98 13.90 -19.81
CA VAL F 117 8.61 14.27 -21.06
C VAL F 117 7.57 14.48 -22.15
N PHE F 118 7.93 15.34 -23.11
CA PHE F 118 7.37 15.34 -24.45
C PHE F 118 8.35 14.55 -25.29
N PHE F 119 7.93 13.37 -25.74
CA PHE F 119 8.73 12.50 -26.59
C PHE F 119 8.31 12.72 -28.03
N ARG F 120 9.24 13.20 -28.86
CA ARG F 120 8.98 13.55 -30.25
C ARG F 120 9.76 12.60 -31.15
N GLN F 121 9.10 12.08 -32.17
CA GLN F 121 9.73 11.23 -33.18
C GLN F 121 9.34 11.77 -34.54
N SER F 122 10.29 11.73 -35.49
CA SER F 122 10.06 12.19 -36.84
C SER F 122 10.61 11.17 -37.81
N TRP F 123 9.82 10.79 -38.81
CA TRP F 123 10.31 9.89 -39.84
C TRP F 123 9.69 10.29 -41.18
N LYS F 124 10.11 9.58 -42.23
CA LYS F 124 9.60 9.82 -43.57
C LYS F 124 8.80 8.62 -44.04
N ASP F 125 7.70 8.90 -44.74
CA ASP F 125 6.82 7.85 -45.23
C ASP F 125 6.29 8.32 -46.59
N GLU F 126 6.85 7.76 -47.66
CA GLU F 126 6.46 8.18 -49.00
C GLU F 126 5.03 7.77 -49.34
N ARG F 127 4.43 6.86 -48.58
CA ARG F 127 3.04 6.49 -48.79
C ARG F 127 2.07 7.58 -48.39
N LEU F 128 2.53 8.62 -47.68
CA LEU F 128 1.67 9.67 -47.15
C LEU F 128 2.04 11.03 -47.72
N LYS F 129 2.28 11.08 -49.03
CA LYS F 129 2.48 12.34 -49.73
C LYS F 129 1.15 12.89 -50.22
N PHE F 130 1.06 14.21 -50.28
CA PHE F 130 -0.16 14.84 -50.76
C PHE F 130 0.20 16.22 -51.33
N LYS F 131 -0.62 16.67 -52.28
CA LYS F 131 -0.50 18.00 -52.87
C LYS F 131 -1.85 18.68 -52.68
N GLY F 132 -1.97 19.45 -51.60
CA GLY F 132 -3.18 20.16 -51.26
C GLY F 132 -2.93 21.62 -50.98
N PRO F 133 -3.96 22.34 -50.53
CA PRO F 133 -3.76 23.76 -50.20
C PRO F 133 -2.73 24.00 -49.11
N MET F 134 -2.64 23.11 -48.13
CA MET F 134 -1.76 23.26 -46.98
C MET F 134 -0.52 22.42 -47.18
N THR F 135 0.65 23.02 -46.91
CA THR F 135 1.89 22.26 -46.98
C THR F 135 1.98 21.23 -45.87
N VAL F 136 1.55 21.60 -44.67
CA VAL F 136 1.54 20.72 -43.50
C VAL F 136 0.12 20.64 -42.98
N LEU F 137 -0.34 19.44 -42.66
CA LEU F 137 -1.65 19.21 -42.09
C LEU F 137 -1.49 18.58 -40.70
N ARG F 138 -2.20 19.15 -39.73
CA ARG F 138 -2.06 18.81 -38.31
C ARG F 138 -3.33 18.10 -37.88
N LEU F 139 -3.23 16.80 -37.62
CA LEU F 139 -4.40 15.96 -37.35
C LEU F 139 -4.47 15.59 -35.88
N ASN F 140 -5.67 15.21 -35.46
CA ASN F 140 -5.86 14.73 -34.11
C ASN F 140 -5.20 13.36 -33.94
N ASN F 141 -5.14 12.90 -32.70
CA ASN F 141 -4.46 11.64 -32.38
C ASN F 141 -5.15 10.42 -32.95
N LEU F 142 -6.39 10.56 -33.45
CA LEU F 142 -7.07 9.41 -34.03
C LEU F 142 -6.33 8.88 -35.25
N MET F 143 -5.73 9.78 -36.04
CA MET F 143 -5.05 9.35 -37.26
C MET F 143 -3.85 8.46 -36.95
N ALA F 144 -3.18 8.69 -35.82
CA ALA F 144 -1.96 7.95 -35.52
C ALA F 144 -2.22 6.45 -35.38
N SER F 145 -3.42 6.07 -34.95
CA SER F 145 -3.74 4.65 -34.85
C SER F 145 -3.91 4.01 -36.23
N LYS F 146 -4.24 4.78 -37.25
CA LYS F 146 -4.41 4.28 -38.60
C LYS F 146 -3.14 4.38 -39.44
N ILE F 147 -2.03 4.79 -38.84
CA ILE F 147 -0.76 5.00 -39.53
C ILE F 147 0.32 4.24 -38.77
N TRP F 148 1.27 3.66 -39.51
CA TRP F 148 2.41 3.03 -38.87
C TRP F 148 3.21 4.07 -38.11
N THR F 149 3.55 3.75 -36.86
CA THR F 149 4.39 4.58 -36.02
C THR F 149 5.44 3.70 -35.36
N PRO F 150 6.62 4.24 -35.05
CA PRO F 150 7.67 3.40 -34.46
C PRO F 150 7.27 2.89 -33.08
N ASP F 151 7.71 1.68 -32.78
CA ASP F 151 7.36 1.01 -31.52
C ASP F 151 8.47 1.24 -30.50
N THR F 152 8.65 2.51 -30.15
CA THR F 152 9.68 2.87 -29.20
C THR F 152 9.26 2.50 -27.78
N PHE F 153 10.23 2.00 -27.02
CA PHE F 153 10.02 1.66 -25.61
C PHE F 153 11.16 2.16 -24.73
N PHE F 154 10.98 2.06 -23.43
CA PHE F 154 12.02 2.44 -22.47
C PHE F 154 12.56 1.17 -21.82
N HIS F 155 13.84 0.89 -22.06
CA HIS F 155 14.43 -0.37 -21.60
C HIS F 155 14.44 -0.47 -20.08
N ASN F 156 14.72 0.64 -19.39
CA ASN F 156 14.79 0.67 -17.94
C ASN F 156 13.52 1.20 -17.32
N GLY F 157 12.38 1.09 -18.01
CA GLY F 157 11.12 1.54 -17.46
C GLY F 157 10.46 0.47 -16.59
N LYS F 158 9.99 0.89 -15.42
CA LYS F 158 9.26 0.01 -14.52
C LYS F 158 7.77 0.05 -14.79
N LYS F 159 7.21 1.25 -14.88
CA LYS F 159 5.83 1.44 -15.29
C LYS F 159 5.63 2.90 -15.68
N SER F 160 5.16 3.12 -16.89
CA SER F 160 5.04 4.46 -17.47
C SER F 160 3.62 4.66 -17.97
N VAL F 161 3.23 5.93 -18.07
CA VAL F 161 1.86 6.32 -18.37
C VAL F 161 1.86 7.27 -19.55
N ALA F 162 1.06 6.97 -20.55
CA ALA F 162 0.76 7.91 -21.62
C ALA F 162 -0.52 8.64 -21.26
N HIS F 163 -0.40 9.94 -20.99
CA HIS F 163 -1.52 10.70 -20.45
C HIS F 163 -2.65 10.80 -21.47
N ASN F 164 -3.88 10.81 -20.95
CA ASN F 164 -5.08 10.64 -21.78
C ASN F 164 -6.21 11.54 -21.28
N MET F 165 -5.91 12.77 -20.87
CA MET F 165 -6.91 13.65 -20.27
C MET F 165 -7.62 14.50 -21.33
N THR F 166 -8.91 14.18 -21.52
CA THR F 166 -9.86 14.74 -22.48
C THR F 166 -9.61 14.27 -23.91
N MET F 167 -8.43 13.73 -24.17
CA MET F 167 -8.01 13.13 -25.43
C MET F 167 -6.71 12.40 -25.16
N PRO F 168 -6.30 11.47 -26.02
CA PRO F 168 -4.92 11.00 -25.95
C PRO F 168 -3.97 12.16 -26.20
N ASN F 169 -3.02 12.36 -25.28
CA ASN F 169 -2.08 13.47 -25.38
C ASN F 169 -1.04 13.12 -26.43
N LYS F 170 -1.46 13.23 -27.69
CA LYS F 170 -0.61 12.96 -28.84
C LYS F 170 -0.91 13.99 -29.92
N LEU F 171 0.09 14.27 -30.75
CA LEU F 171 -0.12 15.08 -31.95
C LEU F 171 0.60 14.43 -33.12
N LEU F 172 -0.07 14.45 -34.27
CA LEU F 172 0.47 13.95 -35.53
C LEU F 172 0.41 15.08 -36.56
N ARG F 173 1.52 15.30 -37.25
CA ARG F 173 1.62 16.32 -38.29
C ARG F 173 2.24 15.68 -39.52
N ILE F 174 1.59 15.84 -40.67
CA ILE F 174 2.04 15.25 -41.93
C ILE F 174 2.42 16.41 -42.84
N THR F 175 3.65 16.38 -43.33
CA THR F 175 4.11 17.36 -44.32
C THR F 175 3.83 16.83 -45.72
N GLU F 176 3.83 17.75 -46.69
CA GLU F 176 3.48 17.37 -48.06
C GLU F 176 4.45 16.34 -48.64
N ASP F 177 5.70 16.36 -48.20
CA ASP F 177 6.71 15.42 -48.68
C ASP F 177 6.71 14.10 -47.91
N GLY F 178 5.65 13.81 -47.16
CA GLY F 178 5.55 12.55 -46.45
C GLY F 178 6.24 12.51 -45.10
N THR F 179 6.82 13.62 -44.65
CA THR F 179 7.49 13.64 -43.35
C THR F 179 6.45 13.71 -42.25
N LEU F 180 6.49 12.73 -41.34
CA LEU F 180 5.59 12.62 -40.22
C LEU F 180 6.31 13.03 -38.94
N LEU F 181 5.63 13.85 -38.13
CA LEU F 181 6.07 14.19 -36.78
C LEU F 181 5.00 13.69 -35.82
N TYR F 182 5.41 12.84 -34.88
CA TYR F 182 4.53 12.25 -33.88
C TYR F 182 5.09 12.55 -32.50
N THR F 183 4.31 13.26 -31.68
CA THR F 183 4.74 13.63 -30.33
C THR F 183 3.72 13.14 -29.32
N MET F 184 4.20 12.77 -28.14
CA MET F 184 3.31 12.30 -27.08
C MET F 184 3.91 12.63 -25.71
N ARG F 185 3.02 12.92 -24.76
CA ARG F 185 3.42 13.24 -23.39
C ARG F 185 3.45 11.97 -22.56
N LEU F 186 4.56 11.74 -21.87
CA LEU F 186 4.78 10.51 -21.10
C LEU F 186 5.27 10.85 -19.71
N THR F 187 4.95 9.96 -18.77
CA THR F 187 5.52 9.97 -17.43
C THR F 187 6.17 8.61 -17.21
N VAL F 188 7.50 8.58 -17.28
CA VAL F 188 8.27 7.33 -17.24
C VAL F 188 8.84 7.18 -15.84
N ARG F 189 8.54 6.04 -15.21
CA ARG F 189 9.08 5.70 -13.90
C ARG F 189 10.28 4.76 -14.08
N ALA F 190 11.35 5.31 -14.62
CA ALA F 190 12.53 4.53 -14.92
C ALA F 190 13.27 4.12 -13.66
N GLU F 191 13.99 3.01 -13.74
CA GLU F 191 14.75 2.47 -12.62
C GLU F 191 16.19 2.95 -12.70
N CYS F 192 16.72 3.39 -11.57
CA CYS F 192 18.07 3.94 -11.45
C CYS F 192 18.90 3.05 -10.52
N PRO F 193 19.80 2.20 -11.03
CA PRO F 193 20.63 1.42 -10.10
C PRO F 193 21.58 2.32 -9.33
N MET F 194 21.59 2.16 -8.00
CA MET F 194 22.27 3.07 -7.09
C MET F 194 23.27 2.30 -6.24
N HIS F 195 24.47 2.87 -6.10
CA HIS F 195 25.49 2.38 -5.19
C HIS F 195 25.61 3.39 -4.05
N LEU F 196 25.06 3.03 -2.88
CA LEU F 196 24.94 3.94 -1.75
C LEU F 196 26.07 3.75 -0.74
N GLU F 197 27.28 3.44 -1.20
CA GLU F 197 28.41 3.33 -0.29
C GLU F 197 28.70 4.66 0.39
N ASP F 198 28.62 5.75 -0.37
CA ASP F 198 28.93 7.10 0.14
C ASP F 198 27.69 7.83 0.63
N PHE F 199 26.64 7.11 1.03
CA PHE F 199 25.45 7.77 1.54
C PHE F 199 25.78 8.51 2.83
N PRO F 200 25.31 9.75 3.02
CA PRO F 200 24.50 10.65 2.17
C PRO F 200 25.32 11.51 1.22
N MET F 201 26.62 11.24 1.08
CA MET F 201 27.49 11.99 0.18
C MET F 201 27.51 11.42 -1.23
N ASP F 202 26.62 10.49 -1.54
CA ASP F 202 26.66 9.79 -2.82
C ASP F 202 26.21 10.69 -3.97
N ALA F 203 26.68 10.35 -5.17
CA ALA F 203 26.24 10.96 -6.41
C ALA F 203 25.96 9.85 -7.41
N HIS F 204 25.00 10.08 -8.31
CA HIS F 204 24.49 9.06 -9.21
C HIS F 204 24.43 9.60 -10.64
N ALA F 205 24.35 8.66 -11.58
CA ALA F 205 24.13 8.95 -13.00
C ALA F 205 22.99 8.05 -13.45
N CYS F 206 21.76 8.52 -13.27
CA CYS F 206 20.60 7.69 -13.55
C CYS F 206 20.34 7.62 -15.05
N PRO F 207 20.19 6.43 -15.63
CA PRO F 207 20.07 6.34 -17.10
C PRO F 207 18.63 6.39 -17.58
N LEU F 208 18.49 6.64 -18.88
CA LEU F 208 17.22 6.56 -19.59
C LEU F 208 17.54 6.07 -20.99
N LYS F 209 17.19 4.82 -21.27
CA LYS F 209 17.49 4.17 -22.54
C LYS F 209 16.19 3.87 -23.26
N PHE F 210 16.18 4.11 -24.58
CA PHE F 210 15.02 3.76 -25.37
C PHE F 210 15.43 3.29 -26.76
N GLY F 211 14.56 2.50 -27.36
CA GLY F 211 14.81 1.95 -28.69
C GLY F 211 13.59 1.16 -29.13
N SER F 212 13.68 0.63 -30.34
CA SER F 212 12.58 -0.14 -30.90
C SER F 212 12.51 -1.51 -30.25
N TYR F 213 11.31 -2.08 -30.26
CA TYR F 213 11.10 -3.40 -29.66
C TYR F 213 11.29 -4.52 -30.68
N ALA F 214 10.55 -4.47 -31.78
CA ALA F 214 10.56 -5.54 -32.77
C ALA F 214 11.58 -5.34 -33.87
N TYR F 215 11.84 -4.10 -34.28
CA TYR F 215 12.68 -3.82 -35.43
C TYR F 215 14.13 -3.73 -35.01
N THR F 216 14.98 -4.52 -35.67
CA THR F 216 16.40 -4.59 -35.33
C THR F 216 17.14 -3.41 -35.97
N ARG F 217 18.47 -3.45 -35.91
CA ARG F 217 19.25 -2.36 -36.49
C ARG F 217 19.07 -2.28 -37.99
N ALA F 218 18.95 -3.43 -38.66
CA ALA F 218 18.79 -3.45 -40.11
C ALA F 218 17.44 -2.95 -40.58
N GLU F 219 16.49 -2.75 -39.67
CA GLU F 219 15.13 -2.32 -40.01
C GLU F 219 14.85 -0.88 -39.58
N VAL F 220 15.07 -0.55 -38.31
CA VAL F 220 14.83 0.78 -37.77
C VAL F 220 16.08 1.23 -37.04
N VAL F 221 16.52 2.46 -37.31
CA VAL F 221 17.66 3.08 -36.64
C VAL F 221 17.22 4.43 -36.14
N TYR F 222 17.49 4.71 -34.86
CA TYR F 222 17.15 5.99 -34.25
C TYR F 222 18.30 6.97 -34.36
N GLU F 223 17.97 8.25 -34.39
CA GLU F 223 18.95 9.32 -34.44
C GLU F 223 18.43 10.49 -33.63
N TRP F 224 19.34 11.39 -33.27
CA TRP F 224 18.98 12.61 -32.57
C TRP F 224 18.61 13.68 -33.58
N THR F 225 17.61 14.50 -33.23
CA THR F 225 16.95 15.36 -34.21
C THR F 225 17.91 16.40 -34.77
N ARG F 226 18.57 17.15 -33.91
CA ARG F 226 19.40 18.29 -34.30
C ARG F 226 20.85 18.12 -33.91
N GLU F 227 21.11 17.71 -32.69
CA GLU F 227 22.46 17.51 -32.18
C GLU F 227 22.31 16.69 -30.90
N PRO F 228 23.30 15.87 -30.52
CA PRO F 228 23.09 15.06 -29.30
C PRO F 228 22.87 15.88 -28.05
N ALA F 229 23.77 16.81 -27.74
CA ALA F 229 23.64 17.56 -26.49
C ALA F 229 22.38 18.40 -26.45
N ARG F 230 21.95 18.92 -27.60
CA ARG F 230 20.79 19.79 -27.68
C ARG F 230 19.49 19.07 -28.01
N SER F 231 19.52 17.73 -28.11
CA SER F 231 18.32 16.96 -28.42
C SER F 231 17.60 16.47 -27.18
N VAL F 232 18.08 16.76 -25.98
CA VAL F 232 17.37 16.50 -24.73
C VAL F 232 17.38 17.80 -23.96
N VAL F 233 16.24 18.49 -23.94
CA VAL F 233 16.14 19.84 -23.39
C VAL F 233 15.31 19.77 -22.12
N VAL F 234 15.89 20.23 -21.01
CA VAL F 234 15.23 20.21 -19.71
C VAL F 234 14.64 21.58 -19.44
N ALA F 235 13.35 21.63 -19.11
CA ALA F 235 12.70 22.89 -18.80
C ALA F 235 13.30 23.50 -17.54
N GLU F 236 13.47 24.83 -17.56
CA GLU F 236 14.10 25.51 -16.43
C GLU F 236 13.22 25.45 -15.19
N ASP F 237 11.93 25.75 -15.33
CA ASP F 237 11.06 25.84 -14.17
C ASP F 237 10.85 24.47 -13.52
N GLY F 238 10.72 23.42 -14.33
CA GLY F 238 10.41 22.11 -13.79
C GLY F 238 11.63 21.36 -13.28
N SER F 239 11.76 21.31 -11.94
CA SER F 239 12.84 20.59 -11.29
C SER F 239 12.33 19.39 -10.49
N ARG F 240 11.39 19.61 -9.56
CA ARG F 240 10.71 18.56 -8.81
C ARG F 240 11.68 17.67 -8.01
N LEU F 241 12.91 18.13 -7.78
CA LEU F 241 13.91 17.39 -7.03
C LEU F 241 14.07 18.04 -5.66
N ASN F 242 13.83 17.27 -4.60
CA ASN F 242 13.94 17.78 -3.25
C ASN F 242 15.38 17.74 -2.75
N GLN F 243 15.96 16.55 -2.69
CA GLN F 243 17.26 16.31 -2.09
C GLN F 243 18.32 15.98 -3.13
N TYR F 244 18.25 16.62 -4.30
CA TYR F 244 19.18 16.34 -5.38
C TYR F 244 19.40 17.60 -6.21
N ASP F 245 20.60 17.70 -6.77
CA ASP F 245 20.96 18.72 -7.74
C ASP F 245 21.28 18.04 -9.06
N LEU F 246 20.64 18.49 -10.13
CA LEU F 246 20.83 17.93 -11.46
C LEU F 246 22.01 18.62 -12.12
N LEU F 247 23.13 17.93 -12.24
CA LEU F 247 24.35 18.48 -12.81
C LEU F 247 24.44 18.20 -14.31
N GLY F 248 23.40 18.56 -15.04
CA GLY F 248 23.39 18.35 -16.47
C GLY F 248 23.13 16.89 -16.83
N GLN F 249 23.26 16.60 -18.12
CA GLN F 249 23.04 15.27 -18.65
C GLN F 249 24.02 14.98 -19.77
N THR F 250 24.22 13.70 -20.04
CA THR F 250 25.09 13.22 -21.11
C THR F 250 24.32 12.24 -21.97
N VAL F 251 24.27 12.49 -23.27
CA VAL F 251 23.52 11.67 -24.20
C VAL F 251 24.48 10.89 -25.08
N ASP F 252 23.99 9.78 -25.63
CA ASP F 252 24.78 8.98 -26.55
C ASP F 252 23.87 7.98 -27.23
N SER F 253 24.44 7.25 -28.19
CA SER F 253 23.73 6.21 -28.92
C SER F 253 24.64 4.99 -29.02
N GLY F 254 24.03 3.83 -29.18
CA GLY F 254 24.80 2.61 -29.26
C GLY F 254 23.95 1.47 -29.76
N ILE F 255 24.51 0.26 -29.66
CA ILE F 255 23.86 -0.95 -30.14
C ILE F 255 23.83 -1.96 -29.00
N VAL F 256 22.67 -2.60 -28.82
CA VAL F 256 22.49 -3.65 -27.83
C VAL F 256 22.17 -4.93 -28.58
N GLN F 257 22.96 -5.97 -28.33
CA GLN F 257 22.80 -7.26 -29.00
C GLN F 257 22.05 -8.19 -28.06
N SER F 258 20.75 -8.35 -28.30
CA SER F 258 19.91 -9.25 -27.54
C SER F 258 19.86 -10.61 -28.24
N SER F 259 19.03 -11.52 -27.73
CA SER F 259 18.88 -12.82 -28.38
C SER F 259 18.24 -12.68 -29.74
N THR F 260 17.25 -11.80 -29.87
CA THR F 260 16.55 -11.65 -31.15
C THR F 260 17.43 -10.99 -32.20
N GLY F 261 18.21 -9.99 -31.82
CA GLY F 261 19.07 -9.32 -32.77
C GLY F 261 19.66 -8.07 -32.17
N GLU F 262 20.31 -7.28 -33.04
CA GLU F 262 20.95 -6.04 -32.64
C GLU F 262 19.98 -4.88 -32.81
N TYR F 263 19.85 -4.06 -31.76
CA TYR F 263 18.91 -2.96 -31.72
C TYR F 263 19.66 -1.67 -31.40
N VAL F 264 19.25 -0.58 -32.06
CA VAL F 264 19.79 0.73 -31.74
C VAL F 264 19.18 1.21 -30.43
N VAL F 265 20.03 1.68 -29.51
CA VAL F 265 19.60 2.14 -28.19
C VAL F 265 20.13 3.54 -28.00
N MET F 266 19.24 4.49 -27.73
CA MET F 266 19.59 5.86 -27.43
C MET F 266 19.54 6.05 -25.92
N THR F 267 20.64 6.53 -25.34
CA THR F 267 20.83 6.60 -23.90
C THR F 267 21.04 8.03 -23.46
N THR F 268 20.53 8.35 -22.27
CA THR F 268 20.69 9.67 -21.67
C THR F 268 20.88 9.48 -20.17
N HIS F 269 22.04 9.87 -19.65
CA HIS F 269 22.36 9.79 -18.23
C HIS F 269 22.20 11.16 -17.59
N PHE F 270 21.38 11.22 -16.54
CA PHE F 270 21.19 12.43 -15.76
C PHE F 270 22.05 12.34 -14.51
N HIS F 271 22.93 13.33 -14.31
CA HIS F 271 23.86 13.33 -13.19
C HIS F 271 23.23 14.05 -12.02
N LEU F 272 23.04 13.33 -10.92
CA LEU F 272 22.41 13.84 -9.71
C LEU F 272 23.40 13.81 -8.57
N LYS F 273 23.36 14.83 -7.71
CA LYS F 273 24.20 14.91 -6.52
C LYS F 273 23.32 15.20 -5.32
N ARG F 274 23.44 14.38 -4.28
CA ARG F 274 22.58 14.50 -3.12
C ARG F 274 22.97 15.70 -2.26
N LYS F 275 21.96 16.34 -1.68
CA LYS F 275 22.18 17.42 -0.71
C LYS F 275 22.44 16.82 0.67
N ILE F 276 23.34 17.46 1.41
CA ILE F 276 23.82 16.91 2.68
C ILE F 276 23.29 17.67 3.89
N GLY F 277 22.76 18.89 3.73
CA GLY F 277 22.44 19.72 4.87
C GLY F 277 21.40 19.11 5.79
N TYR F 278 20.44 18.39 5.22
CA TYR F 278 19.39 17.75 6.01
C TYR F 278 20.00 16.75 7.00
N PHE F 279 20.88 15.89 6.50
CA PHE F 279 21.52 14.90 7.37
C PHE F 279 22.50 15.56 8.32
N VAL F 280 23.14 16.66 7.89
CA VAL F 280 24.05 17.38 8.78
C VAL F 280 23.29 17.90 10.00
N ILE F 281 22.16 18.56 9.76
CA ILE F 281 21.43 19.13 10.89
C ILE F 281 20.74 18.04 11.70
N GLN F 282 20.28 16.96 11.06
CA GLN F 282 19.33 16.09 11.72
C GLN F 282 19.96 14.86 12.37
N THR F 283 20.94 14.21 11.75
CA THR F 283 21.60 13.04 12.32
C THR F 283 22.96 13.35 12.91
N TYR F 284 23.85 13.95 12.12
CA TYR F 284 25.24 14.05 12.51
C TYR F 284 25.41 15.00 13.70
N LEU F 285 24.70 16.14 13.69
CA LEU F 285 24.87 17.09 14.78
C LEU F 285 24.34 16.53 16.10
N PRO F 286 23.12 15.98 16.19
CA PRO F 286 22.70 15.40 17.48
C PRO F 286 23.61 14.28 17.96
N CYS F 287 24.12 13.43 17.07
CA CYS F 287 25.05 12.41 17.48
C CYS F 287 26.33 13.02 18.04
N ILE F 288 26.83 14.07 17.38
CA ILE F 288 28.07 14.71 17.83
C ILE F 288 27.88 15.31 19.21
N MET F 289 26.77 16.04 19.41
CA MET F 289 26.56 16.63 20.73
C MET F 289 26.21 15.58 21.78
N THR F 290 25.63 14.45 21.37
CA THR F 290 25.40 13.37 22.34
C THR F 290 26.72 12.77 22.82
N VAL F 291 27.65 12.51 21.90
CA VAL F 291 28.93 11.98 22.33
C VAL F 291 29.69 13.02 23.14
N ILE F 292 29.58 14.30 22.77
CA ILE F 292 30.21 15.35 23.57
C ILE F 292 29.61 15.38 24.97
N LEU F 293 28.30 15.15 25.07
CA LEU F 293 27.67 15.04 26.37
C LEU F 293 28.26 13.87 27.16
N SER F 294 28.46 12.74 26.49
CA SER F 294 29.13 11.61 27.14
C SER F 294 30.51 12.00 27.64
N GLN F 295 31.24 12.79 26.84
CA GLN F 295 32.57 13.23 27.24
C GLN F 295 32.51 14.11 28.49
N VAL F 296 31.45 14.91 28.60
CA VAL F 296 31.30 15.80 29.75
C VAL F 296 31.21 15.02 31.06
N SER F 297 30.82 13.74 31.01
CA SER F 297 30.70 12.94 32.22
C SER F 297 32.01 12.82 32.97
N PHE F 298 33.15 12.85 32.27
CA PHE F 298 34.43 12.65 32.94
C PHE F 298 34.76 13.81 33.88
N TRP F 299 34.22 14.99 33.64
CA TRP F 299 34.54 16.16 34.43
C TRP F 299 33.78 16.22 35.75
N LEU F 300 32.75 15.40 35.92
CA LEU F 300 32.06 15.34 37.21
C LEU F 300 32.94 14.66 38.25
N ASN F 301 32.68 14.97 39.51
CA ASN F 301 33.46 14.37 40.60
C ASN F 301 33.19 12.88 40.68
N ARG F 302 34.22 12.14 41.08
CA ARG F 302 34.13 10.68 41.08
C ARG F 302 33.19 10.18 42.17
N GLU F 303 33.08 10.90 43.28
CA GLU F 303 32.29 10.43 44.42
C GLU F 303 30.80 10.36 44.09
N SER F 304 30.32 11.13 43.11
CA SER F 304 28.91 11.12 42.73
C SER F 304 28.66 9.96 41.75
N VAL F 305 28.76 8.74 42.29
CA VAL F 305 28.54 7.55 41.46
C VAL F 305 27.12 7.50 40.87
N PRO F 306 26.04 7.81 41.60
CA PRO F 306 24.72 7.67 40.95
C PRO F 306 24.52 8.67 39.84
N ALA F 307 25.04 9.89 40.00
CA ALA F 307 24.91 10.90 38.96
C ALA F 307 25.59 10.44 37.68
N ARG F 308 26.85 10.01 37.78
CA ARG F 308 27.58 9.59 36.59
C ARG F 308 26.99 8.32 35.99
N THR F 309 26.49 7.41 36.83
CA THR F 309 25.87 6.19 36.31
C THR F 309 24.62 6.50 35.51
N VAL F 310 23.73 7.32 36.09
CA VAL F 310 22.53 7.74 35.38
C VAL F 310 22.90 8.46 34.10
N PHE F 311 23.89 9.34 34.18
CA PHE F 311 24.34 10.10 33.03
C PHE F 311 24.76 9.17 31.89
N GLY F 312 25.66 8.21 32.19
CA GLY F 312 26.16 7.33 31.15
C GLY F 312 25.09 6.44 30.57
N VAL F 313 24.28 5.81 31.42
CA VAL F 313 23.32 4.84 30.90
C VAL F 313 22.21 5.53 30.12
N THR F 314 21.71 6.67 30.62
CA THR F 314 20.69 7.40 29.90
C THR F 314 21.25 8.09 28.65
N THR F 315 22.54 8.41 28.63
CA THR F 315 23.15 8.88 27.39
C THR F 315 23.23 7.76 26.37
N VAL F 316 23.50 6.53 26.82
CA VAL F 316 23.44 5.38 25.93
C VAL F 316 22.04 5.23 25.35
N LEU F 317 21.02 5.44 26.19
CA LEU F 317 19.65 5.39 25.71
C LEU F 317 19.38 6.46 24.67
N THR F 318 19.87 7.69 24.90
CA THR F 318 19.67 8.77 23.94
C THR F 318 20.35 8.46 22.61
N MET F 319 21.58 7.95 22.66
CA MET F 319 22.28 7.57 21.44
C MET F 319 21.54 6.45 20.73
N THR F 320 20.96 5.52 21.48
CA THR F 320 20.19 4.44 20.86
C THR F 320 18.98 5.01 20.12
N THR F 321 18.29 5.98 20.72
CA THR F 321 17.13 6.57 20.05
C THR F 321 17.54 7.28 18.77
N LEU F 322 18.60 8.09 18.84
CA LEU F 322 19.04 8.82 17.65
C LEU F 322 19.49 7.87 16.55
N SER F 323 20.24 6.83 16.92
CA SER F 323 20.69 5.87 15.94
C SER F 323 19.51 5.13 15.32
N ILE F 324 18.51 4.80 16.13
CA ILE F 324 17.34 4.10 15.60
C ILE F 324 16.62 4.96 14.58
N SER F 325 16.46 6.25 14.87
CA SER F 325 15.85 7.14 13.87
C SER F 325 16.69 7.19 12.59
N ALA F 326 18.01 7.24 12.75
CA ALA F 326 18.89 7.27 11.57
C ALA F 326 18.72 6.03 10.71
N ARG F 327 18.68 4.85 11.34
CA ARG F 327 18.42 3.62 10.57
C ARG F 327 17.03 3.68 9.92
N ASN F 328 16.05 4.25 10.62
CA ASN F 328 14.71 4.31 10.06
C ASN F 328 14.68 5.12 8.78
N SER F 329 15.47 6.19 8.70
CA SER F 329 15.45 7.02 7.51
C SER F 329 16.11 6.33 6.31
N LEU F 330 17.31 5.79 6.50
CA LEU F 330 18.13 5.37 5.37
C LEU F 330 17.50 4.17 4.67
N PRO F 331 17.75 4.00 3.37
CA PRO F 331 17.12 2.88 2.65
C PRO F 331 17.70 1.54 3.09
N LYS F 332 16.92 0.49 2.84
CA LYS F 332 17.30 -0.86 3.27
C LYS F 332 18.25 -1.45 2.23
N VAL F 333 19.55 -1.40 2.55
CA VAL F 333 20.59 -1.96 1.69
C VAL F 333 21.54 -2.76 2.58
N ALA F 334 22.01 -3.90 2.06
CA ALA F 334 22.75 -4.87 2.87
C ALA F 334 24.25 -4.63 2.77
N TYR F 335 24.68 -3.44 3.15
CA TYR F 335 26.08 -3.16 3.42
C TYR F 335 26.18 -1.83 4.15
N ALA F 336 27.38 -1.52 4.63
CA ALA F 336 27.58 -0.39 5.51
C ALA F 336 27.78 0.89 4.70
N THR F 337 27.03 1.93 5.05
CA THR F 337 27.16 3.26 4.47
C THR F 337 28.04 4.13 5.35
N ALA F 338 28.35 5.33 4.85
CA ALA F 338 29.14 6.27 5.64
C ALA F 338 28.39 6.68 6.89
N MET F 339 27.08 6.90 6.78
CA MET F 339 26.27 7.23 7.94
C MET F 339 26.28 6.09 8.95
N ASP F 340 26.26 4.85 8.46
CA ASP F 340 26.32 3.70 9.36
C ASP F 340 27.65 3.67 10.12
N TRP F 341 28.76 3.94 9.43
CA TRP F 341 30.05 3.95 10.11
C TRP F 341 30.11 5.07 11.15
N PHE F 342 29.60 6.25 10.81
CA PHE F 342 29.58 7.35 11.77
C PHE F 342 28.77 6.98 13.00
N ILE F 343 27.58 6.40 12.79
CA ILE F 343 26.72 6.04 13.91
C ILE F 343 27.38 4.96 14.76
N ALA F 344 28.02 3.98 14.12
CA ALA F 344 28.67 2.92 14.88
C ALA F 344 29.82 3.47 15.72
N VAL F 345 30.61 4.39 15.15
CA VAL F 345 31.72 4.95 15.91
C VAL F 345 31.20 5.78 17.08
N CYS F 346 30.15 6.58 16.86
CA CYS F 346 29.58 7.37 17.95
C CYS F 346 29.02 6.48 19.05
N TYR F 347 28.34 5.40 18.67
CA TYR F 347 27.79 4.48 19.66
C TYR F 347 28.90 3.79 20.45
N ALA F 348 29.99 3.43 19.75
CA ALA F 348 31.13 2.85 20.43
C ALA F 348 31.75 3.82 21.43
N PHE F 349 31.86 5.10 21.05
CA PHE F 349 32.38 6.11 21.98
C PHE F 349 31.48 6.23 23.20
N VAL F 350 30.16 6.25 22.98
CA VAL F 350 29.23 6.39 24.10
C VAL F 350 29.34 5.20 25.05
N PHE F 351 29.45 3.99 24.50
CA PHE F 351 29.62 2.81 25.33
C PHE F 351 30.95 2.83 26.08
N SER F 352 32.02 3.26 25.39
CA SER F 352 33.34 3.27 25.99
C SER F 352 33.42 4.25 27.15
N ALA F 353 32.71 5.37 27.06
CA ALA F 353 32.70 6.32 28.17
C ALA F 353 32.13 5.70 29.43
N LEU F 354 31.04 4.94 29.31
CA LEU F 354 30.45 4.30 30.47
C LEU F 354 31.35 3.19 31.01
N ILE F 355 32.02 2.45 30.11
CA ILE F 355 32.97 1.44 30.58
C ILE F 355 34.11 2.10 31.36
N GLU F 356 34.60 3.24 30.86
CA GLU F 356 35.66 3.95 31.57
C GLU F 356 35.20 4.41 32.94
N PHE F 357 33.96 4.92 33.02
CA PHE F 357 33.44 5.30 34.33
C PHE F 357 33.34 4.09 35.25
N ALA F 358 32.96 2.93 34.71
CA ALA F 358 32.88 1.72 35.53
C ALA F 358 34.25 1.37 36.10
N THR F 359 35.29 1.43 35.27
CA THR F 359 36.64 1.13 35.77
C THR F 359 37.07 2.15 36.83
N VAL F 360 36.77 3.43 36.61
CA VAL F 360 37.14 4.46 37.57
C VAL F 360 36.44 4.22 38.90
N ASN F 361 35.14 3.89 38.85
CA ASN F 361 34.40 3.58 40.07
C ASN F 361 34.96 2.34 40.75
N TYR F 362 35.43 1.37 39.97
CA TYR F 362 36.06 0.20 40.57
C TYR F 362 37.31 0.58 41.35
N PHE F 363 38.13 1.47 40.79
CA PHE F 363 39.38 1.88 41.41
C PHE F 363 39.26 3.15 42.24
N THR F 364 38.04 3.65 42.49
CA THR F 364 37.90 4.91 43.21
C THR F 364 38.18 4.74 44.71
N LYS F 365 37.89 3.57 45.28
CA LYS F 365 38.07 3.36 46.71
C LYS F 365 39.43 2.78 47.05
N SER F 366 39.95 1.89 46.20
CA SER F 366 41.29 1.33 46.35
C SER F 366 42.20 1.93 45.30
N GLN F 367 43.41 2.32 45.72
CA GLN F 367 44.40 3.07 44.95
C GLN F 367 43.73 4.16 44.12
N PRO F 368 43.18 5.19 44.78
CA PRO F 368 42.48 6.25 44.02
C PRO F 368 43.40 7.05 43.11
N ALA F 369 44.72 6.99 43.30
CA ALA F 369 45.62 7.68 42.39
C ALA F 369 45.47 7.14 40.97
N ARG F 370 45.32 5.82 40.83
CA ARG F 370 45.09 5.24 39.51
C ARG F 370 43.77 5.72 38.94
N ALA F 371 42.73 5.86 39.78
CA ALA F 371 41.45 6.35 39.29
C ALA F 371 41.57 7.78 38.78
N ALA F 372 42.26 8.64 39.52
CA ALA F 372 42.46 10.02 39.07
C ALA F 372 43.27 10.07 37.78
N LYS F 373 44.30 9.23 37.68
CA LYS F 373 45.10 9.17 36.46
C LYS F 373 44.25 8.73 35.27
N ILE F 374 43.41 7.72 35.48
CA ILE F 374 42.54 7.24 34.40
C ILE F 374 41.58 8.33 33.97
N ASP F 375 41.00 9.05 34.94
CA ASP F 375 40.06 10.11 34.59
C ASP F 375 40.75 11.21 33.80
N ARG F 376 41.94 11.64 34.24
CA ARG F 376 42.66 12.68 33.52
C ARG F 376 43.02 12.23 32.11
N LEU F 377 43.54 11.00 31.97
CA LEU F 377 43.90 10.49 30.66
C LEU F 377 42.68 10.39 29.76
N SER F 378 41.54 9.97 30.31
CA SER F 378 40.32 9.90 29.52
C SER F 378 39.91 11.29 29.04
N ARG F 379 39.96 12.28 29.93
CA ARG F 379 39.62 13.65 29.53
C ARG F 379 40.51 14.14 28.40
N ILE F 380 41.82 13.86 28.49
CA ILE F 380 42.72 14.34 27.45
C ILE F 380 42.56 13.55 26.16
N ALA F 381 42.27 12.26 26.25
CA ALA F 381 42.38 11.36 25.10
C ALA F 381 41.08 11.22 24.31
N PHE F 382 39.97 10.95 24.99
CA PHE F 382 38.73 10.64 24.29
C PHE F 382 38.26 11.75 23.35
N PRO F 383 38.18 13.02 23.77
CA PRO F 383 37.83 14.08 22.80
C PRO F 383 38.80 14.18 21.65
N LEU F 384 40.10 13.97 21.91
CA LEU F 384 41.08 13.99 20.84
C LEU F 384 40.80 12.88 19.84
N LEU F 385 40.48 11.69 20.34
CA LEU F 385 40.18 10.57 19.44
C LEU F 385 38.95 10.86 18.60
N PHE F 386 37.90 11.41 19.22
CA PHE F 386 36.71 11.73 18.44
C PHE F 386 36.98 12.81 17.40
N GLY F 387 37.76 13.82 17.76
CA GLY F 387 38.10 14.85 16.79
C GLY F 387 38.91 14.30 15.63
N ILE F 388 39.87 13.42 15.91
CA ILE F 388 40.66 12.80 14.85
C ILE F 388 39.76 11.98 13.94
N PHE F 389 38.83 11.21 14.53
CA PHE F 389 37.90 10.43 13.73
C PHE F 389 37.05 11.33 12.84
N ASN F 390 36.56 12.44 13.40
CA ASN F 390 35.72 13.35 12.62
C ASN F 390 36.50 13.96 11.45
N LEU F 391 37.73 14.41 11.72
CA LEU F 391 38.54 14.99 10.64
C LEU F 391 38.83 13.97 9.56
N VAL F 392 39.17 12.74 9.94
CA VAL F 392 39.46 11.70 8.95
C VAL F 392 38.20 11.41 8.13
N TYR F 393 37.06 11.28 8.80
CA TYR F 393 35.80 10.96 8.12
C TYR F 393 35.44 12.04 7.12
N TRP F 394 35.49 13.31 7.54
CA TRP F 394 35.07 14.38 6.65
C TRP F 394 36.07 14.58 5.51
N ALA F 395 37.37 14.53 5.79
CA ALA F 395 38.36 14.65 4.73
C ALA F 395 38.24 13.49 3.74
N THR F 396 37.82 12.32 4.21
CA THR F 396 37.63 11.19 3.30
C THR F 396 36.41 11.42 2.40
N TYR F 397 35.29 11.83 2.99
CA TYR F 397 34.02 11.79 2.27
C TYR F 397 33.64 13.09 1.57
N LEU F 398 34.37 14.19 1.77
CA LEU F 398 34.04 15.47 1.14
C LEU F 398 35.05 15.94 0.11
N ASN F 399 36.24 15.34 0.05
CA ASN F 399 37.25 15.74 -0.93
C ASN F 399 37.12 14.96 -2.25
N ARG F 400 36.12 14.11 -2.39
CA ARG F 400 35.94 13.34 -3.61
C ARG F 400 35.47 14.24 -4.75
C1 NAG G . -15.23 -34.55 -22.84
C2 NAG G . -15.99 -34.71 -21.51
C3 NAG G . -15.64 -36.05 -20.86
C4 NAG G . -15.87 -37.19 -21.84
C5 NAG G . -15.09 -36.93 -23.13
C6 NAG G . -15.35 -37.97 -24.20
C7 NAG G . -16.46 -33.25 -19.59
C8 NAG G . -15.99 -32.10 -18.77
N2 NAG G . -15.68 -33.61 -20.61
O3 NAG G . -16.46 -36.24 -19.71
O4 NAG G . -15.42 -38.42 -21.27
O5 NAG G . -15.51 -35.67 -23.69
O6 NAG G . -14.75 -37.61 -25.43
O7 NAG G . -17.51 -33.85 -19.34
C1 NAG G . -15.72 -39.14 -20.04
C2 NAG G . -16.92 -39.45 -19.15
C3 NAG G . -16.49 -39.52 -17.70
C4 NAG G . -15.33 -40.51 -17.54
C5 NAG G . -14.21 -40.16 -18.50
C6 NAG G . -13.08 -41.18 -18.49
C7 NAG G . -19.25 -38.69 -19.04
C8 NAG G . -20.19 -37.55 -19.27
N2 NAG G . -17.97 -38.46 -19.32
O3 NAG G . -17.58 -39.93 -16.89
O4 NAG G . -14.84 -40.47 -16.20
O5 NAG G . -14.70 -40.12 -19.84
O6 NAG G . -13.20 -42.07 -17.40
O7 NAG G . -19.63 -39.77 -18.60
C1 NAG H . -19.79 -18.89 8.95
C2 NAG H . -20.00 -20.39 9.13
C3 NAG H . -21.17 -20.87 8.25
C4 NAG H . -22.41 -20.02 8.50
C5 NAG H . -22.08 -18.54 8.37
C6 NAG H . -23.24 -17.64 8.73
C7 NAG H . -18.47 -22.29 9.36
C8 NAG H . -17.18 -22.90 8.90
N2 NAG H . -18.79 -21.12 8.80
O3 NAG H . -21.44 -22.23 8.53
O4 NAG H . -23.41 -20.36 7.56
O5 NAG H . -21.00 -18.20 9.25
O6 NAG H . -23.37 -17.53 10.14
O7 NAG H . -19.19 -22.84 10.18
C1 NAG H . -24.73 -20.72 7.96
C2 NAG H . -25.83 -20.60 6.91
C3 NAG H . -26.98 -21.55 7.27
C4 NAG H . -26.46 -22.97 7.45
C5 NAG H . -25.31 -22.98 8.45
C6 NAG H . -24.65 -24.34 8.58
C7 NAG H . -25.73 -18.31 6.07
C8 NAG H . -26.36 -16.94 6.08
N2 NAG H . -26.31 -19.23 6.82
O3 NAG H . -27.95 -21.52 6.22
O4 NAG H . -27.50 -23.82 7.93
O5 NAG H . -24.29 -22.07 8.03
O6 NAG H . -24.15 -24.79 7.35
O7 NAG H . -24.73 -18.55 5.39
C1 BMA H . -28.03 -24.49 6.79
C2 BMA H . -28.90 -25.38 7.68
C3 BMA H . -29.57 -26.46 6.84
C4 BMA H . -30.26 -25.86 5.60
C5 BMA H . -29.25 -25.01 4.82
C6 BMA H . -29.86 -24.33 3.61
O2 BMA H . -29.94 -24.63 8.27
O3 BMA H . -30.52 -27.21 7.59
O4 BMA H . -30.76 -26.89 4.78
O5 BMA H . -28.75 -23.99 5.69
O6 BMA H . -30.70 -23.29 4.07
C1 MAN H . -31.78 -22.67 3.34
C2 MAN H . -32.40 -21.63 4.29
C3 MAN H . -33.48 -22.28 5.17
C4 MAN H . -34.46 -23.07 4.30
C5 MAN H . -33.70 -24.12 3.48
C6 MAN H . -34.58 -24.93 2.58
O2 MAN H . -33.06 -20.59 3.57
O3 MAN H . -34.18 -21.32 5.96
O4 MAN H . -35.42 -23.72 5.12
O5 MAN H . -32.74 -23.44 2.66
O6 MAN H . -35.81 -25.18 3.26
C1 NAG I . 15.70 -14.66 -40.78
C2 NAG I . 17.20 -14.46 -41.02
C3 NAG I . 17.89 -15.82 -41.15
C4 NAG I . 17.57 -16.68 -39.94
C5 NAG I . 16.06 -16.80 -39.76
C6 NAG I . 15.68 -17.58 -38.52
C7 NAG I . 16.97 -13.95 -43.42
C8 NAG I . 17.33 -12.98 -44.51
N2 NAG I . 17.44 -13.65 -42.20
O3 NAG I . 19.29 -15.62 -41.25
O4 NAG I . 18.12 -17.99 -40.11
O5 NAG I . 15.49 -15.49 -39.62
O6 NAG I . 16.25 -17.00 -37.35
O7 NAG I . 16.30 -14.95 -43.63
C1 NAG I . 19.34 -18.15 -39.29
C2 NAG I . 20.05 -19.48 -39.02
C3 NAG I . 20.95 -19.36 -37.80
C4 NAG I . 21.91 -18.18 -37.94
C5 NAG I . 21.11 -16.92 -38.26
C6 NAG I . 22.00 -15.72 -38.53
C7 NAG I . 18.13 -20.58 -37.94
C8 NAG I . 17.25 -21.79 -37.94
N2 NAG I . 19.10 -20.57 -38.87
O3 NAG I . 21.70 -20.57 -37.64
O4 NAG I . 22.63 -17.99 -36.74
O5 NAG I . 20.31 -17.11 -39.43
O6 NAG I . 22.79 -15.92 -39.70
O7 NAG I . 17.98 -19.66 -37.15
C1 NAG J . 14.27 -24.94 -5.69
C2 NAG J . 15.24 -26.07 -6.03
C3 NAG J . 14.80 -26.82 -7.28
C4 NAG J . 13.38 -27.34 -7.08
C5 NAG J . 12.46 -26.17 -6.74
C6 NAG J . 11.05 -26.60 -6.44
C7 NAG J . 17.23 -24.72 -6.88
C8 NAG J . 16.37 -23.98 -7.86
N2 NAG J . 16.64 -25.65 -6.09
O3 NAG J . 15.69 -27.90 -7.53
O4 NAG J . 12.92 -28.00 -8.25
O5 NAG J . 12.94 -25.48 -5.57
O6 NAG J . 11.01 -27.53 -5.37
O7 NAG J . 18.43 -24.49 -6.80
C1 NAG J . 12.30 -29.26 -8.58
C2 NAG J . 11.30 -30.11 -9.36
C3 NAG J . 11.89 -31.50 -9.62
C4 NAG J . 13.23 -31.37 -10.32
C5 NAG J . 14.16 -30.46 -9.51
C6 NAG J . 15.47 -30.20 -10.20
C7 NAG J . 9.03 -29.34 -8.68
C8 NAG J . 9.23 -28.13 -9.56
N2 NAG J . 10.04 -30.23 -8.64
O3 NAG J . 10.99 -32.25 -10.42
O4 NAG J . 13.82 -32.65 -10.49
O5 NAG J . 13.54 -29.19 -9.30
O6 NAG J . 16.54 -30.06 -9.27
O7 NAG J . 8.00 -29.51 -8.04
C1 BMA J . 13.46 -33.15 -11.79
C2 BMA J . 14.46 -34.28 -12.01
C3 BMA J . 14.58 -34.58 -13.51
C4 BMA J . 13.20 -34.76 -14.15
C5 BMA J . 12.35 -33.51 -13.87
C6 BMA J . 10.96 -33.61 -14.46
O2 BMA J . 14.01 -35.48 -11.40
O3 BMA J . 15.37 -35.73 -13.76
O4 BMA J . 13.33 -34.93 -15.55
O5 BMA J . 12.23 -33.37 -12.44
O6 BMA J . 10.31 -34.75 -13.90
C1 MAN J . 16.78 -35.68 -13.47
C2 MAN J . 17.29 -36.52 -14.64
C3 MAN J . 16.92 -37.99 -14.45
C4 MAN J . 17.33 -38.47 -13.05
C5 MAN J . 16.66 -37.58 -12.00
C6 MAN J . 17.03 -37.96 -10.59
O2 MAN J . 18.72 -36.50 -14.70
O3 MAN J . 17.51 -38.81 -15.45
O4 MAN J . 16.90 -39.81 -12.86
O5 MAN J . 17.09 -36.22 -12.21
O6 MAN J . 18.41 -37.66 -10.40
C1 MAN J . 9.69 -36.05 -13.87
C2 MAN J . 8.96 -36.50 -15.12
C3 MAN J . 8.70 -38.00 -15.08
C4 MAN J . 8.09 -38.46 -13.72
C5 MAN J . 8.78 -37.81 -12.49
C6 MAN J . 10.09 -38.47 -12.10
O2 MAN J . 9.75 -36.28 -16.30
O3 MAN J . 9.89 -38.74 -15.36
O4 MAN J . 6.71 -38.15 -13.70
O5 MAN J . 9.02 -36.40 -12.69
O6 MAN J . 9.81 -39.76 -11.58
C1 NAG K . -31.02 27.12 -25.94
C2 NAG K . -31.91 27.54 -24.76
C3 NAG K . -31.97 29.06 -24.66
C4 NAG K . -30.57 29.65 -24.58
C5 NAG K . -29.74 29.16 -25.77
C6 NAG K . -28.30 29.61 -25.71
C7 NAG K . -34.05 27.18 -25.92
C8 NAG K . -35.40 26.52 -25.85
N2 NAG K . -33.25 26.97 -24.87
O3 NAG K . -32.72 29.43 -23.50
O4 NAG K . -30.63 31.07 -24.60
O5 NAG K . -29.72 27.73 -25.81
O6 NAG K . -27.72 29.31 -24.44
O7 NAG K . -33.72 27.87 -26.88
C1 NAG K . -29.78 31.80 -23.60
C2 NAG K . -29.96 33.28 -23.93
C3 NAG K . -29.47 34.14 -22.78
C4 NAG K . -30.13 33.72 -21.48
C5 NAG K . -29.96 32.22 -21.25
C6 NAG K . -30.70 31.71 -20.04
C7 NAG K . -27.98 33.45 -25.38
C8 NAG K . -27.47 33.87 -26.72
N2 NAG K . -29.28 33.63 -25.17
O3 NAG K . -29.75 35.50 -23.05
O4 NAG K . -29.55 34.43 -20.38
O5 NAG K . -30.45 31.49 -22.38
O6 NAG K . -32.08 31.52 -20.34
O7 NAG K . -27.24 32.96 -24.53
C1 NAG L . 0.87 32.40 -8.53
C2 NAG L . 0.22 33.75 -8.82
C3 NAG L . 0.25 34.02 -10.32
C4 NAG L . 1.65 33.88 -10.89
C5 NAG L . 2.22 32.51 -10.50
C6 NAG L . 3.66 32.33 -10.92
C7 NAG L . -1.43 34.02 -7.03
C8 NAG L . -2.88 34.04 -6.68
N2 NAG L . -1.14 33.80 -8.31
O3 NAG L . -0.22 35.35 -10.56
O4 NAG L . 1.63 33.99 -12.30
O5 NAG L . 2.18 32.37 -9.07
O6 NAG L . 4.49 33.33 -10.36
O7 NAG L . -0.56 34.19 -6.18
C1 NAG L . 1.81 35.07 -13.21
C2 NAG L . 1.94 34.84 -14.72
C3 NAG L . 2.12 36.17 -15.44
C4 NAG L . 1.00 37.13 -15.06
C5 NAG L . 0.91 37.27 -13.55
C6 NAG L . -0.26 38.11 -13.10
C7 NAG L . 2.92 32.62 -15.10
C8 NAG L . 4.16 31.86 -15.43
N2 NAG L . 3.04 33.95 -15.02
O3 NAG L . 2.11 35.95 -16.84
O4 NAG L . 1.23 38.40 -15.64
O5 NAG L . 0.74 35.97 -12.95
O6 NAG L . -0.48 38.00 -11.70
O7 NAG L . 1.85 32.06 -14.92
C1 BMA L . 0.24 38.71 -16.61
C2 BMA L . 0.38 40.22 -16.71
C3 BMA L . -0.58 40.77 -17.77
C4 BMA L . -0.47 39.99 -19.08
C5 BMA L . -0.66 38.49 -18.80
C6 BMA L . -0.52 37.65 -20.06
O2 BMA L . 1.69 40.57 -17.12
O3 BMA L . -0.35 42.15 -18.01
O4 BMA L . -1.45 40.44 -20.00
O5 BMA L . 0.34 38.08 -17.87
O6 BMA L . 0.85 37.71 -20.47
C1 MAN L . -1.14 42.92 -17.11
C2 MAN L . -1.25 44.21 -17.95
C3 MAN L . 0.10 44.93 -18.00
C4 MAN L . 0.69 45.08 -16.59
C5 MAN L . 0.80 43.72 -15.93
C6 MAN L . 1.32 43.78 -14.51
O2 MAN L . -2.17 45.14 -17.37
O3 MAN L . -0.01 46.20 -18.63
O4 MAN L . 1.98 45.67 -16.68
O5 MAN L . -0.52 43.13 -15.87
O6 MAN L . 0.33 44.42 -13.71
C1 MAN L . 1.44 37.22 -21.67
C2 MAN L . 2.96 37.43 -21.75
C3 MAN L . 3.28 38.91 -21.99
C4 MAN L . 2.46 39.45 -23.17
C5 MAN L . 0.97 39.23 -22.91
C6 MAN L . 0.09 39.69 -24.04
O2 MAN L . 3.52 36.73 -22.87
O3 MAN L . 4.67 39.12 -22.21
O4 MAN L . 2.72 40.83 -23.33
O5 MAN L . 0.74 37.82 -22.73
O6 MAN L . -1.26 39.34 -23.74
C1 NAG M . -16.46 -4.75 -17.75
C2 NAG M . -16.50 -5.23 -19.20
C3 NAG M . -15.17 -4.96 -19.89
C4 NAG M . -14.78 -3.49 -19.74
C5 NAG M . -14.81 -3.09 -18.27
C6 NAG M . -14.56 -1.61 -18.06
C7 NAG M . -16.17 -7.62 -18.69
C8 NAG M . -16.69 -9.00 -18.90
N2 NAG M . -16.85 -6.64 -19.30
O3 NAG M . -15.28 -5.30 -21.27
O4 NAG M . -13.48 -3.28 -20.26
O5 NAG M . -16.10 -3.37 -17.71
O6 NAG M . -14.08 -1.35 -16.74
O7 NAG M . -15.18 -7.38 -17.99
C1 UND N . -3.12 24.19 35.76
C2 UND N . -2.27 23.94 37.01
C3 UND N . -2.83 24.75 38.18
C4 UND N . -1.99 24.48 39.43
C5 UND N . -2.35 25.50 40.50
C6 UND N . -1.60 25.21 41.79
C7 UND N . -1.79 26.37 42.76
C8 UND N . -1.05 26.07 44.07
C9 UND N . -1.17 27.28 45.00
C10 UND N . -0.79 26.90 46.44
C11 UND N . 0.67 26.48 46.53
C1 OCT O . 3.48 29.21 46.10
C2 OCT O . 4.00 28.96 44.69
C3 OCT O . 3.25 27.79 44.06
C4 OCT O . 3.81 27.51 42.66
C5 OCT O . 2.69 26.99 41.76
C6 OCT O . 3.24 26.76 40.35
C7 OCT O . 2.08 26.64 39.37
C8 OCT O . 2.63 26.45 37.95
C1 UND P . 11.26 27.70 36.44
C2 UND P . 12.09 27.85 37.72
C3 UND P . 11.16 28.02 38.91
C4 UND P . 12.00 28.22 40.18
C5 UND P . 11.10 28.70 41.32
C6 UND P . 11.96 28.97 42.55
C7 UND P . 11.24 29.93 43.51
C8 UND P . 11.87 31.32 43.42
C9 UND P . 11.25 32.25 44.47
C10 UND P . 11.60 33.69 44.15
C11 UND P . 11.14 34.59 45.31
C1 OCT Q . 6.84 29.21 34.49
C2 OCT Q . 6.71 30.24 35.60
C3 OCT Q . 6.62 29.55 36.96
C4 OCT Q . 6.37 30.58 38.06
C5 OCT Q . 6.88 30.04 39.39
C6 OCT Q . 6.61 31.07 40.49
C7 OCT Q . 7.37 30.66 41.76
C8 OCT Q . 7.10 31.69 42.85
C1 HEX R . -0.02 24.46 28.25
C2 HEX R . 0.34 23.02 27.90
C3 HEX R . 0.51 22.91 26.38
C4 HEX R . 0.88 21.48 26.00
C5 HEX R . 0.51 21.21 24.55
C6 HEX R . 0.74 19.73 24.24
N ABU S . -28.20 -9.48 -6.26
CD ABU S . -29.39 -9.71 -7.04
CB ABU S . -29.87 -8.38 -7.65
CG ABU S . -30.14 -7.39 -6.52
C ABU S . -31.00 -6.25 -7.06
O ABU S . -32.25 -6.28 -6.94
OXT ABU S . -30.45 -5.27 -7.62
C1 HEX T . 1.74 -16.87 33.02
C2 HEX T . 2.86 -16.83 34.08
C3 HEX T . 2.54 -15.78 35.13
C4 HEX T . 3.61 -15.78 36.20
C5 HEX T . 3.21 -14.83 37.33
C6 HEX T . 4.29 -14.85 38.41
ZN ZN U . 9.32 5.37 19.14
N HSM V . -4.65 -24.61 -15.98
CA HSM V . -5.46 -24.96 -14.82
CB HSM V . -6.73 -25.64 -15.28
CG HSM V . -7.55 -26.15 -14.10
ND1 HSM V . -8.63 -26.90 -14.17
CD2 HSM V . -7.31 -25.91 -12.78
CE1 HSM V . -9.06 -27.13 -12.93
NE2 HSM V . -8.24 -26.52 -12.07
C1 D10 W . 32.02 -5.48 32.16
C2 D10 W . 33.15 -4.47 32.34
C3 D10 W . 33.39 -4.21 33.83
C4 D10 W . 34.69 -3.42 34.01
C5 D10 W . 34.96 -3.21 35.49
C6 D10 W . 36.46 -2.98 35.71
C7 D10 W . 37.12 -4.28 36.12
C8 D10 W . 38.62 -4.07 36.31
C9 D10 W . 39.30 -5.41 36.63
C10 D10 W . 40.71 -5.17 37.14
N ABU X . 2.61 21.96 -25.52
CD ABU X . 1.98 20.88 -26.25
CB ABU X . 3.04 19.88 -26.70
CG ABU X . 3.69 20.37 -27.98
C ABU X . 4.86 19.46 -28.32
O ABU X . 5.79 19.87 -29.07
OXT ABU X . 4.91 18.31 -27.83
C1 NAG Y . -8.16 7.13 -23.95
C2 NAG Y . -8.62 5.69 -24.12
C3 NAG Y . -9.17 5.47 -25.52
C4 NAG Y . -10.26 6.50 -25.83
C5 NAG Y . -9.73 7.90 -25.58
C6 NAG Y . -10.79 8.97 -25.75
C7 NAG Y . -7.27 4.27 -22.63
C8 NAG Y . -6.10 3.33 -22.55
N2 NAG Y . -7.54 4.76 -23.86
O3 NAG Y . -9.70 4.16 -25.63
O4 NAG Y . -10.67 6.38 -27.19
O5 NAG Y . -9.25 8.02 -24.24
O6 NAG Y . -10.44 10.17 -25.08
O7 NAG Y . -7.93 4.57 -21.65
C1 HEX Z . 29.69 19.32 11.95
C2 HEX Z . 30.02 18.84 10.54
C3 HEX Z . 29.59 19.90 9.53
C4 HEX Z . 29.77 19.36 8.11
C5 HEX Z . 29.37 20.44 7.11
C6 HEX Z . 29.39 19.86 5.70
C1 HEX AA . 34.40 -4.79 27.80
C2 HEX AA . 35.56 -5.17 28.70
C3 HEX AA . 36.47 -3.96 28.90
C4 HEX AA . 37.36 -4.16 30.13
C5 HEX AA . 38.25 -2.94 30.31
C6 HEX AA . 38.92 -2.99 31.68
C1 D10 BA . 37.51 2.04 27.24
C2 D10 BA . 38.03 2.48 28.60
C3 D10 BA . 39.14 1.54 29.05
C4 D10 BA . 39.68 1.99 30.42
C5 D10 BA . 40.72 1.00 30.91
C6 D10 BA . 41.18 1.40 32.30
C7 D10 BA . 42.34 0.53 32.81
C8 D10 BA . 41.86 -0.92 33.00
C9 D10 BA . 42.89 -1.70 33.82
C10 D10 BA . 42.32 -3.07 34.15
C1 D10 CA . 39.55 4.95 23.37
C2 D10 CA . 39.89 4.25 24.68
C3 D10 CA . 40.96 5.02 25.44
C4 D10 CA . 41.06 4.48 26.86
C5 D10 CA . 42.23 5.11 27.60
C6 D10 CA . 42.35 4.47 28.98
C7 D10 CA . 43.63 4.93 29.68
C8 D10 CA . 43.88 4.01 30.88
C9 D10 CA . 45.16 4.43 31.59
C10 D10 CA . 45.56 3.34 32.58
#